data_7SC5
#
_entry.id   7SC5
#
loop_
_entity.id
_entity.type
_entity.pdbx_description
1 polymer 'Envelope glycoprotein gp120'
2 polymer 'Transmembrane protein gp41'
3 branched beta-D-mannopyranose-(1-4)-2-acetamido-2-deoxy-beta-D-glucopyranose-(1-4)-2-acetamido-2-deoxy-beta-D-glucopyranose
4 branched 2-acetamido-2-deoxy-beta-D-glucopyranose-(1-4)-2-acetamido-2-deoxy-beta-D-glucopyranose
5 non-polymer 2-acetamido-2-deoxy-beta-D-glucopyranose
#
loop_
_entity_poly.entity_id
_entity_poly.type
_entity_poly.pdbx_seq_one_letter_code
_entity_poly.pdbx_strand_id
1 'polypeptide(L)'
;AENLWVTVYYGVPVWKDAETTLFCASDARAYETEKHNVWATHACVPTDPNPQEIHLENVTEEFNMWKNNMVEQMHTDIIS
LWDQSLKPCVKLTPLCVTLQCTNVTNNITDDMRGELKNCSFNMTTELRDKKQKVYSLFYRLDVVQINENQGNRSNNSNKE
YRLINCNTSAITQACPKVSFEPIPIHYCAPAGFAILKCKDKKFNGTGPCPSVSTVQCTHGIKPVVSTQLLLNGSLAEEEV
MIRSENITNNAKNILVQFNTPVQINCTRPNNNTRKSIRIGPGQAFYATGDIIGDIRQAHCNVSKATWNETLGKVVKQLRK
HFGNNTIIRFANSSGGDLEVTTHSFNCGGEFFYCNTSGLFNSTWISNTSVQGSNSTGSNDSITLPCRIKQIINMWQRIGQ
AMYAPPIQGVIRCVSNITGLILTRDGGSTNSTTETFRPGGGDMRDNWRSELYKYKVVKIEPLGVAPTRCKRRVV
;
A,C,E
2 'polypeptide(L)'
;AVGIGAVFLGFLGAAGSTMGAASMTLTVQARNLLSGIVQQQSNLLRAPEAQQHLLKLTVWGIKQLQARVLAVERYLRDQQ
LLGIWGCSGKLICCTNVPWNSSWSNRNLSEIWDNMTWLQWEKEISNYTQLIYGLLEESQNQQEKNEQDLLALDKWASLWN
WFDISNWLWYIKIFIMIVGGLIGLRIVFTVLSIVNRVRQGYSPLSFQTHLPA
;
B,D,F
#
loop_
_chem_comp.id
_chem_comp.type
_chem_comp.name
_chem_comp.formula
BMA D-saccharide, beta linking beta-D-mannopyranose 'C6 H12 O6'
NAG D-saccharide, beta linking 2-acetamido-2-deoxy-beta-D-glucopyranose 'C8 H15 N O6'
#
# COMPACT_ATOMS: atom_id res chain seq x y z
N ALA A 1 -38.80 -24.87 36.62
CA ALA A 1 -38.07 -25.66 35.65
C ALA A 1 -36.66 -25.96 36.16
N GLU A 2 -35.94 -26.80 35.43
CA GLU A 2 -34.55 -27.08 35.77
C GLU A 2 -33.67 -25.89 35.42
N ASN A 3 -32.43 -25.93 35.92
CA ASN A 3 -31.44 -24.95 35.51
C ASN A 3 -31.10 -25.18 34.04
N LEU A 4 -31.24 -24.13 33.24
CA LEU A 4 -30.90 -24.25 31.84
C LEU A 4 -29.40 -24.13 31.68
N TRP A 5 -28.92 -24.25 30.45
CA TRP A 5 -27.50 -24.14 30.17
C TRP A 5 -27.30 -23.30 28.93
N VAL A 6 -26.35 -22.37 29.01
CA VAL A 6 -26.08 -21.46 27.91
C VAL A 6 -25.54 -22.21 26.71
N THR A 7 -26.00 -21.83 25.52
CA THR A 7 -25.63 -22.52 24.29
C THR A 7 -25.27 -21.45 23.29
N VAL A 8 -24.06 -21.51 22.78
CA VAL A 8 -23.63 -20.55 21.77
C VAL A 8 -24.30 -20.88 20.45
N TYR A 9 -24.46 -19.86 19.62
CA TYR A 9 -25.02 -20.03 18.28
C TYR A 9 -24.21 -19.17 17.34
N TYR A 10 -23.52 -19.81 16.42
CA TYR A 10 -22.59 -19.12 15.56
C TYR A 10 -23.23 -18.85 14.21
N GLY A 11 -23.48 -17.58 13.92
CA GLY A 11 -24.15 -17.18 12.70
C GLY A 11 -25.54 -16.65 12.96
N VAL A 12 -25.71 -15.99 14.10
CA VAL A 12 -27.04 -15.44 14.41
C VAL A 12 -27.29 -14.22 13.53
N PRO A 13 -28.46 -14.08 12.96
CA PRO A 13 -28.71 -12.95 12.05
C PRO A 13 -29.05 -11.66 12.79
N VAL A 14 -28.07 -11.10 13.48
CA VAL A 14 -28.21 -9.81 14.13
C VAL A 14 -27.25 -8.82 13.47
N TRP A 15 -27.47 -7.53 13.75
CA TRP A 15 -26.59 -6.53 13.18
C TRP A 15 -26.51 -5.33 14.11
N LYS A 16 -25.39 -4.61 14.01
CA LYS A 16 -25.25 -3.29 14.59
C LYS A 16 -24.89 -2.32 13.47
N ASP A 17 -25.29 -1.07 13.66
CA ASP A 17 -24.88 -0.02 12.73
C ASP A 17 -23.42 0.29 12.94
N ALA A 18 -22.65 0.32 11.86
CA ALA A 18 -21.23 0.56 11.94
C ALA A 18 -20.79 1.43 10.77
N GLU A 19 -19.50 1.68 10.70
CA GLU A 19 -18.91 2.50 9.64
C GLU A 19 -17.65 1.83 9.13
N THR A 20 -17.57 1.66 7.82
CA THR A 20 -16.40 1.08 7.20
C THR A 20 -16.32 1.56 5.76
N THR A 21 -15.22 1.20 5.10
CA THR A 21 -15.04 1.62 3.72
C THR A 21 -15.77 0.68 2.78
N LEU A 22 -16.21 1.24 1.66
CA LEU A 22 -16.83 0.46 0.60
C LEU A 22 -15.96 0.59 -0.65
N PHE A 23 -16.45 0.07 -1.77
CA PHE A 23 -15.67 0.16 -2.99
C PHE A 23 -16.59 0.18 -4.19
N CYS A 24 -16.12 0.84 -5.25
CA CYS A 24 -16.90 0.99 -6.45
C CYS A 24 -16.98 -0.32 -7.21
N ALA A 25 -17.96 -0.40 -8.09
CA ALA A 25 -18.13 -1.54 -8.97
C ALA A 25 -18.88 -1.07 -10.21
N SER A 26 -18.39 -1.44 -11.38
CA SER A 26 -18.99 -0.99 -12.62
C SER A 26 -18.81 -2.09 -13.65
N ASP A 27 -19.02 -1.76 -14.91
CA ASP A 27 -18.98 -2.73 -15.99
C ASP A 27 -18.03 -2.27 -17.08
N ALA A 28 -17.68 -3.17 -17.96
CA ALA A 28 -16.79 -2.89 -19.08
C ALA A 28 -17.60 -2.63 -20.34
N ARG A 29 -17.02 -1.81 -21.22
CA ARG A 29 -17.66 -1.42 -22.47
C ARG A 29 -16.62 -0.87 -23.45
N THR A 33 -12.77 -0.47 -24.76
CA THR A 33 -11.71 0.49 -24.45
C THR A 33 -12.27 1.86 -24.09
N GLU A 34 -11.36 2.83 -24.03
CA GLU A 34 -11.61 4.19 -23.54
C GLU A 34 -12.23 4.15 -22.16
N LYS A 35 -11.59 3.40 -21.27
CA LYS A 35 -11.90 3.42 -19.86
C LYS A 35 -11.12 4.48 -19.10
N HIS A 36 -10.67 5.52 -19.81
CA HIS A 36 -10.02 6.68 -19.22
C HIS A 36 -11.05 7.69 -18.75
N ASN A 37 -12.00 7.23 -17.97
CA ASN A 37 -13.00 8.11 -17.36
C ASN A 37 -12.53 8.47 -15.97
N VAL A 38 -12.77 9.73 -15.59
CA VAL A 38 -12.18 10.27 -14.37
C VAL A 38 -12.78 9.67 -13.10
N TRP A 39 -13.95 9.03 -13.20
CA TRP A 39 -14.50 8.30 -12.06
C TRP A 39 -14.40 6.80 -12.21
N ALA A 40 -14.19 6.28 -13.42
CA ALA A 40 -14.06 4.85 -13.59
C ALA A 40 -12.77 4.30 -13.04
N THR A 41 -11.75 5.16 -12.87
CA THR A 41 -10.34 4.85 -12.58
C THR A 41 -9.85 3.58 -13.27
N HIS A 42 -10.18 3.51 -14.56
CA HIS A 42 -9.95 2.35 -15.42
C HIS A 42 -10.55 1.10 -14.81
N ALA A 43 -11.85 1.18 -14.51
CA ALA A 43 -12.70 0.05 -14.13
C ALA A 43 -12.19 -0.63 -12.85
N CYS A 44 -12.38 0.09 -11.73
CA CYS A 44 -11.89 -0.29 -10.41
C CYS A 44 -12.24 -1.73 -10.04
N VAL A 45 -13.52 -2.04 -9.92
CA VAL A 45 -13.99 -3.41 -9.88
C VAL A 45 -14.94 -3.61 -11.06
N PRO A 46 -14.44 -4.13 -12.18
CA PRO A 46 -15.24 -4.19 -13.40
C PRO A 46 -16.20 -5.37 -13.48
N THR A 47 -16.47 -6.06 -12.37
CA THR A 47 -17.33 -7.23 -12.43
C THR A 47 -18.80 -6.82 -12.54
N ASP A 48 -19.32 -6.21 -11.48
CA ASP A 48 -20.74 -5.90 -11.25
C ASP A 48 -21.63 -7.09 -11.59
N PRO A 49 -21.65 -8.14 -10.77
CA PRO A 49 -22.45 -9.32 -11.10
C PRO A 49 -23.95 -9.14 -10.89
N ASN A 50 -24.70 -10.23 -10.99
CA ASN A 50 -26.15 -10.17 -10.92
C ASN A 50 -26.64 -9.72 -9.55
N PRO A 51 -27.60 -8.81 -9.47
CA PRO A 51 -27.97 -8.24 -8.17
C PRO A 51 -28.90 -9.10 -7.34
N GLN A 52 -28.34 -10.00 -6.55
CA GLN A 52 -29.14 -10.79 -5.61
C GLN A 52 -29.69 -9.89 -4.51
N GLU A 53 -31.01 -9.80 -4.42
CA GLU A 53 -31.68 -8.97 -3.44
C GLU A 53 -32.61 -9.84 -2.61
N ILE A 54 -32.58 -9.66 -1.29
CA ILE A 54 -33.31 -10.52 -0.36
C ILE A 54 -34.16 -9.64 0.54
N HIS A 55 -35.47 -9.91 0.57
CA HIS A 55 -36.36 -9.21 1.47
C HIS A 55 -36.38 -9.88 2.83
N LEU A 56 -36.84 -9.13 3.83
CA LEU A 56 -36.88 -9.64 5.19
C LEU A 56 -38.28 -9.63 5.79
N GLU A 57 -39.05 -8.56 5.53
CA GLU A 57 -40.50 -8.48 5.67
C GLU A 57 -41.03 -8.49 7.10
N ASN A 58 -40.17 -8.75 8.09
CA ASN A 58 -40.67 -8.89 9.44
C ASN A 58 -39.91 -7.98 10.39
N VAL A 59 -39.21 -7.00 9.82
CA VAL A 59 -38.38 -6.11 10.63
C VAL A 59 -38.66 -4.66 10.23
N THR A 60 -38.88 -3.82 11.23
CA THR A 60 -39.04 -2.39 11.01
C THR A 60 -37.75 -1.73 11.51
N GLU A 61 -36.77 -1.63 10.63
CA GLU A 61 -35.47 -1.09 10.97
C GLU A 61 -35.48 0.42 10.75
N GLU A 62 -34.91 1.15 11.71
CA GLU A 62 -34.80 2.59 11.57
C GLU A 62 -33.73 2.96 10.56
N PHE A 63 -33.87 4.16 10.01
CA PHE A 63 -32.95 4.70 9.04
C PHE A 63 -32.61 6.14 9.42
N ASN A 64 -31.65 6.71 8.69
CA ASN A 64 -31.34 8.11 8.77
C ASN A 64 -30.66 8.53 7.48
N MET A 65 -30.92 9.75 7.04
CA MET A 65 -30.22 10.30 5.90
C MET A 65 -29.36 11.49 6.26
N TRP A 66 -29.58 12.10 7.41
CA TRP A 66 -28.79 13.26 7.82
C TRP A 66 -27.64 12.88 8.72
N LYS A 67 -27.58 11.62 9.16
CA LYS A 67 -26.42 11.09 9.86
C LYS A 67 -25.75 9.99 9.07
N ASN A 68 -26.03 9.90 7.79
CA ASN A 68 -25.51 8.82 6.96
C ASN A 68 -24.02 9.02 6.73
N ASN A 69 -23.28 7.91 6.77
CA ASN A 69 -21.83 7.96 6.63
C ASN A 69 -21.38 7.78 5.19
N MET A 70 -22.20 7.12 4.35
CA MET A 70 -21.79 6.79 2.99
C MET A 70 -21.64 8.02 2.11
N VAL A 71 -22.33 9.12 2.44
CA VAL A 71 -22.23 10.30 1.62
C VAL A 71 -20.86 10.95 1.75
N GLU A 72 -20.23 10.87 2.92
CA GLU A 72 -18.89 11.40 3.06
C GLU A 72 -17.88 10.52 2.33
N GLN A 73 -18.08 9.21 2.39
CA GLN A 73 -17.23 8.31 1.62
C GLN A 73 -17.44 8.49 0.13
N MET A 74 -18.66 8.86 -0.27
CA MET A 74 -18.88 9.20 -1.66
C MET A 74 -18.22 10.53 -2.00
N HIS A 75 -18.31 11.49 -1.09
CA HIS A 75 -17.80 12.83 -1.38
C HIS A 75 -16.28 12.83 -1.42
N THR A 76 -15.64 12.15 -0.48
CA THR A 76 -14.19 12.19 -0.42
C THR A 76 -13.56 11.30 -1.49
N ASP A 77 -14.30 10.34 -2.03
CA ASP A 77 -13.75 9.58 -3.14
C ASP A 77 -13.84 10.35 -4.44
N ILE A 78 -14.81 11.24 -4.57
CA ILE A 78 -14.97 11.98 -5.82
C ILE A 78 -13.85 12.99 -5.97
N ILE A 79 -13.53 13.71 -4.90
CA ILE A 79 -12.42 14.66 -4.96
C ILE A 79 -11.09 13.95 -5.11
N SER A 80 -10.98 12.74 -4.58
CA SER A 80 -9.72 12.01 -4.74
C SER A 80 -9.62 11.41 -6.13
N LEU A 81 -10.75 11.02 -6.72
CA LEU A 81 -10.73 10.60 -8.11
C LEU A 81 -10.56 11.79 -9.03
N TRP A 82 -10.90 12.98 -8.56
CA TRP A 82 -10.72 14.18 -9.37
C TRP A 82 -9.25 14.51 -9.53
N ASP A 83 -8.54 14.65 -8.41
CA ASP A 83 -7.16 15.12 -8.47
C ASP A 83 -6.22 14.06 -9.01
N GLN A 84 -6.56 12.79 -8.80
CA GLN A 84 -5.76 11.72 -9.38
C GLN A 84 -5.87 11.73 -10.90
N SER A 85 -7.02 12.12 -11.42
CA SER A 85 -7.15 12.30 -12.86
C SER A 85 -6.43 13.55 -13.32
N LEU A 86 -6.45 14.60 -12.51
CA LEU A 86 -5.89 15.88 -12.93
C LEU A 86 -4.39 15.98 -12.72
N LYS A 87 -3.78 15.00 -12.02
CA LYS A 87 -2.35 15.07 -11.74
C LYS A 87 -1.45 15.00 -12.98
N PRO A 88 -1.49 13.98 -13.84
CA PRO A 88 -0.44 13.87 -14.85
C PRO A 88 -0.63 14.76 -16.07
N CYS A 89 -1.57 15.69 -16.07
CA CYS A 89 -1.81 16.52 -17.23
C CYS A 89 -0.84 17.71 -17.23
N VAL A 90 -1.06 18.64 -18.15
CA VAL A 90 -0.11 19.72 -18.41
C VAL A 90 -0.39 20.88 -17.46
N LYS A 91 0.67 21.39 -16.83
CA LYS A 91 0.54 22.63 -16.09
C LYS A 91 0.50 23.80 -17.05
N LEU A 92 -0.22 24.85 -16.65
CA LEU A 92 -0.31 26.05 -17.46
C LEU A 92 0.22 27.26 -16.71
N THR A 93 1.17 27.04 -15.84
CA THR A 93 1.86 28.15 -15.20
C THR A 93 2.63 29.10 -16.13
N PRO A 94 3.03 28.74 -17.40
CA PRO A 94 3.53 29.83 -18.25
C PRO A 94 2.44 30.69 -18.87
N LEU A 95 1.18 30.37 -18.64
CA LEU A 95 0.12 31.13 -19.28
C LEU A 95 -0.25 32.41 -18.54
N CYS A 96 0.02 32.50 -17.25
CA CYS A 96 -0.34 33.69 -16.49
C CYS A 96 0.61 34.82 -16.87
N VAL A 97 0.24 35.53 -17.94
CA VAL A 97 0.98 36.67 -18.45
C VAL A 97 0.00 37.80 -18.72
N THR A 98 0.54 38.93 -19.19
CA THR A 98 -0.30 40.04 -19.60
C THR A 98 -0.93 39.73 -20.95
N LEU A 99 -2.19 40.15 -21.10
CA LEU A 99 -2.97 39.84 -22.29
C LEU A 99 -3.45 41.13 -22.93
N GLN A 100 -3.10 41.31 -24.20
CA GLN A 100 -3.56 42.46 -24.97
C GLN A 100 -4.81 42.01 -25.73
N CYS A 101 -5.96 42.44 -25.23
CA CYS A 101 -7.24 41.92 -25.68
C CYS A 101 -8.04 42.98 -26.43
N THR A 102 -9.03 42.51 -27.17
CA THR A 102 -10.01 43.35 -27.84
C THR A 102 -11.27 42.53 -28.08
N ASN A 103 -12.34 43.19 -28.49
CA ASN A 103 -13.61 42.52 -28.64
C ASN A 103 -13.68 41.74 -29.96
N VAL A 104 -14.80 41.06 -30.16
CA VAL A 104 -15.08 40.33 -31.38
C VAL A 104 -16.21 41.05 -32.10
N THR A 105 -16.19 41.02 -33.44
CA THR A 105 -17.19 41.68 -34.26
C THR A 105 -17.57 40.77 -35.43
N ASN A 106 -18.55 39.89 -35.23
CA ASN A 106 -19.19 39.28 -36.38
C ASN A 106 -20.71 39.17 -36.28
N ASN A 107 -21.29 39.11 -35.09
CA ASN A 107 -22.69 38.72 -34.94
C ASN A 107 -23.33 39.58 -33.87
N ILE A 108 -24.49 39.09 -33.38
CA ILE A 108 -25.34 39.83 -32.46
C ILE A 108 -24.61 40.15 -31.15
N THR A 109 -25.03 41.23 -30.50
CA THR A 109 -24.59 41.54 -29.16
C THR A 109 -25.32 40.66 -28.15
N ASP A 110 -24.97 40.85 -26.88
CA ASP A 110 -25.56 40.16 -25.73
C ASP A 110 -25.37 38.64 -25.85
N ASP A 111 -24.11 38.23 -25.86
CA ASP A 111 -23.78 36.83 -25.98
C ASP A 111 -23.31 36.27 -24.63
N GLU A 115 -19.74 38.12 -23.38
CA GLU A 115 -19.28 37.76 -24.71
C GLU A 115 -17.81 37.40 -24.69
N LEU A 116 -17.12 37.59 -25.80
CA LEU A 116 -15.79 37.06 -25.98
C LEU A 116 -14.76 38.19 -26.12
N LYS A 117 -13.49 37.82 -25.95
CA LYS A 117 -12.36 38.80 -26.03
C LYS A 117 -11.24 38.22 -26.89
N ASN A 118 -10.77 39.00 -27.88
CA ASN A 118 -9.68 38.62 -28.81
C ASN A 118 -8.35 38.99 -28.15
N CYS A 119 -7.69 38.04 -27.47
CA CYS A 119 -6.44 38.32 -26.73
C CYS A 119 -5.21 37.69 -27.41
N SER A 120 -4.03 38.28 -27.20
CA SER A 120 -2.78 37.79 -27.75
C SER A 120 -1.66 38.05 -26.76
N PHE A 121 -0.63 37.22 -26.82
CA PHE A 121 0.41 37.25 -25.81
C PHE A 121 1.69 36.64 -26.37
N ASN A 122 2.79 36.93 -25.70
CA ASN A 122 4.10 36.39 -26.06
C ASN A 122 4.22 35.01 -25.44
N MET A 123 4.37 33.99 -26.29
CA MET A 123 4.19 32.61 -25.85
C MET A 123 4.91 31.66 -26.81
N THR A 124 4.56 30.37 -26.71
CA THR A 124 4.98 29.16 -27.43
C THR A 124 6.35 28.63 -27.07
N THR A 125 7.18 29.46 -26.40
CA THR A 125 8.27 29.10 -25.50
C THR A 125 9.10 27.87 -25.87
N GLU A 126 9.33 27.64 -27.17
CA GLU A 126 9.57 26.28 -27.65
C GLU A 126 10.98 25.80 -27.39
N LEU A 127 11.98 26.58 -27.77
CA LEU A 127 13.37 26.22 -27.58
C LEU A 127 14.00 27.04 -26.47
N ARG A 128 13.19 27.43 -25.48
CA ARG A 128 13.54 28.27 -24.33
C ARG A 128 14.01 29.67 -24.73
N ASP A 129 13.99 29.98 -26.02
CA ASP A 129 14.65 31.16 -26.56
C ASP A 129 13.80 31.96 -27.54
N LYS A 130 12.79 31.35 -28.14
CA LYS A 130 11.98 32.01 -29.15
C LYS A 130 10.55 32.08 -28.64
N LYS A 131 9.99 33.29 -28.62
CA LYS A 131 8.62 33.49 -28.19
C LYS A 131 7.81 34.03 -29.35
N GLN A 132 6.49 33.83 -29.30
CA GLN A 132 5.63 34.19 -30.41
C GLN A 132 4.39 34.91 -29.93
N LYS A 133 3.87 35.79 -30.77
CA LYS A 133 2.59 36.45 -30.55
C LYS A 133 1.49 35.50 -31.04
N VAL A 134 0.62 35.08 -30.13
CA VAL A 134 -0.25 33.93 -30.36
C VAL A 134 -1.69 34.38 -30.37
N TYR A 135 -2.44 33.92 -31.37
CA TYR A 135 -3.89 34.09 -31.36
C TYR A 135 -4.53 33.34 -30.21
N SER A 136 -5.53 33.96 -29.60
CA SER A 136 -6.35 33.29 -28.62
C SER A 136 -7.69 33.99 -28.55
N LEU A 137 -8.69 33.28 -28.05
CA LEU A 137 -10.06 33.78 -27.99
C LEU A 137 -10.66 33.31 -26.67
N PHE A 138 -10.73 34.21 -25.71
CA PHE A 138 -11.24 33.87 -24.39
C PHE A 138 -12.63 34.44 -24.20
N TYR A 139 -13.30 33.95 -23.16
CA TYR A 139 -14.62 34.42 -22.81
C TYR A 139 -14.50 35.66 -21.94
N ARG A 140 -15.61 36.14 -21.43
CA ARG A 140 -15.58 36.97 -20.25
C ARG A 140 -15.66 36.05 -19.04
N LEU A 141 -15.71 36.64 -17.85
CA LEU A 141 -15.80 35.95 -16.56
C LEU A 141 -14.57 35.09 -16.26
N ASP A 142 -13.48 35.31 -16.97
CA ASP A 142 -12.22 34.65 -16.67
C ASP A 142 -11.02 35.55 -16.89
N VAL A 143 -11.23 36.82 -17.23
CA VAL A 143 -10.15 37.77 -17.42
C VAL A 143 -10.49 39.04 -16.67
N VAL A 144 -9.45 39.74 -16.20
CA VAL A 144 -9.61 41.00 -15.50
C VAL A 144 -8.59 41.98 -16.04
N GLN A 145 -8.89 43.27 -15.88
CA GLN A 145 -8.03 44.33 -16.34
C GLN A 145 -6.87 44.55 -15.37
N ILE A 146 -6.12 45.62 -15.57
CA ILE A 146 -5.00 45.91 -14.71
C ILE A 146 -5.25 47.20 -13.92
N GLU A 160 -3.46 44.40 -21.62
CA GLU A 160 -4.43 45.08 -20.79
C GLU A 160 -5.06 44.14 -19.78
N TYR A 161 -4.86 42.84 -19.97
CA TYR A 161 -5.64 41.85 -19.23
C TYR A 161 -4.74 40.77 -18.65
N ARG A 162 -5.30 40.05 -17.69
CA ARG A 162 -4.70 38.85 -17.15
C ARG A 162 -5.82 37.88 -16.79
N LEU A 163 -5.46 36.63 -16.57
CA LEU A 163 -6.44 35.65 -16.14
C LEU A 163 -6.85 35.90 -14.71
N ILE A 164 -8.04 35.43 -14.35
CA ILE A 164 -8.58 35.71 -13.02
C ILE A 164 -7.86 34.95 -11.93
N ASN A 165 -7.25 33.82 -12.26
CA ASN A 165 -6.74 32.93 -11.25
C ASN A 165 -5.27 33.14 -10.95
N CYS A 166 -4.65 34.19 -11.49
CA CYS A 166 -3.23 34.35 -11.25
C CYS A 166 -2.91 34.99 -9.92
N ASN A 167 -3.91 35.52 -9.21
CA ASN A 167 -3.65 35.93 -7.84
C ASN A 167 -3.86 34.78 -6.87
N THR A 168 -4.64 33.78 -7.25
CA THR A 168 -4.61 32.49 -6.58
C THR A 168 -3.67 31.56 -7.35
N SER A 169 -3.78 30.25 -7.11
CA SER A 169 -2.76 29.31 -7.54
C SER A 169 -2.88 28.83 -8.98
N ALA A 170 -2.18 27.73 -9.29
CA ALA A 170 -1.88 27.29 -10.64
C ALA A 170 -3.10 26.79 -11.38
N ILE A 171 -2.94 26.63 -12.69
CA ILE A 171 -4.05 26.54 -13.63
C ILE A 171 -3.86 25.37 -14.60
N THR A 172 -3.34 24.25 -14.10
CA THR A 172 -3.13 23.04 -14.92
C THR A 172 -4.40 22.58 -15.63
N GLN A 173 -4.24 22.20 -16.89
CA GLN A 173 -5.40 21.97 -17.74
C GLN A 173 -5.80 20.51 -17.70
N ALA A 174 -6.94 20.22 -18.29
CA ALA A 174 -7.43 18.86 -18.39
C ALA A 174 -6.78 18.14 -19.54
N CYS A 175 -6.56 16.85 -19.36
CA CYS A 175 -6.16 16.02 -20.48
C CYS A 175 -7.35 15.85 -21.40
N PRO A 176 -7.19 16.05 -22.71
CA PRO A 176 -8.35 16.01 -23.60
C PRO A 176 -8.87 14.61 -23.86
N LYS A 177 -8.05 13.58 -23.65
CA LYS A 177 -8.49 12.22 -23.94
C LYS A 177 -9.49 11.69 -22.92
N VAL A 178 -9.53 12.24 -21.71
CA VAL A 178 -10.47 11.73 -20.72
C VAL A 178 -11.82 12.37 -20.99
N SER A 179 -12.85 11.83 -20.37
CA SER A 179 -14.21 12.30 -20.59
C SER A 179 -14.78 12.84 -19.27
N PHE A 180 -16.05 13.21 -19.33
CA PHE A 180 -16.73 13.66 -18.12
C PHE A 180 -18.15 13.12 -18.03
N GLU A 181 -18.45 12.03 -18.71
CA GLU A 181 -19.78 11.44 -18.59
C GLU A 181 -19.85 10.62 -17.31
N PRO A 182 -20.72 10.97 -16.38
CA PRO A 182 -20.81 10.25 -15.10
C PRO A 182 -21.47 8.89 -15.26
N ILE A 183 -20.65 7.91 -15.63
CA ILE A 183 -21.14 6.53 -15.75
C ILE A 183 -21.52 6.02 -14.37
N PRO A 184 -22.59 5.25 -14.23
CA PRO A 184 -23.05 4.88 -12.89
C PRO A 184 -22.16 3.83 -12.25
N ILE A 185 -22.00 3.93 -10.93
CA ILE A 185 -21.18 3.03 -10.18
C ILE A 185 -22.05 2.32 -9.14
N HIS A 186 -21.46 1.31 -8.51
CA HIS A 186 -22.14 0.53 -7.49
C HIS A 186 -21.23 0.41 -6.28
N TYR A 187 -21.71 0.83 -5.12
CA TYR A 187 -21.00 0.62 -3.87
C TYR A 187 -21.34 -0.76 -3.35
N CYS A 188 -20.35 -1.63 -3.27
CA CYS A 188 -20.53 -2.97 -2.75
C CYS A 188 -19.92 -3.05 -1.36
N ALA A 189 -20.64 -3.69 -0.47
CA ALA A 189 -20.18 -3.85 0.90
C ALA A 189 -19.04 -4.86 0.95
N PRO A 190 -18.12 -4.69 1.89
CA PRO A 190 -17.11 -5.73 2.10
C PRO A 190 -17.69 -6.88 2.89
N ALA A 191 -16.85 -7.88 3.17
CA ALA A 191 -17.31 -9.04 3.91
C ALA A 191 -17.61 -8.67 5.36
N GLY A 192 -18.54 -9.40 5.95
CA GLY A 192 -18.93 -9.08 7.31
C GLY A 192 -19.79 -7.85 7.43
N PHE A 193 -20.28 -7.31 6.34
CA PHE A 193 -21.14 -6.14 6.37
C PHE A 193 -22.32 -6.38 5.44
N ALA A 194 -23.34 -5.56 5.58
CA ALA A 194 -24.51 -5.71 4.73
C ALA A 194 -25.11 -4.36 4.46
N ILE A 195 -25.78 -4.25 3.32
CA ILE A 195 -26.40 -3.01 2.89
C ILE A 195 -27.89 -3.18 2.99
N LEU A 196 -28.50 -2.46 3.93
CA LEU A 196 -29.94 -2.44 3.99
C LEU A 196 -30.50 -1.50 2.95
N LYS A 197 -31.80 -1.64 2.68
CA LYS A 197 -32.43 -0.81 1.66
C LYS A 197 -33.91 -0.72 1.99
N CYS A 198 -34.38 0.48 2.30
CA CYS A 198 -35.79 0.67 2.63
C CYS A 198 -36.63 0.70 1.37
N LYS A 199 -37.65 -0.15 1.33
CA LYS A 199 -38.54 -0.23 0.19
C LYS A 199 -39.83 0.55 0.38
N ASP A 200 -40.00 1.21 1.52
CA ASP A 200 -41.22 1.96 1.79
C ASP A 200 -41.26 3.19 0.90
N LYS A 201 -42.26 3.26 0.03
CA LYS A 201 -42.33 4.30 -0.98
C LYS A 201 -42.77 5.65 -0.45
N LYS A 202 -42.97 5.80 0.85
CA LYS A 202 -43.32 7.08 1.43
C LYS A 202 -42.44 7.39 2.63
N PHE A 203 -41.28 6.72 2.70
CA PHE A 203 -40.30 7.04 3.72
C PHE A 203 -39.70 8.41 3.43
N ASN A 204 -39.91 9.36 4.34
CA ASN A 204 -39.58 10.71 3.95
C ASN A 204 -38.09 11.00 4.06
N GLY A 205 -37.54 11.11 5.27
CA GLY A 205 -36.11 11.24 5.42
C GLY A 205 -35.45 10.38 6.46
N THR A 206 -36.18 10.07 7.53
CA THR A 206 -35.58 9.58 8.76
C THR A 206 -36.66 8.97 9.64
N GLY A 207 -36.44 7.72 10.05
CA GLY A 207 -37.36 7.05 10.93
C GLY A 207 -37.37 5.56 10.71
N PRO A 208 -38.35 4.87 11.31
CA PRO A 208 -38.42 3.41 11.15
C PRO A 208 -39.06 3.01 9.83
N CYS A 209 -38.29 2.37 8.97
CA CYS A 209 -38.84 1.90 7.71
C CYS A 209 -39.46 0.53 7.90
N PRO A 210 -40.71 0.33 7.51
CA PRO A 210 -41.37 -0.95 7.78
C PRO A 210 -40.96 -2.06 6.85
N SER A 211 -40.66 -1.74 5.59
CA SER A 211 -40.35 -2.74 4.58
C SER A 211 -38.93 -2.49 4.09
N VAL A 212 -37.98 -3.29 4.56
CA VAL A 212 -36.59 -3.15 4.21
C VAL A 212 -36.14 -4.39 3.45
N SER A 213 -34.99 -4.29 2.81
CA SER A 213 -34.39 -5.41 2.10
C SER A 213 -32.89 -5.25 2.07
N THR A 214 -32.21 -6.35 1.76
CA THR A 214 -30.75 -6.41 1.82
C THR A 214 -30.21 -6.62 0.42
N VAL A 215 -29.19 -5.84 0.07
CA VAL A 215 -28.45 -6.03 -1.17
C VAL A 215 -26.97 -6.11 -0.83
N GLN A 216 -26.21 -6.68 -1.75
CA GLN A 216 -24.76 -6.69 -1.63
C GLN A 216 -24.13 -5.47 -2.25
N CYS A 217 -24.73 -4.93 -3.31
CA CYS A 217 -24.25 -3.74 -3.98
C CYS A 217 -25.42 -2.81 -4.21
N THR A 218 -25.12 -1.52 -4.30
CA THR A 218 -26.15 -0.55 -4.62
C THR A 218 -26.49 -0.62 -6.10
N HIS A 219 -27.48 0.17 -6.50
CA HIS A 219 -27.84 0.25 -7.91
C HIS A 219 -26.88 1.19 -8.62
N GLY A 220 -27.15 1.46 -9.89
CA GLY A 220 -26.29 2.35 -10.65
C GLY A 220 -26.49 3.77 -10.21
N ILE A 221 -25.43 4.41 -9.73
CA ILE A 221 -25.49 5.78 -9.22
C ILE A 221 -24.61 6.64 -10.11
N LYS A 222 -25.23 7.49 -10.91
CA LYS A 222 -24.47 8.41 -11.74
C LYS A 222 -23.92 9.53 -10.87
N PRO A 223 -22.61 9.71 -10.80
CA PRO A 223 -22.06 10.81 -9.98
C PRO A 223 -22.04 12.13 -10.73
N VAL A 224 -23.22 12.66 -11.01
CA VAL A 224 -23.31 13.97 -11.64
C VAL A 224 -23.01 15.06 -10.62
N VAL A 225 -22.76 16.25 -11.12
CA VAL A 225 -22.52 17.42 -10.29
C VAL A 225 -23.33 18.58 -10.85
N SER A 226 -24.27 19.08 -10.04
CA SER A 226 -25.09 20.20 -10.47
C SER A 226 -25.56 20.95 -9.25
N THR A 227 -25.42 22.26 -9.29
CA THR A 227 -26.06 23.09 -8.28
C THR A 227 -27.51 23.33 -8.67
N GLN A 228 -28.37 23.42 -7.65
CA GLN A 228 -29.70 24.03 -7.70
C GLN A 228 -30.74 23.18 -8.46
N LEU A 229 -30.29 22.16 -9.18
CA LEU A 229 -31.19 21.32 -9.97
C LEU A 229 -30.46 20.01 -10.22
N LEU A 230 -30.85 18.96 -9.52
CA LEU A 230 -30.15 17.69 -9.65
C LEU A 230 -30.72 16.87 -10.80
N LEU A 231 -29.83 16.36 -11.64
CA LEU A 231 -30.20 15.81 -12.94
C LEU A 231 -29.90 14.32 -12.97
N ASN A 232 -30.79 13.59 -13.66
CA ASN A 232 -30.78 12.17 -14.02
C ASN A 232 -31.05 11.24 -12.84
N GLY A 233 -30.90 11.74 -11.62
CA GLY A 233 -31.54 11.30 -10.39
C GLY A 233 -31.79 9.85 -10.02
N SER A 234 -32.79 9.70 -9.16
CA SER A 234 -33.49 8.45 -8.91
C SER A 234 -34.92 8.82 -8.57
N LEU A 235 -35.81 8.77 -9.55
CA LEU A 235 -37.11 9.41 -9.42
C LEU A 235 -38.01 8.62 -8.48
N ALA A 236 -38.74 9.34 -7.65
CA ALA A 236 -39.57 8.73 -6.62
C ALA A 236 -40.90 8.28 -7.22
N GLU A 237 -41.84 7.93 -6.37
CA GLU A 237 -43.18 7.66 -6.82
C GLU A 237 -43.99 8.95 -6.88
N GLU A 238 -45.28 8.83 -7.19
CA GLU A 238 -46.05 9.95 -7.69
C GLU A 238 -46.31 11.00 -6.63
N GLU A 239 -46.21 10.64 -5.36
CA GLU A 239 -46.10 11.61 -4.29
C GLU A 239 -44.68 12.17 -4.35
N VAL A 240 -44.54 13.40 -4.84
CA VAL A 240 -43.21 13.98 -4.95
C VAL A 240 -42.75 14.41 -3.56
N MET A 241 -41.68 13.79 -3.09
CA MET A 241 -41.36 13.82 -1.67
C MET A 241 -40.63 15.11 -1.30
N ILE A 242 -40.77 15.48 -0.03
CA ILE A 242 -40.10 16.64 0.53
C ILE A 242 -39.14 16.14 1.60
N ARG A 243 -37.88 16.55 1.51
CA ARG A 243 -36.85 16.04 2.39
C ARG A 243 -36.14 17.20 3.07
N SER A 244 -36.08 17.15 4.39
CA SER A 244 -35.35 18.15 5.15
C SER A 244 -34.90 17.51 6.45
N GLU A 245 -33.98 18.19 7.12
CA GLU A 245 -33.55 17.73 8.42
C GLU A 245 -34.64 18.06 9.43
N ASN A 246 -35.09 19.30 9.43
CA ASN A 246 -36.30 19.70 10.15
C ASN A 246 -36.86 20.93 9.45
N ILE A 247 -38.19 21.00 9.37
CA ILE A 247 -38.86 22.08 8.65
C ILE A 247 -38.76 23.34 9.50
N THR A 248 -38.66 23.16 10.81
CA THR A 248 -38.68 24.24 11.79
C THR A 248 -37.55 25.24 11.61
N ASN A 249 -36.32 24.77 11.43
CA ASN A 249 -35.21 25.67 11.24
C ASN A 249 -35.18 26.17 9.79
N ASN A 250 -35.11 27.48 9.62
CA ASN A 250 -35.05 28.05 8.28
C ASN A 250 -33.69 27.87 7.64
N ALA A 251 -32.65 27.62 8.43
CA ALA A 251 -31.30 27.47 7.90
C ALA A 251 -30.98 26.01 7.59
N LYS A 252 -31.89 25.35 6.85
CA LYS A 252 -31.70 23.98 6.42
C LYS A 252 -32.18 23.88 4.99
N ASN A 253 -31.36 23.29 4.13
CA ASN A 253 -31.78 23.10 2.74
C ASN A 253 -32.86 22.03 2.67
N ILE A 254 -33.74 22.18 1.68
CA ILE A 254 -34.86 21.28 1.51
C ILE A 254 -34.70 20.57 0.18
N LEU A 255 -34.60 19.24 0.24
CA LEU A 255 -34.54 18.44 -0.97
C LEU A 255 -35.95 18.10 -1.40
N VAL A 256 -36.14 17.97 -2.70
CA VAL A 256 -37.40 17.54 -3.27
C VAL A 256 -37.09 16.57 -4.40
N GLN A 257 -37.85 15.49 -4.47
CA GLN A 257 -37.65 14.44 -5.45
C GLN A 257 -38.84 14.38 -6.38
N PHE A 258 -38.60 14.15 -7.66
CA PHE A 258 -39.68 14.15 -8.63
C PHE A 258 -40.24 12.75 -8.84
N ASN A 259 -41.23 12.69 -9.72
CA ASN A 259 -41.70 11.45 -10.29
C ASN A 259 -41.87 11.54 -11.79
N THR A 260 -41.54 12.68 -12.40
CA THR A 260 -41.80 12.91 -13.80
C THR A 260 -40.51 13.40 -14.47
N PRO A 261 -40.04 12.71 -15.48
CA PRO A 261 -38.80 13.12 -16.14
C PRO A 261 -38.98 14.32 -17.05
N VAL A 262 -38.96 15.52 -16.47
CA VAL A 262 -39.06 16.74 -17.25
C VAL A 262 -37.77 16.93 -18.02
N GLN A 263 -37.87 17.37 -19.27
CA GLN A 263 -36.70 17.44 -20.14
C GLN A 263 -36.09 18.82 -20.14
N ILE A 264 -34.77 18.87 -20.31
CA ILE A 264 -34.05 20.12 -20.55
C ILE A 264 -33.24 20.01 -21.83
N ASN A 265 -33.79 20.52 -22.94
CA ASN A 265 -33.04 20.54 -24.17
C ASN A 265 -31.99 21.64 -24.13
N CYS A 266 -30.78 21.34 -23.62
CA CYS A 266 -29.69 22.30 -23.63
C CYS A 266 -28.87 22.19 -24.90
N THR A 267 -28.31 23.33 -25.31
CA THR A 267 -27.37 23.35 -26.41
C THR A 267 -26.48 24.57 -26.31
N ARG A 268 -25.39 24.53 -27.06
CA ARG A 268 -24.51 25.65 -27.30
C ARG A 268 -24.41 25.86 -28.80
N PRO A 269 -24.63 27.07 -29.31
CA PRO A 269 -24.86 27.24 -30.75
C PRO A 269 -23.62 27.09 -31.62
N ASN A 270 -22.47 27.58 -31.20
CA ASN A 270 -21.39 27.85 -32.13
C ASN A 270 -20.60 26.59 -32.46
N ASN A 271 -19.64 26.74 -33.37
CA ASN A 271 -18.94 25.57 -33.91
C ASN A 271 -17.57 25.36 -33.27
N ASN A 272 -16.96 26.43 -32.74
CA ASN A 272 -15.88 26.35 -31.76
C ASN A 272 -14.62 25.61 -32.20
N THR A 273 -13.89 26.16 -33.16
CA THR A 273 -12.68 25.55 -33.69
C THR A 273 -11.57 25.54 -32.65
N ARG A 274 -10.86 24.42 -32.56
CA ARG A 274 -9.71 24.28 -31.68
C ARG A 274 -8.44 24.78 -32.37
N LYS A 275 -7.45 25.14 -31.56
CA LYS A 275 -6.16 25.58 -32.10
C LYS A 275 -5.08 25.05 -31.16
N SER A 276 -4.19 24.21 -31.68
CA SER A 276 -3.19 23.56 -30.87
C SER A 276 -1.91 24.40 -30.81
N ILE A 277 -1.36 24.54 -29.61
CA ILE A 277 -0.18 25.37 -29.37
C ILE A 277 0.91 24.51 -28.76
N ARG A 278 2.12 24.64 -29.28
CA ARG A 278 3.29 23.95 -28.72
C ARG A 278 3.88 24.82 -27.61
N ILE A 279 4.11 24.23 -26.44
CA ILE A 279 4.66 24.96 -25.30
C ILE A 279 5.87 24.19 -24.80
N GLY A 280 7.07 24.71 -25.08
CA GLY A 280 8.29 24.16 -24.57
C GLY A 280 8.62 22.80 -25.13
N PRO A 281 8.77 21.81 -24.26
CA PRO A 281 8.85 20.41 -24.70
C PRO A 281 7.48 19.89 -25.11
N GLY A 282 7.34 18.58 -25.29
CA GLY A 282 6.13 18.03 -25.86
C GLY A 282 4.90 18.15 -24.99
N GLN A 283 4.45 19.39 -24.83
CA GLN A 283 3.28 19.76 -24.05
C GLN A 283 2.41 20.63 -24.96
N ALA A 284 1.47 19.99 -25.65
CA ALA A 284 0.57 20.74 -26.48
C ALA A 284 -0.43 21.51 -25.63
N PHE A 285 -0.92 22.61 -26.17
CA PHE A 285 -1.92 23.42 -25.50
C PHE A 285 -3.02 23.75 -26.49
N TYR A 286 -4.26 23.62 -26.07
CA TYR A 286 -5.41 23.81 -26.94
C TYR A 286 -6.12 25.10 -26.58
N ALA A 287 -6.20 26.00 -27.54
CA ALA A 287 -6.90 27.27 -27.38
C ALA A 287 -7.98 27.36 -28.43
N THR A 288 -8.97 28.21 -28.16
CA THR A 288 -10.09 28.38 -29.07
C THR A 288 -9.66 29.15 -30.30
N GLY A 289 -9.72 28.53 -31.46
CA GLY A 289 -9.48 29.23 -32.70
C GLY A 289 -10.65 30.11 -33.08
N ASP A 290 -10.48 30.81 -34.20
CA ASP A 290 -11.57 31.65 -34.70
C ASP A 290 -12.69 30.77 -35.25
N ILE A 291 -13.89 30.95 -34.69
CA ILE A 291 -15.04 30.10 -34.99
C ILE A 291 -15.60 30.42 -36.37
N ILE A 292 -16.54 29.59 -36.82
CA ILE A 292 -17.11 29.70 -38.16
C ILE A 292 -17.82 31.03 -38.35
N GLY A 293 -18.44 31.55 -37.29
CA GLY A 293 -18.93 32.91 -37.39
C GLY A 293 -20.41 33.12 -37.24
N ASP A 294 -21.05 32.34 -36.39
CA ASP A 294 -22.46 32.55 -36.04
C ASP A 294 -22.53 32.59 -34.51
N ILE A 295 -22.26 33.75 -33.95
CA ILE A 295 -22.14 33.90 -32.50
C ILE A 295 -23.55 34.13 -31.97
N ARG A 296 -24.10 33.09 -31.35
CA ARG A 296 -25.40 33.17 -30.71
C ARG A 296 -25.22 32.84 -29.23
N GLN A 297 -26.34 32.69 -28.54
CA GLN A 297 -26.33 32.49 -27.11
C GLN A 297 -26.57 31.03 -26.76
N ALA A 298 -25.90 30.56 -25.71
CA ALA A 298 -26.18 29.23 -25.18
C ALA A 298 -27.48 29.27 -24.37
N HIS A 299 -28.32 28.27 -24.56
CA HIS A 299 -29.66 28.30 -23.99
C HIS A 299 -30.19 26.89 -23.81
N CYS A 300 -31.21 26.77 -22.97
CA CYS A 300 -31.87 25.49 -22.72
C CYS A 300 -33.38 25.70 -22.74
N ASN A 301 -34.06 24.98 -23.62
CA ASN A 301 -35.51 25.13 -23.78
C ASN A 301 -36.24 24.21 -22.80
N VAL A 302 -37.20 24.77 -22.07
CA VAL A 302 -38.00 24.04 -21.09
C VAL A 302 -39.47 24.27 -21.41
N SER A 303 -40.25 23.20 -21.45
CA SER A 303 -41.68 23.33 -21.73
C SER A 303 -42.42 23.93 -20.54
N LYS A 304 -43.08 25.06 -20.77
CA LYS A 304 -43.73 25.81 -19.69
C LYS A 304 -44.92 25.08 -19.11
N ALA A 305 -45.58 24.24 -19.91
CA ALA A 305 -46.76 23.54 -19.44
C ALA A 305 -46.39 22.51 -18.39
N THR A 306 -45.45 21.62 -18.73
CA THR A 306 -45.06 20.55 -17.83
C THR A 306 -44.37 21.09 -16.59
N TRP A 307 -43.62 22.18 -16.75
CA TRP A 307 -43.01 22.83 -15.60
C TRP A 307 -44.06 23.42 -14.67
N ASN A 308 -45.17 23.89 -15.24
CA ASN A 308 -46.24 24.44 -14.40
C ASN A 308 -46.94 23.33 -13.63
N GLU A 309 -47.02 22.14 -14.22
CA GLU A 309 -47.77 21.07 -13.56
C GLU A 309 -46.96 20.45 -12.43
N THR A 310 -45.64 20.41 -12.59
CA THR A 310 -44.78 19.84 -11.56
C THR A 310 -44.75 20.72 -10.33
N LEU A 311 -44.78 22.03 -10.51
CA LEU A 311 -44.81 22.93 -9.36
C LEU A 311 -46.12 22.82 -8.61
N GLY A 312 -47.21 22.54 -9.31
CA GLY A 312 -48.49 22.36 -8.64
C GLY A 312 -48.51 21.13 -7.76
N LYS A 313 -47.86 20.05 -8.19
CA LYS A 313 -47.74 18.88 -7.35
C LYS A 313 -46.83 19.15 -6.17
N VAL A 314 -45.84 20.01 -6.37
CA VAL A 314 -44.89 20.33 -5.30
C VAL A 314 -45.59 21.16 -4.23
N VAL A 315 -46.35 22.18 -4.65
CA VAL A 315 -46.95 23.07 -3.68
C VAL A 315 -48.09 22.39 -2.94
N LYS A 316 -48.74 21.41 -3.56
CA LYS A 316 -49.85 20.75 -2.92
C LYS A 316 -49.37 19.82 -1.81
N GLN A 317 -48.18 19.27 -1.94
CA GLN A 317 -47.60 18.53 -0.83
C GLN A 317 -46.73 19.41 0.06
N LEU A 318 -46.39 20.61 -0.39
CA LEU A 318 -45.79 21.58 0.51
C LEU A 318 -46.80 22.07 1.53
N ARG A 319 -48.07 22.16 1.13
CA ARG A 319 -49.13 22.53 2.05
C ARG A 319 -49.44 21.44 3.07
N LYS A 320 -48.89 20.24 2.89
CA LYS A 320 -49.04 19.23 3.93
C LYS A 320 -48.23 19.59 5.17
N HIS A 321 -47.09 20.24 4.97
CA HIS A 321 -46.20 20.49 6.10
C HIS A 321 -46.65 21.68 6.93
N PHE A 322 -47.35 22.62 6.31
CA PHE A 322 -47.83 23.81 7.01
C PHE A 322 -48.97 24.41 6.21
N GLY A 323 -49.69 25.34 6.83
CA GLY A 323 -50.95 25.92 6.37
C GLY A 323 -51.08 26.29 4.91
N ASN A 324 -52.24 25.98 4.33
CA ASN A 324 -52.41 26.00 2.88
C ASN A 324 -52.57 27.41 2.33
N ASN A 325 -51.54 28.25 2.43
CA ASN A 325 -51.73 29.66 2.13
C ASN A 325 -50.44 30.28 1.63
N THR A 326 -50.56 31.05 0.54
CA THR A 326 -49.64 32.12 0.12
C THR A 326 -48.21 31.61 -0.11
N ILE A 327 -48.06 30.84 -1.17
CA ILE A 327 -46.76 30.32 -1.58
C ILE A 327 -46.21 31.21 -2.70
N ILE A 328 -45.01 31.74 -2.50
CA ILE A 328 -44.31 32.56 -3.48
C ILE A 328 -42.92 31.96 -3.66
N ARG A 329 -42.45 31.93 -4.91
CA ARG A 329 -41.10 31.51 -5.23
C ARG A 329 -40.32 32.68 -5.81
N PHE A 330 -39.00 32.66 -5.59
CA PHE A 330 -38.15 33.81 -5.89
C PHE A 330 -36.91 33.38 -6.65
N ALA A 331 -36.22 34.38 -7.21
CA ALA A 331 -34.86 34.19 -7.67
C ALA A 331 -33.93 34.10 -6.48
N ASN A 332 -32.67 33.72 -6.75
CA ASN A 332 -31.70 33.51 -5.64
C ASN A 332 -31.11 34.85 -5.17
N SER A 333 -31.98 35.72 -4.66
CA SER A 333 -31.62 37.05 -4.10
C SER A 333 -30.85 37.88 -5.15
N SER A 334 -29.75 38.51 -4.70
CA SER A 334 -28.88 39.32 -5.58
C SER A 334 -27.44 39.24 -5.05
N GLY A 335 -26.45 39.48 -5.91
CA GLY A 335 -25.04 39.42 -5.49
C GLY A 335 -24.55 37.98 -5.35
N GLY A 336 -23.43 37.78 -4.66
CA GLY A 336 -22.88 36.43 -4.45
C GLY A 336 -22.11 35.95 -5.67
N ASP A 337 -21.79 34.66 -5.73
CA ASP A 337 -21.06 34.10 -6.85
C ASP A 337 -22.01 33.51 -7.88
N LEU A 338 -21.43 32.81 -8.85
CA LEU A 338 -22.25 32.07 -9.79
C LEU A 338 -22.82 30.82 -9.15
N GLU A 339 -21.94 29.98 -8.61
CA GLU A 339 -22.25 28.61 -8.20
C GLU A 339 -23.27 28.50 -7.09
N VAL A 340 -23.60 29.60 -6.42
CA VAL A 340 -24.73 29.65 -5.49
C VAL A 340 -25.96 30.27 -6.11
N THR A 341 -25.86 30.85 -7.30
CA THR A 341 -26.96 31.57 -7.90
C THR A 341 -27.46 30.94 -9.18
N THR A 342 -26.57 30.52 -10.07
CA THR A 342 -26.98 29.90 -11.33
C THR A 342 -26.97 28.40 -11.21
N HIS A 343 -27.88 27.77 -11.93
CA HIS A 343 -27.85 26.33 -12.11
C HIS A 343 -26.66 25.97 -12.98
N SER A 344 -25.65 25.38 -12.38
CA SER A 344 -24.38 25.14 -13.03
C SER A 344 -24.15 23.65 -13.17
N PHE A 345 -23.51 23.28 -14.27
CA PHE A 345 -23.29 21.89 -14.64
C PHE A 345 -22.33 21.87 -15.81
N ASN A 346 -22.05 20.68 -16.32
CA ASN A 346 -21.32 20.52 -17.56
C ASN A 346 -22.16 19.70 -18.53
N CYS A 347 -21.91 19.92 -19.82
CA CYS A 347 -22.60 19.18 -20.87
C CYS A 347 -21.56 18.75 -21.88
N GLY A 348 -21.14 17.49 -21.81
CA GLY A 348 -20.13 16.97 -22.71
C GLY A 348 -18.78 17.59 -22.51
N GLY A 349 -18.39 17.85 -21.27
CA GLY A 349 -17.14 18.53 -21.02
C GLY A 349 -17.20 20.00 -21.41
N GLU A 350 -18.33 20.66 -21.13
CA GLU A 350 -18.46 22.09 -21.40
C GLU A 350 -19.40 22.65 -20.35
N PHE A 351 -18.94 23.63 -19.61
CA PHE A 351 -19.48 23.96 -18.31
C PHE A 351 -20.41 25.15 -18.40
N PHE A 352 -21.67 24.95 -18.07
CA PHE A 352 -22.71 25.93 -18.32
C PHE A 352 -23.11 26.64 -17.04
N TYR A 353 -23.57 27.88 -17.21
CA TYR A 353 -24.03 28.70 -16.10
C TYR A 353 -25.24 29.48 -16.60
N CYS A 354 -26.43 29.06 -16.17
CA CYS A 354 -27.67 29.56 -16.73
C CYS A 354 -28.41 30.40 -15.69
N ASN A 355 -28.73 31.64 -16.03
CA ASN A 355 -29.50 32.48 -15.12
C ASN A 355 -30.91 31.91 -15.08
N THR A 356 -31.17 31.04 -14.11
CA THR A 356 -32.49 30.45 -13.94
C THR A 356 -33.34 31.29 -12.98
N SER A 357 -33.37 32.58 -13.26
CA SER A 357 -34.36 33.45 -12.63
C SER A 357 -35.75 33.10 -13.10
N GLY A 358 -35.92 32.90 -14.40
CA GLY A 358 -37.22 32.71 -15.01
C GLY A 358 -37.86 31.36 -14.77
N LEU A 359 -37.95 30.95 -13.50
CA LEU A 359 -38.66 29.74 -13.13
C LEU A 359 -39.49 29.92 -11.88
N PHE A 360 -39.46 31.09 -11.26
CA PHE A 360 -39.97 31.25 -9.89
C PHE A 360 -40.82 32.51 -9.80
N ASN A 361 -42.10 32.38 -10.09
CA ASN A 361 -43.10 33.37 -9.72
C ASN A 361 -44.02 32.76 -8.66
N SER A 362 -44.92 33.59 -8.13
CA SER A 362 -45.82 33.14 -7.07
C SER A 362 -46.90 32.20 -7.60
N THR A 363 -46.77 30.91 -7.29
CA THR A 363 -47.81 29.94 -7.61
C THR A 363 -48.60 29.70 -6.33
N TRP A 364 -49.71 30.42 -6.20
CA TRP A 364 -50.68 30.11 -5.16
C TRP A 364 -52.07 30.47 -5.64
N ILE A 365 -53.05 29.63 -5.32
CA ILE A 365 -54.43 29.82 -5.72
C ILE A 365 -55.36 29.64 -4.53
N SER A 381 -42.83 26.92 -24.31
CA SER A 381 -41.40 26.71 -24.19
C SER A 381 -40.69 27.89 -23.53
N ILE A 382 -39.79 27.60 -22.59
CA ILE A 382 -39.02 28.62 -21.90
C ILE A 382 -37.55 28.41 -22.20
N THR A 383 -36.91 29.45 -22.71
CA THR A 383 -35.47 29.44 -22.86
C THR A 383 -34.82 30.00 -21.60
N LEU A 384 -33.53 29.76 -21.46
CA LEU A 384 -32.79 30.21 -20.29
C LEU A 384 -31.40 30.70 -20.70
N PRO A 385 -30.99 31.88 -20.24
CA PRO A 385 -29.72 32.46 -20.71
C PRO A 385 -28.53 31.78 -20.04
N CYS A 386 -27.77 31.02 -20.80
CA CYS A 386 -26.69 30.20 -20.27
C CYS A 386 -25.35 30.82 -20.64
N ARG A 387 -24.54 31.10 -19.63
CA ARG A 387 -23.18 31.57 -19.81
C ARG A 387 -22.22 30.40 -19.69
N ILE A 388 -20.99 30.62 -20.15
CA ILE A 388 -19.97 29.59 -20.18
C ILE A 388 -18.69 30.14 -19.57
N LYS A 389 -18.21 29.50 -18.51
CA LYS A 389 -16.84 29.68 -18.08
C LYS A 389 -15.98 28.61 -18.73
N GLN A 390 -14.69 28.92 -18.89
CA GLN A 390 -13.76 27.91 -19.34
C GLN A 390 -12.73 27.57 -18.28
N ILE A 391 -12.10 28.57 -17.68
CA ILE A 391 -11.31 28.34 -16.48
C ILE A 391 -12.28 28.12 -15.33
N ILE A 392 -12.16 26.98 -14.67
CA ILE A 392 -13.04 26.64 -13.57
C ILE A 392 -12.20 26.62 -12.31
N ASN A 393 -12.81 27.05 -11.21
CA ASN A 393 -12.24 26.79 -9.91
C ASN A 393 -12.32 25.30 -9.58
N MET A 394 -11.60 24.91 -8.54
CA MET A 394 -11.90 23.64 -7.90
C MET A 394 -13.35 23.64 -7.50
N TRP A 395 -14.09 22.64 -7.98
CA TRP A 395 -15.54 22.70 -8.00
C TRP A 395 -16.16 22.64 -6.60
N GLN A 396 -15.36 22.40 -5.57
CA GLN A 396 -15.78 22.76 -4.22
C GLN A 396 -14.86 23.78 -3.57
N ARG A 397 -13.56 23.62 -3.70
CA ARG A 397 -12.60 24.32 -2.86
C ARG A 397 -12.07 25.58 -3.49
N ILE A 398 -11.29 26.30 -2.70
CA ILE A 398 -10.47 27.42 -3.15
C ILE A 398 -9.04 26.91 -3.29
N GLY A 399 -8.28 27.48 -4.21
CA GLY A 399 -6.92 27.03 -4.39
C GLY A 399 -6.62 26.65 -5.81
N GLN A 400 -6.37 25.36 -6.04
CA GLN A 400 -6.02 24.90 -7.37
C GLN A 400 -7.23 24.96 -8.30
N ALA A 401 -6.95 25.10 -9.58
CA ALA A 401 -8.01 25.37 -10.54
C ALA A 401 -7.65 24.74 -11.87
N MET A 402 -8.63 24.19 -12.55
CA MET A 402 -8.42 23.49 -13.80
C MET A 402 -8.83 24.39 -14.96
N TYR A 403 -8.36 24.02 -16.13
CA TYR A 403 -8.69 24.73 -17.36
C TYR A 403 -9.32 23.74 -18.32
N ALA A 404 -10.55 24.01 -18.70
CA ALA A 404 -11.22 23.12 -19.64
C ALA A 404 -10.70 23.38 -21.04
N PRO A 405 -10.37 22.35 -21.80
CA PRO A 405 -10.08 22.54 -23.21
C PRO A 405 -11.37 22.78 -23.97
N PRO A 406 -11.31 23.42 -25.13
CA PRO A 406 -12.52 23.61 -25.93
C PRO A 406 -12.96 22.32 -26.60
N ILE A 407 -14.24 22.30 -26.96
CA ILE A 407 -14.84 21.18 -27.67
C ILE A 407 -15.17 21.64 -29.08
N GLN A 408 -14.76 20.84 -30.06
CA GLN A 408 -15.07 21.17 -31.44
C GLN A 408 -16.53 20.88 -31.74
N GLY A 409 -17.05 21.51 -32.79
CA GLY A 409 -18.39 21.23 -33.23
C GLY A 409 -19.45 21.98 -32.44
N VAL A 410 -20.68 21.49 -32.54
CA VAL A 410 -21.82 22.10 -31.88
C VAL A 410 -22.25 21.21 -30.72
N ILE A 411 -22.45 21.80 -29.55
CA ILE A 411 -22.74 21.07 -28.33
C ILE A 411 -24.24 21.10 -28.09
N ARG A 412 -24.84 19.93 -27.89
CA ARG A 412 -26.24 19.81 -27.54
C ARG A 412 -26.43 18.54 -26.73
N CYS A 413 -27.09 18.63 -25.57
CA CYS A 413 -27.38 17.47 -24.76
C CYS A 413 -28.65 17.71 -23.96
N VAL A 414 -29.32 16.61 -23.60
CA VAL A 414 -30.62 16.71 -22.96
C VAL A 414 -30.89 15.46 -22.13
N SER A 415 -31.29 15.65 -20.87
CA SER A 415 -31.89 14.60 -20.07
C SER A 415 -32.68 15.21 -18.92
N ASN A 416 -33.15 14.32 -18.06
CA ASN A 416 -34.22 14.61 -17.11
C ASN A 416 -33.74 15.40 -15.91
N ILE A 417 -34.67 16.04 -15.20
CA ILE A 417 -34.42 16.54 -13.85
C ILE A 417 -35.14 15.58 -12.91
N THR A 418 -34.77 15.62 -11.64
CA THR A 418 -35.35 14.78 -10.62
C THR A 418 -35.66 15.59 -9.36
N GLY A 419 -35.23 16.82 -9.27
CA GLY A 419 -35.66 17.68 -8.20
C GLY A 419 -34.73 18.86 -7.99
N LEU A 420 -35.03 19.60 -6.94
CA LEU A 420 -34.45 20.90 -6.65
C LEU A 420 -33.91 20.90 -5.24
N ILE A 421 -33.25 22.00 -4.88
CA ILE A 421 -32.82 22.26 -3.51
C ILE A 421 -33.37 23.63 -3.13
N LEU A 422 -34.28 23.66 -2.17
CA LEU A 422 -34.95 24.89 -1.81
C LEU A 422 -34.63 25.29 -0.38
N THR A 423 -34.87 26.56 -0.09
CA THR A 423 -34.67 27.12 1.23
C THR A 423 -35.91 27.88 1.64
N ARG A 424 -36.36 27.66 2.87
CA ARG A 424 -37.40 28.46 3.47
C ARG A 424 -36.75 29.69 4.10
N ASP A 425 -37.27 30.86 3.79
CA ASP A 425 -36.66 32.08 4.29
C ASP A 425 -37.12 32.40 5.70
N GLY A 426 -38.42 32.32 5.95
CA GLY A 426 -38.96 32.58 7.27
C GLY A 426 -38.98 34.05 7.60
N GLY A 427 -38.21 34.45 8.62
CA GLY A 427 -38.18 35.84 9.01
C GLY A 427 -39.44 36.23 9.75
N SER A 428 -39.93 37.44 9.47
CA SER A 428 -41.10 37.98 10.15
C SER A 428 -42.42 37.52 9.54
N THR A 429 -42.38 36.65 8.53
CA THR A 429 -43.60 36.13 7.95
C THR A 429 -44.23 35.13 8.91
N ASN A 430 -44.98 35.63 9.88
CA ASN A 430 -45.52 34.78 10.94
C ASN A 430 -46.64 33.87 10.45
N SER A 431 -47.42 34.31 9.46
CA SER A 431 -48.56 33.52 9.03
C SER A 431 -48.60 33.28 7.53
N THR A 432 -48.24 34.29 6.74
CA THR A 432 -48.52 34.24 5.32
C THR A 432 -47.27 34.53 4.50
N THR A 433 -47.48 34.75 3.19
CA THR A 433 -46.48 35.05 2.15
C THR A 433 -45.22 34.19 2.28
N GLU A 434 -45.41 32.89 2.13
CA GLU A 434 -44.30 31.96 2.29
C GLU A 434 -43.42 31.99 1.05
N THR A 435 -42.12 32.22 1.25
CA THR A 435 -41.17 32.51 0.20
C THR A 435 -40.13 31.42 0.11
N PHE A 436 -39.87 30.95 -1.10
CA PHE A 436 -38.85 29.94 -1.36
C PHE A 436 -37.91 30.42 -2.45
N ARG A 437 -36.63 30.11 -2.27
CA ARG A 437 -35.64 30.40 -3.28
C ARG A 437 -34.74 29.18 -3.47
N PRO A 438 -34.36 28.88 -4.69
CA PRO A 438 -33.62 27.63 -4.95
C PRO A 438 -32.17 27.67 -4.48
N GLY A 439 -31.96 27.47 -3.19
CA GLY A 439 -30.63 27.49 -2.63
C GLY A 439 -29.84 26.23 -2.92
N GLY A 440 -28.74 26.07 -2.19
CA GLY A 440 -27.95 24.87 -2.32
C GLY A 440 -26.59 25.10 -2.94
N GLY A 441 -25.54 25.00 -2.13
CA GLY A 441 -24.19 25.18 -2.61
C GLY A 441 -23.31 23.97 -2.37
N ASP A 442 -23.69 23.16 -1.38
CA ASP A 442 -22.93 21.96 -1.08
C ASP A 442 -23.14 20.90 -2.15
N MET A 443 -22.20 19.97 -2.23
CA MET A 443 -22.33 18.84 -3.14
C MET A 443 -22.84 17.59 -2.46
N ARG A 444 -22.72 17.50 -1.14
CA ARG A 444 -23.13 16.30 -0.42
C ARG A 444 -24.64 16.09 -0.49
N ASP A 445 -25.40 17.16 -0.67
CA ASP A 445 -26.84 17.03 -0.74
C ASP A 445 -27.30 16.41 -2.04
N ASN A 446 -26.45 16.40 -3.06
CA ASN A 446 -26.75 15.62 -4.27
C ASN A 446 -26.84 14.14 -3.93
N TRP A 447 -25.77 13.60 -3.36
CA TRP A 447 -25.73 12.19 -3.05
C TRP A 447 -26.52 11.84 -1.81
N ARG A 448 -26.92 12.83 -1.01
CA ARG A 448 -27.88 12.56 0.05
C ARG A 448 -29.24 12.22 -0.53
N SER A 449 -29.54 12.75 -1.71
CA SER A 449 -30.81 12.45 -2.37
C SER A 449 -30.84 11.08 -3.01
N GLU A 450 -29.75 10.34 -2.99
CA GLU A 450 -29.75 8.99 -3.54
C GLU A 450 -29.26 7.92 -2.57
N LEU A 451 -28.52 8.28 -1.53
CA LEU A 451 -28.13 7.31 -0.51
C LEU A 451 -29.06 7.36 0.69
N TYR A 452 -30.23 7.98 0.55
CA TYR A 452 -31.18 8.05 1.65
C TYR A 452 -31.78 6.68 1.96
N LYS A 453 -31.98 5.85 0.94
CA LYS A 453 -32.63 4.56 1.11
C LYS A 453 -31.62 3.43 1.24
N TYR A 454 -30.46 3.71 1.82
CA TYR A 454 -29.45 2.69 2.02
C TYR A 454 -28.85 2.88 3.40
N LYS A 455 -28.40 1.77 3.99
CA LYS A 455 -27.69 1.83 5.25
C LYS A 455 -26.79 0.62 5.35
N VAL A 456 -25.66 0.79 6.03
CA VAL A 456 -24.65 -0.24 6.18
C VAL A 456 -24.69 -0.73 7.63
N VAL A 457 -24.58 -2.04 7.81
CA VAL A 457 -24.59 -2.65 9.14
C VAL A 457 -23.49 -3.69 9.20
N LYS A 458 -22.84 -3.79 10.35
CA LYS A 458 -21.93 -4.89 10.58
C LYS A 458 -22.73 -6.13 10.96
N ILE A 459 -22.09 -7.28 10.88
CA ILE A 459 -22.75 -8.54 11.18
C ILE A 459 -22.07 -9.17 12.39
N GLU A 460 -22.85 -9.51 13.40
CA GLU A 460 -22.33 -10.09 14.63
C GLU A 460 -22.79 -11.53 14.75
N PRO A 461 -22.06 -12.49 14.20
CA PRO A 461 -22.55 -13.86 14.12
C PRO A 461 -22.47 -14.65 15.41
N LEU A 462 -22.21 -14.04 16.55
CA LEU A 462 -22.02 -14.78 17.79
C LEU A 462 -23.19 -14.48 18.73
N GLY A 463 -23.96 -15.51 19.04
CA GLY A 463 -25.10 -15.34 19.92
C GLY A 463 -25.22 -16.50 20.89
N VAL A 464 -25.77 -16.20 22.06
CA VAL A 464 -25.91 -17.18 23.13
C VAL A 464 -27.37 -17.26 23.55
N ALA A 465 -27.75 -18.43 24.05
CA ALA A 465 -29.11 -18.67 24.52
C ALA A 465 -29.09 -19.83 25.48
N PRO A 466 -29.94 -19.84 26.49
CA PRO A 466 -30.06 -21.03 27.35
C PRO A 466 -31.04 -22.04 26.80
N THR A 467 -30.65 -23.31 26.85
CA THR A 467 -31.50 -24.43 26.43
C THR A 467 -31.42 -25.53 27.48
N ARG A 468 -31.95 -26.69 27.11
CA ARG A 468 -31.99 -27.85 27.99
C ARG A 468 -30.86 -28.84 27.73
N CYS A 469 -29.91 -28.52 26.86
CA CYS A 469 -28.81 -29.42 26.61
C CYS A 469 -27.67 -29.15 27.57
N LYS A 470 -26.94 -30.20 27.92
CA LYS A 470 -25.74 -30.07 28.73
C LYS A 470 -24.71 -31.06 28.22
N ARG A 471 -23.44 -30.68 28.34
CA ARG A 471 -22.36 -31.52 27.84
C ARG A 471 -22.21 -32.78 28.68
N ARG A 472 -21.82 -33.86 28.02
CA ARG A 472 -21.56 -35.14 28.69
C ARG A 472 -20.09 -35.15 29.10
N VAL A 473 -19.83 -34.77 30.35
CA VAL A 473 -18.47 -34.64 30.85
C VAL A 473 -17.85 -36.02 31.04
N VAL A 474 -16.70 -36.23 30.41
CA VAL A 474 -15.97 -37.49 30.56
C VAL A 474 -14.97 -37.37 31.72
N PHE B 11 -29.54 -15.90 2.64
CA PHE B 11 -28.74 -14.98 3.42
C PHE B 11 -29.62 -14.00 4.13
N LEU B 12 -29.57 -14.03 5.47
CA LEU B 12 -30.33 -13.15 6.36
C LEU B 12 -31.83 -13.31 6.17
N GLY B 13 -32.27 -14.49 5.69
CA GLY B 13 -33.63 -14.64 5.20
C GLY B 13 -34.69 -14.65 6.28
N ALA B 14 -34.32 -14.90 7.53
CA ALA B 14 -35.26 -14.88 8.64
C ALA B 14 -34.68 -14.13 9.82
N ALA B 15 -33.99 -13.02 9.54
CA ALA B 15 -33.51 -12.19 10.62
C ALA B 15 -34.65 -11.45 11.29
N GLY B 16 -35.66 -11.04 10.53
CA GLY B 16 -36.81 -10.38 11.10
C GLY B 16 -37.73 -11.28 11.89
N SER B 17 -37.54 -12.59 11.78
CA SER B 17 -38.34 -13.55 12.50
C SER B 17 -37.97 -13.58 13.99
N THR B 18 -38.88 -14.10 14.79
CA THR B 18 -38.57 -14.43 16.17
C THR B 18 -37.64 -15.63 16.23
N MET B 19 -37.08 -15.88 17.43
CA MET B 19 -36.16 -17.01 17.58
C MET B 19 -36.87 -18.34 17.44
N GLY B 20 -38.18 -18.37 17.69
CA GLY B 20 -38.96 -19.53 17.32
C GLY B 20 -39.03 -19.74 15.83
N ALA B 21 -39.26 -18.66 15.09
CA ALA B 21 -39.18 -18.71 13.64
C ALA B 21 -37.76 -18.44 13.14
N ALA B 22 -36.80 -18.33 14.06
CA ALA B 22 -35.38 -18.51 13.76
C ALA B 22 -34.84 -19.77 14.39
N SER B 23 -35.70 -20.59 14.98
CA SER B 23 -35.30 -21.95 15.25
C SER B 23 -35.21 -22.76 13.96
N MET B 24 -35.82 -22.27 12.88
CA MET B 24 -35.53 -22.86 11.58
C MET B 24 -34.21 -22.34 11.01
N THR B 25 -33.73 -21.18 11.48
CA THR B 25 -32.42 -20.71 11.03
C THR B 25 -31.32 -21.60 11.57
N LEU B 26 -31.42 -22.02 12.83
CA LEU B 26 -30.46 -22.98 13.32
C LEU B 26 -30.73 -24.39 12.79
N THR B 27 -31.93 -24.64 12.26
CA THR B 27 -32.17 -25.89 11.54
C THR B 27 -31.45 -25.91 10.20
N VAL B 28 -31.16 -24.73 9.65
CA VAL B 28 -30.40 -24.60 8.40
C VAL B 28 -29.04 -24.03 8.79
N GLN B 29 -28.20 -23.69 7.81
CA GLN B 29 -26.79 -23.34 8.06
C GLN B 29 -26.65 -21.98 8.74
N ALA B 30 -27.26 -21.84 9.93
CA ALA B 30 -27.45 -20.55 10.62
C ALA B 30 -28.02 -19.49 9.66
N ARG B 31 -28.94 -19.93 8.79
CA ARG B 31 -29.48 -19.16 7.64
C ARG B 31 -28.36 -18.62 6.75
N ASN B 32 -27.36 -19.48 6.51
CA ASN B 32 -26.24 -19.26 5.59
C ASN B 32 -25.38 -18.06 5.98
N LEU B 33 -25.32 -17.78 7.27
CA LEU B 33 -24.58 -16.62 7.76
C LEU B 33 -23.07 -16.81 7.66
N LEU B 34 -22.55 -17.96 8.09
CA LEU B 34 -21.10 -18.14 8.11
C LEU B 34 -20.49 -18.22 6.71
N SER B 35 -21.11 -18.96 5.80
CA SER B 35 -20.61 -18.94 4.43
C SER B 35 -20.84 -17.59 3.79
N GLY B 36 -21.91 -16.89 4.20
CA GLY B 36 -22.12 -15.51 3.78
C GLY B 36 -21.05 -14.54 4.25
N ILE B 37 -20.40 -14.85 5.38
CA ILE B 37 -19.27 -14.05 5.82
C ILE B 37 -18.12 -14.18 4.84
N VAL B 38 -17.97 -15.37 4.27
CA VAL B 38 -16.79 -15.62 3.45
C VAL B 38 -17.11 -15.61 1.95
N GLN B 39 -18.33 -15.91 1.54
CA GLN B 39 -18.63 -15.84 0.11
C GLN B 39 -18.74 -14.41 -0.40
N GLN B 40 -18.89 -13.42 0.49
CA GLN B 40 -18.84 -12.02 0.06
C GLN B 40 -17.44 -11.60 -0.38
N GLN B 41 -16.41 -12.35 0.01
CA GLN B 41 -15.05 -12.07 -0.44
C GLN B 41 -14.84 -12.43 -1.90
N SER B 42 -15.72 -13.22 -2.50
CA SER B 42 -15.47 -13.75 -3.83
C SER B 42 -15.53 -12.71 -4.94
N ASN B 43 -16.19 -11.57 -4.70
CA ASN B 43 -16.18 -10.50 -5.68
C ASN B 43 -14.80 -9.86 -5.79
N LEU B 44 -14.21 -9.51 -4.64
CA LEU B 44 -12.84 -9.01 -4.61
C LEU B 44 -11.81 -10.13 -4.80
N LEU B 45 -12.21 -11.38 -4.62
CA LEU B 45 -11.36 -12.48 -5.05
C LEU B 45 -11.30 -12.59 -6.56
N ARG B 46 -12.35 -12.16 -7.26
CA ARG B 46 -12.44 -12.38 -8.70
C ARG B 46 -11.70 -11.36 -9.53
N ALA B 47 -11.68 -10.09 -9.13
CA ALA B 47 -10.88 -9.08 -9.84
C ALA B 47 -10.06 -8.22 -8.88
N PRO B 48 -8.97 -8.76 -8.29
CA PRO B 48 -7.93 -7.85 -7.78
C PRO B 48 -6.75 -7.68 -8.72
N GLU B 49 -6.68 -8.52 -9.76
CA GLU B 49 -5.48 -8.62 -10.59
C GLU B 49 -5.86 -8.57 -12.06
N ALA B 50 -7.11 -8.95 -12.38
CA ALA B 50 -7.57 -9.05 -13.77
C ALA B 50 -7.61 -7.70 -14.48
N GLN B 51 -7.59 -6.60 -13.74
CA GLN B 51 -7.33 -5.31 -14.34
C GLN B 51 -5.90 -5.26 -14.87
N GLN B 52 -5.76 -4.96 -16.15
CA GLN B 52 -4.46 -4.78 -16.79
C GLN B 52 -4.36 -3.31 -17.16
N HIS B 53 -3.94 -2.50 -16.19
CA HIS B 53 -3.75 -1.08 -16.38
C HIS B 53 -2.49 -0.67 -15.63
N LEU B 54 -1.77 0.31 -16.19
CA LEU B 54 -0.56 0.78 -15.51
C LEU B 54 -0.91 1.79 -14.42
N LEU B 55 -1.36 2.97 -14.83
CA LEU B 55 -2.00 4.02 -14.03
C LEU B 55 -1.12 4.66 -12.95
N LYS B 56 0.07 4.10 -12.73
CA LYS B 56 1.16 4.63 -11.91
C LYS B 56 0.83 4.82 -10.42
N LEU B 57 -0.39 4.53 -9.99
CA LEU B 57 -0.85 4.90 -8.65
C LEU B 57 -2.16 4.18 -8.38
N THR B 58 -2.40 3.87 -7.11
CA THR B 58 -3.55 3.07 -6.70
C THR B 58 -4.29 3.78 -5.59
N VAL B 59 -5.56 4.12 -5.84
CA VAL B 59 -6.41 4.65 -4.78
C VAL B 59 -6.98 3.53 -3.91
N TRP B 60 -7.40 2.43 -4.53
CA TRP B 60 -7.91 1.28 -3.80
C TRP B 60 -6.82 0.29 -3.42
N GLY B 61 -5.55 0.65 -3.65
CA GLY B 61 -4.45 -0.21 -3.26
C GLY B 61 -4.35 -0.42 -1.76
N ILE B 62 -4.87 0.51 -0.97
CA ILE B 62 -4.96 0.33 0.45
C ILE B 62 -6.40 0.16 0.93
N LYS B 63 -7.35 0.86 0.31
CA LYS B 63 -8.73 0.87 0.80
C LYS B 63 -9.39 -0.49 0.64
N GLN B 64 -9.07 -1.21 -0.43
CA GLN B 64 -9.50 -2.59 -0.51
C GLN B 64 -8.71 -3.45 0.47
N LEU B 65 -7.40 -3.23 0.55
CA LEU B 65 -6.54 -4.11 1.34
C LEU B 65 -6.78 -3.91 2.83
N GLN B 66 -7.11 -2.70 3.24
CA GLN B 66 -7.48 -2.49 4.64
C GLN B 66 -8.81 -3.16 4.94
N ALA B 67 -9.75 -3.08 4.00
CA ALA B 67 -11.04 -3.73 4.20
C ALA B 67 -10.92 -5.23 4.09
N ARG B 68 -9.94 -5.70 3.31
CA ARG B 68 -9.82 -7.14 3.11
C ARG B 68 -9.30 -7.83 4.35
N VAL B 69 -8.25 -7.28 4.98
CA VAL B 69 -7.73 -7.91 6.18
C VAL B 69 -8.55 -7.57 7.40
N LEU B 70 -9.48 -6.61 7.29
CA LEU B 70 -10.39 -6.36 8.39
C LEU B 70 -11.38 -7.50 8.54
N ALA B 71 -11.80 -8.07 7.41
CA ALA B 71 -12.74 -9.18 7.45
C ALA B 71 -12.06 -10.45 7.91
N VAL B 72 -10.75 -10.56 7.70
CA VAL B 72 -10.05 -11.77 8.10
C VAL B 72 -9.89 -11.81 9.61
N GLU B 73 -9.44 -10.70 10.20
CA GLU B 73 -9.20 -10.66 11.64
C GLU B 73 -10.51 -10.77 12.42
N ARG B 74 -11.55 -10.11 11.94
CA ARG B 74 -12.86 -10.29 12.52
C ARG B 74 -13.37 -11.71 12.27
N TYR B 75 -13.04 -12.27 11.11
CA TYR B 75 -13.43 -13.64 10.79
C TYR B 75 -12.51 -14.67 11.43
N LEU B 76 -11.53 -14.25 12.23
CA LEU B 76 -10.69 -15.16 12.96
C LEU B 76 -10.82 -15.03 14.47
N ARG B 77 -11.33 -13.91 14.96
CA ARG B 77 -11.53 -13.76 16.39
C ARG B 77 -12.60 -14.69 16.91
N ASP B 78 -13.60 -14.98 16.07
CA ASP B 78 -14.64 -15.90 16.46
C ASP B 78 -14.15 -17.33 16.42
N GLN B 79 -13.37 -17.68 15.40
CA GLN B 79 -12.78 -19.01 15.34
C GLN B 79 -11.79 -19.22 16.46
N GLN B 80 -11.11 -18.15 16.88
CA GLN B 80 -10.29 -18.23 18.07
C GLN B 80 -11.14 -18.33 19.33
N LEU B 81 -12.32 -17.69 19.32
CA LEU B 81 -13.17 -17.75 20.50
C LEU B 81 -13.93 -19.07 20.60
N LEU B 82 -14.27 -19.67 19.46
CA LEU B 82 -14.88 -21.00 19.55
C LEU B 82 -13.85 -22.05 19.89
N GLY B 83 -12.59 -21.82 19.57
CA GLY B 83 -11.54 -22.73 19.99
C GLY B 83 -11.31 -22.69 21.47
N ILE B 84 -11.46 -21.51 22.09
CA ILE B 84 -11.21 -21.38 23.51
C ILE B 84 -12.35 -21.91 24.36
N TRP B 85 -13.51 -22.16 23.76
CA TRP B 85 -14.63 -22.75 24.46
C TRP B 85 -14.88 -24.18 24.03
N GLY B 86 -13.90 -24.81 23.41
CA GLY B 86 -14.02 -26.19 22.96
C GLY B 86 -15.06 -26.42 21.91
N CYS B 87 -15.46 -25.37 21.20
CA CYS B 87 -16.61 -25.43 20.31
C CYS B 87 -16.20 -25.19 18.87
N SER B 88 -14.91 -25.37 18.57
CA SER B 88 -14.40 -25.16 17.23
C SER B 88 -14.94 -26.24 16.29
N GLY B 89 -15.56 -25.82 15.20
CA GLY B 89 -16.17 -26.75 14.27
C GLY B 89 -17.64 -26.93 14.52
N LYS B 90 -18.02 -26.99 15.80
CA LYS B 90 -19.43 -27.08 16.16
C LYS B 90 -20.08 -25.71 15.99
N LEU B 91 -21.06 -25.63 15.09
CA LEU B 91 -21.80 -24.38 14.97
C LEU B 91 -22.70 -24.16 16.18
N ILE B 92 -23.22 -25.24 16.75
CA ILE B 92 -24.05 -25.17 17.94
C ILE B 92 -23.44 -26.12 18.96
N CYS B 93 -23.14 -25.61 20.15
CA CYS B 93 -22.74 -26.49 21.23
C CYS B 93 -23.16 -25.88 22.56
N CYS B 94 -23.49 -26.75 23.51
CA CYS B 94 -23.82 -26.35 24.86
C CYS B 94 -22.56 -26.38 25.71
N THR B 95 -22.68 -25.95 26.96
CA THR B 95 -21.54 -25.82 27.85
C THR B 95 -21.74 -26.68 29.08
N ASN B 96 -20.82 -26.53 30.02
CA ASN B 96 -21.00 -27.02 31.38
C ASN B 96 -21.44 -25.92 32.33
N VAL B 97 -21.13 -24.67 32.01
CA VAL B 97 -21.72 -23.54 32.73
C VAL B 97 -23.22 -23.55 32.50
N PRO B 98 -24.03 -23.53 33.54
CA PRO B 98 -25.48 -23.55 33.36
C PRO B 98 -25.98 -22.15 33.05
N TRP B 99 -27.29 -22.04 32.85
CA TRP B 99 -27.89 -20.72 32.87
C TRP B 99 -27.80 -20.22 34.29
N ASN B 100 -26.83 -19.35 34.53
CA ASN B 100 -26.37 -19.01 35.86
C ASN B 100 -27.31 -18.05 36.57
N SER B 101 -26.82 -17.43 37.63
CA SER B 101 -27.53 -16.36 38.31
C SER B 101 -27.68 -15.11 37.48
N SER B 102 -27.28 -15.02 36.20
CA SER B 102 -27.65 -13.91 35.33
C SER B 102 -29.13 -13.65 35.42
N TRP B 103 -29.48 -12.49 35.93
CA TRP B 103 -30.81 -12.20 36.43
C TRP B 103 -31.80 -11.85 35.34
N SER B 104 -31.47 -12.13 34.08
CA SER B 104 -32.42 -12.15 32.98
C SER B 104 -33.12 -13.51 32.89
N ASN B 105 -33.66 -13.95 34.01
CA ASN B 105 -34.26 -15.27 34.13
C ASN B 105 -35.73 -15.20 33.77
N ARG B 106 -36.14 -16.02 32.82
CA ARG B 106 -37.54 -16.01 32.40
C ARG B 106 -38.02 -17.32 31.79
N ASN B 107 -39.24 -17.26 31.27
CA ASN B 107 -39.97 -18.35 30.66
C ASN B 107 -39.29 -18.78 29.37
N LEU B 108 -39.10 -20.09 29.21
CA LEU B 108 -38.45 -20.62 28.01
C LEU B 108 -39.29 -20.46 26.77
N SER B 109 -40.57 -20.79 26.84
CA SER B 109 -41.44 -20.62 25.69
C SER B 109 -41.90 -19.19 25.50
N GLU B 110 -41.43 -18.26 26.32
CA GLU B 110 -41.37 -16.87 25.95
C GLU B 110 -40.21 -16.58 25.01
N ILE B 111 -39.12 -17.35 25.12
CA ILE B 111 -37.87 -17.10 24.42
C ILE B 111 -37.91 -17.77 23.06
N TRP B 112 -38.03 -19.09 23.06
CA TRP B 112 -37.97 -19.84 21.81
C TRP B 112 -39.29 -19.91 21.08
N ASP B 113 -40.26 -19.07 21.42
CA ASP B 113 -41.46 -18.93 20.61
C ASP B 113 -41.57 -17.53 20.06
N ASN B 114 -41.55 -16.50 20.91
CA ASN B 114 -41.89 -15.14 20.52
C ASN B 114 -40.85 -14.19 21.09
N MET B 115 -39.73 -14.04 20.37
CA MET B 115 -38.69 -13.03 20.61
C MET B 115 -37.70 -13.06 19.46
N THR B 116 -37.41 -11.91 18.86
CA THR B 116 -36.42 -11.91 17.80
C THR B 116 -35.02 -11.97 18.38
N TRP B 117 -34.07 -12.38 17.54
CA TRP B 117 -32.67 -12.42 17.94
C TRP B 117 -32.15 -11.05 18.28
N LEU B 118 -32.60 -10.03 17.54
CA LEU B 118 -32.24 -8.65 17.85
C LEU B 118 -32.81 -8.24 19.20
N GLN B 119 -34.07 -8.59 19.46
CA GLN B 119 -34.65 -8.36 20.78
C GLN B 119 -33.96 -9.20 21.83
N TRP B 120 -33.56 -10.42 21.47
CA TRP B 120 -32.79 -11.26 22.37
C TRP B 120 -31.45 -10.64 22.69
N GLU B 121 -30.85 -9.96 21.71
CA GLU B 121 -29.62 -9.22 21.96
C GLU B 121 -29.90 -8.03 22.87
N LYS B 122 -31.06 -7.40 22.72
CA LYS B 122 -31.42 -6.29 23.58
C LYS B 122 -31.66 -6.74 25.02
N GLU B 123 -32.01 -8.02 25.21
CA GLU B 123 -32.16 -8.52 26.57
C GLU B 123 -30.81 -8.66 27.27
N ILE B 124 -29.85 -9.31 26.61
CA ILE B 124 -28.63 -9.71 27.30
C ILE B 124 -27.45 -8.95 26.73
N SER B 125 -27.71 -7.71 26.30
CA SER B 125 -26.62 -6.81 25.90
C SER B 125 -25.66 -6.58 27.05
N ASN B 126 -26.21 -6.43 28.25
CA ASN B 126 -25.40 -6.42 29.45
C ASN B 126 -25.06 -7.86 29.81
N TYR B 127 -23.97 -8.00 30.59
CA TYR B 127 -23.40 -9.26 31.08
C TYR B 127 -22.96 -10.20 29.96
N THR B 128 -22.87 -9.70 28.73
CA THR B 128 -22.45 -10.53 27.61
C THR B 128 -20.98 -10.88 27.73
N GLN B 129 -20.16 -9.88 28.08
CA GLN B 129 -18.77 -10.13 28.42
C GLN B 129 -18.66 -10.92 29.71
N LEU B 130 -19.65 -10.81 30.60
CA LEU B 130 -19.64 -11.60 31.82
C LEU B 130 -19.91 -13.06 31.52
N ILE B 131 -20.76 -13.32 30.53
CA ILE B 131 -20.95 -14.69 30.06
C ILE B 131 -19.67 -15.19 29.39
N TYR B 132 -19.01 -14.32 28.62
CA TYR B 132 -17.85 -14.73 27.83
C TYR B 132 -16.66 -15.10 28.70
N GLY B 133 -16.47 -14.39 29.81
CA GLY B 133 -15.45 -14.82 30.76
C GLY B 133 -15.88 -16.07 31.51
N LEU B 134 -17.18 -16.26 31.67
CA LEU B 134 -17.69 -17.38 32.45
C LEU B 134 -17.49 -18.70 31.72
N LEU B 135 -17.44 -18.66 30.39
CA LEU B 135 -17.38 -19.88 29.60
C LEU B 135 -16.03 -20.57 29.72
N GLU B 136 -14.95 -19.80 29.61
CA GLU B 136 -13.62 -20.37 29.63
C GLU B 136 -13.21 -20.88 30.99
N GLU B 137 -13.93 -20.48 32.04
CA GLU B 137 -13.64 -20.98 33.38
C GLU B 137 -13.94 -22.46 33.50
N SER B 138 -15.17 -22.85 33.17
CA SER B 138 -15.50 -24.27 33.22
C SER B 138 -14.86 -25.05 32.08
N GLN B 139 -14.47 -24.36 31.00
CA GLN B 139 -13.96 -25.10 29.85
C GLN B 139 -12.52 -25.53 30.04
N ASN B 140 -11.72 -24.70 30.69
CA ASN B 140 -10.31 -25.03 30.90
C ASN B 140 -9.99 -25.25 32.36
N GLN B 141 -10.37 -24.30 33.22
CA GLN B 141 -9.79 -24.18 34.55
C GLN B 141 -10.27 -25.29 35.49
N GLN B 142 -11.31 -26.00 35.12
CA GLN B 142 -11.70 -27.25 35.76
C GLN B 142 -11.58 -28.44 34.82
N GLU B 143 -11.99 -28.29 33.57
CA GLU B 143 -12.22 -29.43 32.69
C GLU B 143 -10.92 -30.01 32.14
N LYS B 144 -9.98 -29.16 31.73
CA LYS B 144 -8.75 -29.68 31.14
C LYS B 144 -7.86 -30.34 32.18
N ASN B 145 -7.88 -29.84 33.41
CA ASN B 145 -7.16 -30.52 34.48
C ASN B 145 -7.90 -31.75 34.96
N GLU B 146 -9.22 -31.80 34.75
CA GLU B 146 -9.95 -33.04 34.96
C GLU B 146 -9.58 -34.08 33.91
N GLN B 147 -9.23 -33.63 32.70
CA GLN B 147 -8.73 -34.55 31.69
C GLN B 147 -7.34 -35.03 32.04
N ASP B 148 -6.54 -34.18 32.69
CA ASP B 148 -5.23 -34.62 33.17
C ASP B 148 -5.37 -35.58 34.35
N LEU B 149 -6.50 -35.52 35.05
CA LEU B 149 -6.82 -36.51 36.08
C LEU B 149 -7.26 -37.84 35.48
N LEU B 150 -7.43 -37.92 34.16
CA LEU B 150 -7.75 -39.17 33.47
C LEU B 150 -6.52 -39.81 32.87
N ALA B 151 -5.37 -39.66 33.54
CA ALA B 151 -4.10 -40.19 33.07
C ALA B 151 -3.56 -41.24 34.02
N LEU B 152 -4.44 -42.08 34.56
CA LEU B 152 -4.07 -43.04 35.59
C LEU B 152 -3.86 -44.44 35.04
N ASP B 153 -4.91 -45.02 34.44
CA ASP B 153 -4.91 -46.36 33.85
C ASP B 153 -4.49 -47.45 34.85
N LYS B 154 -5.30 -47.61 35.89
CA LYS B 154 -5.10 -48.70 36.83
C LYS B 154 -5.72 -49.99 36.29
N TRP B 155 -5.45 -51.09 36.99
CA TRP B 155 -5.95 -52.40 36.58
C TRP B 155 -6.70 -53.15 37.67
N ALA B 156 -6.59 -52.73 38.94
CA ALA B 156 -7.25 -53.43 40.03
C ALA B 156 -8.03 -52.53 40.97
N SER B 157 -7.75 -51.23 41.01
CA SER B 157 -8.41 -50.31 41.93
C SER B 157 -8.78 -49.02 41.22
N LEU B 158 -9.45 -49.15 40.07
CA LEU B 158 -9.81 -47.97 39.26
C LEU B 158 -10.81 -47.07 39.98
N TRP B 159 -12.02 -47.58 40.23
CA TRP B 159 -13.09 -46.78 40.82
C TRP B 159 -13.21 -47.12 42.30
N ASN B 160 -12.28 -46.61 43.09
CA ASN B 160 -12.30 -46.82 44.52
C ASN B 160 -13.36 -45.93 45.17
N ALA C 1 -21.91 -54.39 -5.25
CA ALA C 1 -21.27 -53.97 -4.02
C ALA C 1 -22.22 -53.14 -3.17
N GLU C 2 -21.79 -52.79 -1.96
CA GLU C 2 -22.59 -51.94 -1.10
C GLU C 2 -22.54 -50.49 -1.60
N ASN C 3 -23.41 -49.66 -1.05
CA ASN C 3 -23.34 -48.24 -1.31
C ASN C 3 -22.08 -47.68 -0.67
N LEU C 4 -21.27 -47.01 -1.46
CA LEU C 4 -20.06 -46.42 -0.92
C LEU C 4 -20.40 -45.11 -0.24
N TRP C 5 -19.41 -44.46 0.33
CA TRP C 5 -19.63 -43.18 1.00
C TRP C 5 -18.50 -42.24 0.62
N VAL C 6 -18.88 -41.00 0.29
CA VAL C 6 -17.92 -40.00 -0.13
C VAL C 6 -16.99 -39.65 1.02
N THR C 7 -15.71 -39.48 0.69
CA THR C 7 -14.70 -39.20 1.69
C THR C 7 -13.83 -38.07 1.16
N VAL C 8 -13.77 -36.99 1.91
CA VAL C 8 -12.94 -35.86 1.51
C VAL C 8 -11.48 -36.21 1.71
N TYR C 9 -10.62 -35.57 0.94
CA TYR C 9 -9.19 -35.74 1.06
C TYR C 9 -8.55 -34.38 0.92
N TYR C 10 -7.93 -33.91 1.98
CA TYR C 10 -7.42 -32.56 2.02
C TYR C 10 -5.93 -32.56 1.74
N GLY C 11 -5.55 -32.00 0.59
CA GLY C 11 -4.17 -32.00 0.16
C GLY C 11 -3.93 -32.90 -1.03
N VAL C 12 -4.93 -33.00 -1.89
CA VAL C 12 -4.76 -33.85 -3.07
C VAL C 12 -3.83 -33.16 -4.06
N PRO C 13 -2.90 -33.86 -4.66
CA PRO C 13 -1.94 -33.20 -5.56
C PRO C 13 -2.50 -33.00 -6.96
N VAL C 14 -3.47 -32.11 -7.08
CA VAL C 14 -4.00 -31.72 -8.38
C VAL C 14 -3.69 -30.24 -8.60
N TRP C 15 -3.85 -29.80 -9.85
CA TRP C 15 -3.59 -28.41 -10.16
C TRP C 15 -4.47 -27.96 -11.30
N LYS C 16 -4.73 -26.66 -11.34
CA LYS C 16 -5.30 -26.00 -12.50
C LYS C 16 -4.36 -24.89 -12.93
N ASP C 17 -4.37 -24.60 -14.23
CA ASP C 17 -3.61 -23.46 -14.73
C ASP C 17 -4.30 -22.17 -14.30
N ALA C 18 -3.54 -21.25 -13.75
CA ALA C 18 -4.10 -19.99 -13.26
C ALA C 18 -3.12 -18.87 -13.54
N GLU C 19 -3.48 -17.67 -13.10
CA GLU C 19 -2.67 -16.48 -13.30
C GLU C 19 -2.62 -15.68 -12.01
N THR C 20 -1.42 -15.36 -11.57
CA THR C 20 -1.24 -14.56 -10.36
C THR C 20 0.09 -13.84 -10.46
N THR C 21 0.34 -12.98 -9.49
CA THR C 21 1.58 -12.22 -9.47
C THR C 21 2.70 -13.05 -8.88
N LEU C 22 3.92 -12.80 -9.35
CA LEU C 22 5.11 -13.42 -8.78
C LEU C 22 6.00 -12.31 -8.23
N PHE C 23 7.20 -12.67 -7.81
CA PHE C 23 8.09 -11.66 -7.25
C PHE C 23 9.54 -12.05 -7.51
N CYS C 24 10.38 -11.04 -7.62
CA CYS C 24 11.79 -11.25 -7.90
C CYS C 24 12.50 -11.80 -6.68
N ALA C 25 13.66 -12.39 -6.94
CA ALA C 25 14.52 -12.89 -5.88
C ALA C 25 15.94 -12.91 -6.41
N SER C 26 16.87 -12.39 -5.63
CA SER C 26 18.25 -12.29 -6.06
C SER C 26 19.14 -12.45 -4.84
N ASP C 27 20.42 -12.10 -4.98
CA ASP C 27 21.40 -12.28 -3.93
C ASP C 27 22.10 -10.97 -3.65
N ALA C 28 22.81 -10.94 -2.53
CA ALA C 28 23.55 -9.77 -2.11
C ALA C 28 25.03 -9.92 -2.48
N ARG C 29 25.67 -8.78 -2.72
CA ARG C 29 27.08 -8.74 -3.12
C ARG C 29 27.66 -7.36 -2.88
N THR C 33 27.61 -3.69 -1.06
CA THR C 33 26.97 -2.42 -1.40
C THR C 33 26.84 -2.24 -2.91
N GLU C 34 26.51 -1.00 -3.29
CA GLU C 34 26.17 -0.62 -4.66
C GLU C 34 25.06 -1.52 -5.21
N LYS C 35 23.99 -1.64 -4.42
CA LYS C 35 22.77 -2.28 -4.87
C LYS C 35 21.83 -1.29 -5.53
N HIS C 36 22.36 -0.18 -6.05
CA HIS C 36 21.60 0.80 -6.82
C HIS C 36 21.53 0.38 -8.28
N ASN C 37 21.10 -0.84 -8.52
CA ASN C 37 20.89 -1.35 -9.87
C ASN C 37 19.43 -1.16 -10.22
N VAL C 38 19.16 -0.78 -11.47
CA VAL C 38 17.83 -0.36 -11.87
C VAL C 38 16.83 -1.51 -11.91
N TRP C 39 17.30 -2.75 -11.93
CA TRP C 39 16.40 -3.90 -11.81
C TRP C 39 16.47 -4.58 -10.46
N ALA C 40 17.53 -4.35 -9.69
CA ALA C 40 17.63 -4.96 -8.37
C ALA C 40 16.65 -4.38 -7.37
N THR C 41 16.18 -3.15 -7.63
CA THR C 41 15.42 -2.26 -6.73
C THR C 41 15.88 -2.37 -5.27
N HIS C 42 17.20 -2.30 -5.12
CA HIS C 42 17.92 -2.49 -3.86
C HIS C 42 17.52 -3.82 -3.21
N ALA C 43 17.68 -4.90 -3.99
CA ALA C 43 17.59 -6.28 -3.53
C ALA C 43 16.19 -6.59 -2.96
N CYS C 44 15.22 -6.66 -3.88
CA CYS C 44 13.80 -6.83 -3.55
C CYS C 44 13.55 -7.98 -2.59
N VAL C 45 13.85 -9.20 -2.99
CA VAL C 45 13.95 -10.32 -2.06
C VAL C 45 15.37 -10.87 -2.13
N PRO C 46 16.24 -10.43 -1.23
CA PRO C 46 17.67 -10.77 -1.34
C PRO C 46 18.04 -12.15 -0.81
N THR C 47 17.07 -13.04 -0.58
CA THR C 47 17.40 -14.33 0.01
C THR C 47 18.01 -15.26 -1.05
N ASP C 48 17.19 -15.65 -2.03
CA ASP C 48 17.46 -16.68 -3.04
C ASP C 48 18.06 -17.93 -2.41
N PRO C 49 17.27 -18.74 -1.69
CA PRO C 49 17.82 -19.92 -1.02
C PRO C 49 18.14 -21.06 -1.97
N ASN C 50 18.45 -22.22 -1.40
CA ASN C 50 18.89 -23.37 -2.18
C ASN C 50 17.76 -23.90 -3.06
N PRO C 51 18.02 -24.20 -4.32
CA PRO C 51 16.94 -24.55 -5.25
C PRO C 51 16.45 -25.99 -5.15
N GLN C 52 15.50 -26.24 -4.25
CA GLN C 52 14.87 -27.56 -4.17
C GLN C 52 14.04 -27.82 -5.42
N GLU C 53 14.40 -28.85 -6.16
CA GLU C 53 13.72 -29.22 -7.39
C GLU C 53 13.23 -30.65 -7.27
N ILE C 54 11.99 -30.90 -7.66
CA ILE C 54 11.34 -32.19 -7.48
C ILE C 54 10.79 -32.66 -8.82
N HIS C 55 11.20 -33.84 -9.25
CA HIS C 55 10.66 -34.44 -10.47
C HIS C 55 9.37 -35.19 -10.17
N LEU C 56 8.60 -35.42 -11.22
CA LEU C 56 7.33 -36.12 -11.07
C LEU C 56 7.24 -37.39 -11.90
N GLU C 57 7.75 -37.37 -13.13
CA GLU C 57 8.12 -38.53 -13.95
C GLU C 57 6.94 -39.34 -14.47
N ASN C 58 5.73 -39.06 -14.03
CA ASN C 58 4.61 -39.91 -14.41
C ASN C 58 3.49 -39.08 -14.98
N VAL C 59 3.80 -37.84 -15.37
CA VAL C 59 2.79 -36.92 -15.86
C VAL C 59 3.27 -36.27 -17.14
N THR C 60 2.42 -36.27 -18.17
CA THR C 60 2.71 -35.58 -19.41
C THR C 60 1.82 -34.34 -19.43
N GLU C 61 2.33 -33.25 -18.86
CA GLU C 61 1.57 -32.02 -18.74
C GLU C 61 1.81 -31.16 -19.97
N GLU C 62 0.74 -30.58 -20.49
CA GLU C 62 0.85 -29.69 -21.63
C GLU C 62 1.46 -28.36 -21.22
N PHE C 63 2.04 -27.67 -22.20
CA PHE C 63 2.65 -26.38 -22.01
C PHE C 63 2.21 -25.45 -23.13
N ASN C 64 2.60 -24.19 -22.99
CA ASN C 64 2.43 -23.20 -24.05
C ASN C 64 3.44 -22.08 -23.81
N MET C 65 3.96 -21.53 -24.88
CA MET C 65 4.81 -20.36 -24.79
C MET C 65 4.20 -19.13 -25.44
N TRP C 66 3.19 -19.30 -26.29
CA TRP C 66 2.58 -18.17 -26.95
C TRP C 66 1.33 -17.69 -26.24
N LYS C 67 0.87 -18.42 -25.23
CA LYS C 67 -0.19 -17.99 -24.34
C LYS C 67 0.31 -17.81 -22.92
N ASN C 68 1.63 -17.73 -22.74
CA ASN C 68 2.19 -17.65 -21.40
C ASN C 68 1.92 -16.30 -20.78
N ASN C 69 1.61 -16.31 -19.49
CA ASN C 69 1.26 -15.08 -18.78
C ASN C 69 2.46 -14.43 -18.13
N MET C 70 3.50 -15.20 -17.81
CA MET C 70 4.64 -14.68 -17.07
C MET C 70 5.44 -13.66 -17.87
N VAL C 71 5.38 -13.72 -19.19
CA VAL C 71 6.16 -12.78 -20.00
C VAL C 71 5.58 -11.37 -19.89
N GLU C 72 4.26 -11.24 -19.73
CA GLU C 72 3.69 -9.92 -19.54
C GLU C 72 4.02 -9.38 -18.16
N GLN C 73 4.02 -10.25 -17.16
CA GLN C 73 4.43 -9.84 -15.83
C GLN C 73 5.91 -9.50 -15.80
N MET C 74 6.69 -10.17 -16.63
CA MET C 74 8.09 -9.78 -16.75
C MET C 74 8.22 -8.46 -17.49
N HIS C 75 7.41 -8.27 -18.53
CA HIS C 75 7.54 -7.07 -19.35
C HIS C 75 7.06 -5.84 -18.59
N THR C 76 5.94 -5.94 -17.88
CA THR C 76 5.41 -4.78 -17.19
C THR C 76 6.19 -4.45 -15.93
N ASP C 77 6.93 -5.40 -15.38
CA ASP C 77 7.77 -5.06 -14.25
C ASP C 77 9.04 -4.37 -14.68
N ILE C 78 9.51 -4.64 -15.90
CA ILE C 78 10.75 -4.03 -16.36
C ILE C 78 10.54 -2.55 -16.64
N ILE C 79 9.43 -2.20 -17.29
CA ILE C 79 9.13 -0.80 -17.54
C ILE C 79 8.81 -0.07 -16.25
N SER C 80 8.26 -0.77 -15.26
CA SER C 80 7.97 -0.11 -14.00
C SER C 80 9.23 0.04 -13.17
N LEU C 81 10.16 -0.92 -13.28
CA LEU C 81 11.45 -0.74 -12.65
C LEU C 81 12.29 0.29 -13.39
N TRP C 82 11.99 0.51 -14.66
CA TRP C 82 12.71 1.52 -15.43
C TRP C 82 12.37 2.92 -14.94
N ASP C 83 11.08 3.26 -14.93
CA ASP C 83 10.68 4.62 -14.64
C ASP C 83 10.84 4.95 -13.16
N GLN C 84 10.73 3.95 -12.30
CA GLN C 84 11.00 4.18 -10.88
C GLN C 84 12.46 4.52 -10.66
N SER C 85 13.36 3.95 -11.46
CA SER C 85 14.75 4.33 -11.39
C SER C 85 14.97 5.71 -12.00
N LEU C 86 14.24 6.03 -13.05
CA LEU C 86 14.46 7.27 -13.78
C LEU C 86 13.77 8.47 -13.16
N LYS C 87 12.90 8.24 -12.17
CA LYS C 87 12.15 9.35 -11.58
C LYS C 87 13.00 10.38 -10.83
N PRO C 88 13.80 10.03 -9.82
CA PRO C 88 14.41 11.08 -9.01
C PRO C 88 15.63 11.75 -9.61
N CYS C 89 15.97 11.49 -10.87
CA CYS C 89 17.17 12.06 -11.46
C CYS C 89 16.87 13.46 -11.99
N VAL C 90 17.81 14.04 -12.72
CA VAL C 90 17.76 15.45 -13.10
C VAL C 90 16.98 15.58 -14.40
N LYS C 91 16.04 16.52 -14.44
CA LYS C 91 15.41 16.88 -15.69
C LYS C 91 16.36 17.73 -16.51
N LEU C 92 16.24 17.61 -17.84
CA LEU C 92 17.05 18.40 -18.74
C LEU C 92 16.21 19.26 -19.65
N THR C 93 15.05 19.67 -19.16
CA THR C 93 14.24 20.64 -19.89
C THR C 93 14.88 22.00 -20.12
N PRO C 94 15.93 22.50 -19.37
CA PRO C 94 16.59 23.71 -19.88
C PRO C 94 17.54 23.46 -21.03
N LEU C 95 17.75 22.21 -21.43
CA LEU C 95 18.72 21.94 -22.48
C LEU C 95 18.18 22.13 -23.88
N CYS C 96 16.86 22.04 -24.07
CA CYS C 96 16.29 22.17 -25.41
C CYS C 96 16.35 23.63 -25.82
N VAL C 97 17.50 24.01 -26.39
CA VAL C 97 17.76 25.36 -26.90
C VAL C 97 18.37 25.26 -28.28
N THR C 98 18.64 26.42 -28.88
CA THR C 98 19.33 26.44 -30.16
C THR C 98 20.81 26.14 -29.95
N LEU C 99 21.39 25.40 -30.89
CA LEU C 99 22.76 24.93 -30.78
C LEU C 99 23.56 25.42 -31.99
N GLN C 100 24.63 26.14 -31.74
CA GLN C 100 25.54 26.60 -32.79
C GLN C 100 26.65 25.56 -32.87
N CYS C 101 26.58 24.73 -33.91
CA CYS C 101 27.43 23.55 -34.01
C CYS C 101 28.42 23.69 -35.16
N THR C 102 29.44 22.84 -35.11
CA THR C 102 30.42 22.70 -36.17
C THR C 102 31.05 21.32 -36.06
N ASN C 103 31.81 20.92 -37.08
CA ASN C 103 32.37 19.58 -37.09
C ASN C 103 33.61 19.49 -36.22
N VAL C 104 34.16 18.28 -36.16
CA VAL C 104 35.40 18.00 -35.44
C VAL C 104 36.47 17.67 -36.48
N THR C 105 37.72 18.04 -36.18
CA THR C 105 38.85 17.81 -37.08
C THR C 105 40.05 17.36 -36.27
N ASN C 106 40.17 16.05 -36.05
CA ASN C 106 41.47 15.52 -35.63
C ASN C 106 41.88 14.22 -36.30
N ASN C 107 40.95 13.39 -36.78
CA ASN C 107 41.29 12.03 -37.17
C ASN C 107 40.50 11.67 -38.43
N ILE C 108 40.41 10.37 -38.68
CA ILE C 108 39.85 9.82 -39.90
C ILE C 108 38.38 10.20 -40.07
N THR C 109 37.94 10.27 -41.31
CA THR C 109 36.53 10.42 -41.62
C THR C 109 35.81 9.09 -41.43
N ASP C 110 34.50 9.11 -41.68
CA ASP C 110 33.59 7.97 -41.59
C ASP C 110 33.61 7.34 -40.20
N ASP C 111 33.20 8.13 -39.23
CA ASP C 111 33.17 7.69 -37.84
C ASP C 111 31.74 7.40 -37.41
N GLU C 115 29.38 10.90 -37.44
CA GLU C 115 30.48 11.43 -36.65
C GLU C 115 29.95 12.42 -35.63
N LEU C 116 30.79 13.38 -35.22
CA LEU C 116 30.49 14.21 -34.08
C LEU C 116 30.30 15.67 -34.49
N LYS C 117 29.70 16.45 -33.59
CA LYS C 117 29.42 17.88 -33.84
C LYS C 117 29.85 18.72 -32.63
N ASN C 118 30.64 19.77 -32.88
CA ASN C 118 31.13 20.70 -31.82
C ASN C 118 30.06 21.78 -31.61
N CYS C 119 29.19 21.61 -30.61
CA CYS C 119 28.08 22.57 -30.37
C CYS C 119 28.30 23.40 -29.10
N SER C 120 27.71 24.60 -29.05
CA SER C 120 27.80 25.50 -27.91
C SER C 120 26.50 26.26 -27.77
N PHE C 121 26.20 26.66 -26.53
CA PHE C 121 24.89 27.23 -26.24
C PHE C 121 24.98 28.08 -24.99
N ASN C 122 23.98 28.94 -24.81
CA ASN C 122 23.87 29.79 -23.64
C ASN C 122 23.22 28.99 -22.52
N MET C 123 23.95 28.80 -21.43
CA MET C 123 23.58 27.80 -20.43
C MET C 123 24.22 28.13 -19.08
N THR C 124 24.21 27.14 -18.18
CA THR C 124 24.73 27.03 -16.82
C THR C 124 23.92 27.74 -15.77
N THR C 125 23.02 28.66 -16.17
CA THR C 125 21.80 29.10 -15.50
C THR C 125 21.85 29.21 -13.98
N GLU C 126 22.99 29.62 -13.42
CA GLU C 126 23.34 29.22 -12.06
C GLU C 126 22.60 30.03 -11.00
N LEU C 127 22.65 31.35 -11.09
CA LEU C 127 22.00 32.22 -10.13
C LEU C 127 20.75 32.86 -10.73
N ARG C 128 20.09 32.15 -11.66
CA ARG C 128 18.91 32.56 -12.41
C ARG C 128 19.16 33.79 -13.28
N ASP C 129 20.39 34.29 -13.31
CA ASP C 129 20.70 35.60 -13.87
C ASP C 129 21.92 35.61 -14.78
N LYS C 130 22.81 34.64 -14.66
CA LYS C 130 24.05 34.62 -15.43
C LYS C 130 24.05 33.37 -16.29
N LYS C 131 24.23 33.56 -17.59
CA LYS C 131 24.30 32.45 -18.52
C LYS C 131 25.68 32.42 -19.16
N GLN C 132 26.07 31.24 -19.65
CA GLN C 132 27.41 31.05 -20.17
C GLN C 132 27.39 30.30 -21.49
N LYS C 133 28.37 30.59 -22.33
CA LYS C 133 28.61 29.85 -23.55
C LYS C 133 29.41 28.60 -23.21
N VAL C 134 28.84 27.43 -23.46
CA VAL C 134 29.32 26.18 -22.88
C VAL C 134 29.84 25.27 -23.97
N TYR C 135 31.02 24.70 -23.76
CA TYR C 135 31.51 23.64 -24.62
C TYR C 135 30.62 22.41 -24.53
N SER C 136 30.39 21.77 -25.66
CA SER C 136 29.72 20.48 -25.70
C SER C 136 30.13 19.77 -26.96
N LEU C 137 29.98 18.45 -26.96
CA LEU C 137 30.38 17.60 -28.07
C LEU C 137 29.35 16.51 -28.23
N PHE C 138 28.48 16.66 -29.21
CA PHE C 138 27.41 15.71 -29.43
C PHE C 138 27.70 14.85 -30.65
N TYR C 139 26.94 13.77 -30.75
CA TYR C 139 27.06 12.87 -31.89
C TYR C 139 26.23 13.39 -33.04
N ARG C 140 26.13 12.60 -34.10
CA ARG C 140 25.02 12.75 -35.02
C ARG C 140 23.90 11.87 -34.51
N LEU C 141 22.80 11.81 -35.26
CA LEU C 141 21.59 11.02 -34.98
C LEU C 141 20.89 11.46 -33.69
N ASP C 142 21.20 12.64 -33.20
CA ASP C 142 20.48 13.22 -32.08
C ASP C 142 20.30 14.72 -32.20
N VAL C 143 20.71 15.32 -33.31
CA VAL C 143 20.55 16.75 -33.55
C VAL C 143 19.97 16.95 -34.94
N VAL C 144 19.19 18.01 -35.10
CA VAL C 144 18.62 18.38 -36.39
C VAL C 144 18.81 19.87 -36.61
N GLN C 145 18.77 20.25 -37.88
CA GLN C 145 18.95 21.65 -38.26
C GLN C 145 17.65 22.42 -38.05
N ILE C 146 17.61 23.64 -38.56
CA ILE C 146 16.42 24.46 -38.41
C ILE C 146 15.78 24.73 -39.78
N GLU C 160 22.38 26.79 -35.01
CA GLU C 160 21.94 26.14 -36.24
C GLU C 160 21.19 24.86 -35.96
N TYR C 161 21.27 24.38 -34.72
CA TYR C 161 20.82 23.03 -34.42
C TYR C 161 19.95 23.01 -33.16
N ARG C 162 19.21 21.91 -33.02
CA ARG C 162 18.47 21.61 -31.81
C ARG C 162 18.50 20.11 -31.63
N LEU C 163 18.15 19.66 -30.43
CA LEU C 163 18.06 18.23 -30.16
C LEU C 163 16.85 17.65 -30.86
N ILE C 164 16.91 16.34 -31.12
CA ILE C 164 15.84 15.70 -31.88
C ILE C 164 14.55 15.57 -31.08
N ASN C 165 14.64 15.55 -29.77
CA ASN C 165 13.50 15.21 -28.95
C ASN C 165 12.73 16.42 -28.47
N CYS C 166 13.04 17.62 -28.94
CA CYS C 166 12.35 18.77 -28.41
C CYS C 166 11.01 19.00 -29.06
N ASN C 167 10.69 18.29 -30.14
CA ASN C 167 9.31 18.33 -30.62
C ASN C 167 8.44 17.28 -29.95
N THR C 168 9.04 16.22 -29.42
CA THR C 168 8.38 15.38 -28.44
C THR C 168 8.77 15.86 -27.03
N SER C 169 8.56 15.02 -26.03
CA SER C 169 8.60 15.45 -24.64
C SER C 169 10.00 15.48 -24.01
N ALA C 170 10.02 15.54 -22.68
CA ALA C 170 11.19 15.93 -21.89
C ALA C 170 12.28 14.87 -21.94
N ILE C 171 13.46 15.29 -21.47
CA ILE C 171 14.71 14.61 -21.75
C ILE C 171 15.54 14.40 -20.48
N THR C 172 14.87 14.09 -19.37
CA THR C 172 15.55 13.84 -18.09
C THR C 172 16.64 12.78 -18.19
N GLN C 173 17.77 13.05 -17.54
CA GLN C 173 18.94 12.23 -17.75
C GLN C 173 19.02 11.12 -16.73
N ALA C 174 19.97 10.22 -16.93
CA ALA C 174 20.18 9.12 -16.00
C ALA C 174 21.04 9.57 -14.85
N CYS C 175 20.76 9.02 -13.69
CA CYS C 175 21.67 9.20 -12.56
C CYS C 175 22.94 8.41 -12.83
N PRO C 176 24.11 9.00 -12.67
CA PRO C 176 25.34 8.30 -13.04
C PRO C 176 25.73 7.21 -12.06
N LYS C 177 25.24 7.25 -10.83
CA LYS C 177 25.65 6.27 -9.84
C LYS C 177 25.00 4.91 -10.08
N VAL C 178 23.90 4.83 -10.81
CA VAL C 178 23.27 3.55 -11.03
C VAL C 178 23.99 2.87 -12.18
N SER C 179 23.74 1.58 -12.37
CA SER C 179 24.40 0.80 -13.39
C SER C 179 23.38 0.28 -14.38
N PHE C 180 23.85 -0.53 -15.32
CA PHE C 180 22.96 -1.16 -16.27
C PHE C 180 23.33 -2.62 -16.54
N GLU C 181 24.05 -3.25 -15.63
CA GLU C 181 24.37 -4.65 -15.81
C GLU C 181 23.18 -5.50 -15.41
N PRO C 182 22.61 -6.28 -16.31
CA PRO C 182 21.42 -7.07 -16.00
C PRO C 182 21.76 -8.29 -15.14
N ILE C 183 21.82 -8.05 -13.83
CA ILE C 183 22.07 -9.14 -12.89
C ILE C 183 20.89 -10.10 -12.90
N PRO C 184 21.10 -11.40 -12.82
CA PRO C 184 19.98 -12.34 -13.00
C PRO C 184 19.07 -12.35 -11.79
N ILE C 185 17.78 -12.54 -12.05
CA ILE C 185 16.76 -12.57 -11.02
C ILE C 185 16.07 -13.93 -11.05
N HIS C 186 15.26 -14.17 -10.04
CA HIS C 186 14.50 -15.41 -9.91
C HIS C 186 13.07 -15.07 -9.59
N TYR C 187 12.14 -15.56 -10.41
CA TYR C 187 10.72 -15.44 -10.13
C TYR C 187 10.32 -16.59 -9.22
N CYS C 188 9.90 -16.28 -8.01
CA CYS C 188 9.43 -17.29 -7.07
C CYS C 188 7.92 -17.23 -6.98
N ALA C 189 7.31 -18.39 -6.95
CA ALA C 189 5.87 -18.48 -6.85
C ALA C 189 5.41 -18.11 -5.45
N PRO C 190 4.23 -17.55 -5.32
CA PRO C 190 3.67 -17.34 -3.98
C PRO C 190 3.10 -18.64 -3.44
N ALA C 191 2.54 -18.58 -2.24
CA ALA C 191 1.97 -19.77 -1.63
C ALA C 191 0.72 -20.22 -2.37
N GLY C 192 0.45 -21.51 -2.33
CA GLY C 192 -0.68 -22.02 -3.06
C GLY C 192 -0.50 -22.09 -4.56
N PHE C 193 0.72 -21.89 -5.03
CA PHE C 193 1.00 -21.97 -6.46
C PHE C 193 2.26 -22.78 -6.65
N ALA C 194 2.49 -23.21 -7.88
CA ALA C 194 3.68 -23.99 -8.16
C ALA C 194 4.16 -23.67 -9.57
N ILE C 195 5.46 -23.83 -9.76
CA ILE C 195 6.10 -23.55 -11.03
C ILE C 195 6.50 -24.87 -11.66
N LEU C 196 5.84 -25.23 -12.74
CA LEU C 196 6.26 -26.40 -13.50
C LEU C 196 7.45 -26.05 -14.37
N LYS C 197 8.14 -27.08 -14.84
CA LYS C 197 9.33 -26.88 -15.66
C LYS C 197 9.52 -28.10 -16.53
N CYS C 198 9.41 -27.93 -17.84
CA CYS C 198 9.57 -29.03 -18.76
C CYS C 198 11.04 -29.35 -18.96
N LYS C 199 11.41 -30.61 -18.74
CA LYS C 199 12.78 -31.06 -18.89
C LYS C 199 13.04 -31.73 -20.22
N ASP C 200 12.04 -31.83 -21.10
CA ASP C 200 12.22 -32.47 -22.38
C ASP C 200 13.09 -31.60 -23.27
N LYS C 201 14.25 -32.13 -23.66
CA LYS C 201 15.25 -31.36 -24.38
C LYS C 201 14.91 -31.13 -25.84
N LYS C 202 13.76 -31.57 -26.32
CA LYS C 202 13.35 -31.33 -27.69
C LYS C 202 11.93 -30.79 -27.74
N PHE C 203 11.46 -30.24 -26.62
CA PHE C 203 10.17 -29.56 -26.61
C PHE C 203 10.28 -28.28 -27.41
N ASN C 204 9.52 -28.18 -28.48
CA ASN C 204 9.80 -27.09 -29.40
C ASN C 204 9.20 -25.78 -28.93
N GLY C 205 7.88 -25.61 -28.97
CA GLY C 205 7.25 -24.44 -28.40
C GLY C 205 6.03 -24.66 -27.55
N THR C 206 5.26 -25.70 -27.86
CA THR C 206 3.89 -25.82 -27.39
C THR C 206 3.42 -27.25 -27.57
N GLY C 207 2.95 -27.86 -26.49
CA GLY C 207 2.41 -29.18 -26.55
C GLY C 207 2.58 -29.93 -25.25
N PRO C 208 2.34 -31.24 -25.27
CA PRO C 208 2.49 -32.03 -24.05
C PRO C 208 3.93 -32.40 -23.76
N CYS C 209 4.47 -31.89 -22.68
CA CYS C 209 5.83 -32.22 -22.31
C CYS C 209 5.84 -33.51 -21.49
N PRO C 210 6.63 -34.50 -21.87
CA PRO C 210 6.56 -35.79 -21.17
C PRO C 210 7.28 -35.80 -19.83
N SER C 211 8.38 -35.04 -19.71
CA SER C 211 9.20 -35.04 -18.51
C SER C 211 9.19 -33.64 -17.93
N VAL C 212 8.41 -33.44 -16.87
CA VAL C 212 8.28 -32.15 -16.23
C VAL C 212 8.82 -32.25 -14.81
N SER C 213 9.03 -31.09 -14.20
CA SER C 213 9.48 -31.03 -12.82
C SER C 213 9.01 -29.72 -12.21
N THR C 214 9.05 -29.67 -10.88
CA THR C 214 8.51 -28.57 -10.12
C THR C 214 9.63 -27.84 -9.40
N VAL C 215 9.64 -26.52 -9.48
CA VAL C 215 10.56 -25.69 -8.71
C VAL C 215 9.75 -24.64 -7.98
N GLN C 216 10.34 -24.08 -6.94
CA GLN C 216 9.73 -22.97 -6.24
C GLN C 216 10.13 -21.63 -6.84
N CYS C 217 11.34 -21.54 -7.38
CA CYS C 217 11.83 -20.34 -8.03
C CYS C 217 12.47 -20.71 -9.35
N THR C 218 12.48 -19.76 -10.27
CA THR C 218 13.14 -19.98 -11.54
C THR C 218 14.65 -19.88 -11.36
N HIS C 219 15.37 -20.15 -12.45
CA HIS C 219 16.82 -20.02 -12.41
C HIS C 219 17.17 -18.54 -12.61
N GLY C 220 18.48 -18.26 -12.71
CA GLY C 220 18.91 -16.89 -12.89
C GLY C 220 18.59 -16.41 -14.29
N ILE C 221 17.80 -15.36 -14.39
CA ILE C 221 17.37 -14.82 -15.68
C ILE C 221 17.91 -13.42 -15.80
N LYS C 222 18.91 -13.24 -16.67
CA LYS C 222 19.44 -11.92 -16.91
C LYS C 222 18.47 -11.11 -17.75
N PRO C 223 17.97 -9.99 -17.28
CA PRO C 223 17.03 -9.20 -18.09
C PRO C 223 17.76 -8.26 -19.05
N VAL C 224 18.42 -8.85 -20.03
CA VAL C 224 19.08 -8.05 -21.05
C VAL C 224 18.03 -7.51 -22.02
N VAL C 225 18.45 -6.53 -22.81
CA VAL C 225 17.60 -5.96 -23.84
C VAL C 225 18.42 -5.83 -25.11
N SER C 226 17.98 -6.53 -26.16
CA SER C 226 18.69 -6.47 -27.43
C SER C 226 17.71 -6.79 -28.54
N THR C 227 17.73 -5.98 -29.58
CA THR C 227 17.02 -6.32 -30.80
C THR C 227 17.87 -7.26 -31.64
N GLN C 228 17.19 -8.17 -32.33
CA GLN C 228 17.70 -8.90 -33.50
C GLN C 228 18.74 -9.97 -33.16
N LEU C 229 19.26 -9.95 -31.93
CA LEU C 229 20.29 -10.91 -31.51
C LEU C 229 20.26 -10.95 -29.99
N LEU C 230 19.71 -12.01 -29.42
CA LEU C 230 19.57 -12.09 -27.99
C LEU C 230 20.82 -12.67 -27.36
N LEU C 231 21.31 -12.00 -26.31
CA LEU C 231 22.63 -12.23 -25.78
C LEU C 231 22.54 -12.77 -24.35
N ASN C 232 23.48 -13.68 -24.05
CA ASN C 232 23.79 -14.33 -22.78
C ASN C 232 22.75 -15.37 -22.35
N GLY C 233 21.56 -15.31 -22.94
CA GLY C 233 20.60 -16.40 -23.12
C GLY C 233 20.31 -17.47 -22.09
N SER C 234 19.84 -18.59 -22.62
CA SER C 234 19.81 -19.89 -21.96
C SER C 234 19.97 -20.93 -23.05
N LEU C 235 21.20 -21.39 -23.27
CA LEU C 235 21.52 -22.14 -24.47
C LEU C 235 20.93 -23.54 -24.43
N ALA C 236 20.40 -23.97 -25.57
CA ALA C 236 19.71 -25.24 -25.67
C ALA C 236 20.71 -26.38 -25.83
N GLU C 237 20.21 -27.55 -26.16
CA GLU C 237 21.10 -28.65 -26.50
C GLU C 237 21.44 -28.59 -27.99
N GLU C 238 22.16 -29.60 -28.46
CA GLU C 238 22.92 -29.49 -29.70
C GLU C 238 22.03 -29.42 -30.93
N GLU C 239 20.79 -29.88 -30.83
CA GLU C 239 19.76 -29.57 -31.79
C GLU C 239 19.35 -28.12 -31.54
N VAL C 240 19.79 -27.22 -32.42
CA VAL C 240 19.46 -25.82 -32.24
C VAL C 240 18.00 -25.60 -32.65
N MET C 241 17.18 -25.21 -31.68
CA MET C 241 15.74 -25.32 -31.83
C MET C 241 15.17 -24.15 -32.61
N ILE C 242 14.03 -24.42 -33.24
CA ILE C 242 13.29 -23.42 -34.01
C ILE C 242 11.96 -23.21 -33.31
N ARG C 243 11.63 -21.96 -33.02
CA ARG C 243 10.44 -21.65 -32.24
C ARG C 243 9.59 -20.65 -33.01
N SER C 244 8.33 -20.99 -33.20
CA SER C 244 7.39 -20.09 -33.83
C SER C 244 6.00 -20.42 -33.33
N GLU C 245 5.07 -19.50 -33.56
CA GLU C 245 3.69 -19.76 -33.21
C GLU C 245 3.12 -20.74 -34.23
N ASN C 246 3.28 -20.44 -35.51
CA ASN C 246 3.02 -21.39 -36.58
C ASN C 246 3.90 -20.99 -37.76
N ILE C 247 4.42 -21.99 -38.47
CA ILE C 247 5.34 -21.76 -39.57
C ILE C 247 4.53 -21.24 -40.76
N THR C 248 3.26 -21.61 -40.82
CA THR C 248 2.36 -21.33 -41.93
C THR C 248 2.18 -19.84 -42.17
N ASN C 249 1.93 -19.06 -41.13
CA ASN C 249 1.75 -17.63 -41.30
C ASN C 249 3.11 -16.95 -41.43
N ASN C 250 3.27 -16.15 -42.47
CA ASN C 250 4.53 -15.43 -42.67
C ASN C 250 4.67 -14.26 -41.72
N ALA C 251 3.57 -13.78 -41.15
CA ALA C 251 3.62 -12.63 -40.24
C ALA C 251 3.78 -13.07 -38.78
N LYS C 252 4.75 -13.94 -38.53
CA LYS C 252 5.07 -14.39 -37.19
C LYS C 252 6.58 -14.45 -37.07
N ASN C 253 7.11 -13.87 -35.99
CA ASN C 253 8.54 -13.92 -35.78
C ASN C 253 8.96 -15.33 -35.40
N ILE C 254 10.19 -15.69 -35.75
CA ILE C 254 10.71 -17.02 -35.52
C ILE C 254 11.89 -16.91 -34.58
N LEU C 255 11.78 -17.54 -33.43
CA LEU C 255 12.87 -17.60 -32.48
C LEU C 255 13.76 -18.79 -32.81
N VAL C 256 15.04 -18.65 -32.54
CA VAL C 256 15.99 -19.74 -32.69
C VAL C 256 16.93 -19.69 -31.50
N GLN C 257 17.24 -20.86 -30.95
CA GLN C 257 18.07 -20.97 -29.76
C GLN C 257 19.34 -21.72 -30.13
N PHE C 258 20.46 -21.30 -29.56
CA PHE C 258 21.74 -21.89 -29.91
C PHE C 258 22.10 -23.03 -28.97
N ASN C 259 23.26 -23.60 -29.24
CA ASN C 259 23.92 -24.49 -28.31
C ASN C 259 25.40 -24.16 -28.17
N THR C 260 25.88 -23.12 -28.85
CA THR C 260 27.29 -22.81 -28.92
C THR C 260 27.51 -21.35 -28.56
N PRO C 261 28.28 -21.06 -27.54
CA PRO C 261 28.50 -19.67 -27.14
C PRO C 261 29.43 -18.92 -28.08
N VAL C 262 28.90 -18.43 -29.19
CA VAL C 262 29.70 -17.65 -30.12
C VAL C 262 30.00 -16.30 -29.48
N GLN C 263 31.21 -15.80 -29.67
CA GLN C 263 31.65 -14.59 -28.98
C GLN C 263 31.46 -13.36 -29.85
N ILE C 264 31.19 -12.23 -29.21
CA ILE C 264 31.18 -10.92 -29.86
C ILE C 264 32.12 -9.99 -29.12
N ASN C 265 33.35 -9.85 -29.60
CA ASN C 265 34.27 -8.89 -29.00
C ASN C 265 33.89 -7.48 -29.42
N CYS C 266 33.01 -6.82 -28.67
CA CYS C 266 32.67 -5.43 -28.94
C CYS C 266 33.58 -4.48 -28.20
N THR C 267 33.80 -3.31 -28.80
CA THR C 267 34.52 -2.24 -28.14
C THR C 267 34.15 -0.91 -28.75
N ARG C 268 34.49 0.15 -28.03
CA ARG C 268 34.45 1.51 -28.50
C ARG C 268 35.83 2.12 -28.33
N PRO C 269 36.40 2.73 -29.37
CA PRO C 269 37.84 3.02 -29.34
C PRO C 269 38.24 4.17 -28.44
N ASN C 270 37.46 5.24 -28.36
CA ASN C 270 37.99 6.51 -27.87
C ASN C 270 38.00 6.56 -26.35
N ASN C 271 38.54 7.66 -25.82
CA ASN C 271 38.79 7.75 -24.38
C ASN C 271 37.73 8.56 -23.65
N ASN C 272 37.04 9.46 -24.35
CA ASN C 272 35.75 10.02 -23.94
C ASN C 272 35.73 10.75 -22.61
N THR C 273 36.40 11.90 -22.52
CA THR C 273 36.49 12.69 -21.30
C THR C 273 35.12 13.28 -20.94
N ARG C 274 34.79 13.24 -19.66
CA ARG C 274 33.56 13.83 -19.14
C ARG C 274 33.80 15.30 -18.80
N LYS C 275 32.72 16.08 -18.77
CA LYS C 275 32.79 17.48 -18.40
C LYS C 275 31.54 17.82 -17.60
N SER C 276 31.72 18.21 -16.35
CA SER C 276 30.60 18.46 -15.46
C SER C 276 30.14 19.91 -15.54
N ILE C 277 28.82 20.10 -15.62
CA ILE C 277 28.22 21.42 -15.79
C ILE C 277 27.25 21.66 -14.64
N ARG C 278 27.34 22.84 -14.04
CA ARG C 278 26.40 23.26 -13.00
C ARG C 278 25.18 23.89 -13.64
N ILE C 279 24.00 23.44 -13.26
CA ILE C 279 22.75 23.95 -13.83
C ILE C 279 21.86 24.38 -12.68
N GLY C 280 21.74 25.68 -12.47
CA GLY C 280 20.82 26.23 -11.49
C GLY C 280 21.22 25.93 -10.07
N PRO C 281 20.32 25.28 -9.32
CA PRO C 281 20.69 24.72 -8.03
C PRO C 281 21.52 23.46 -8.18
N GLY C 282 21.71 22.70 -7.11
CA GLY C 282 22.65 21.59 -7.12
C GLY C 282 22.24 20.43 -8.01
N GLN C 283 22.27 20.69 -9.32
CA GLN C 283 21.93 19.73 -10.36
C GLN C 283 23.10 19.75 -11.35
N ALA C 284 24.04 18.84 -11.14
CA ALA C 284 25.16 18.75 -12.06
C ALA C 284 24.69 18.14 -13.38
N PHE C 285 25.41 18.47 -14.44
CA PHE C 285 25.11 17.92 -15.75
C PHE C 285 26.43 17.49 -16.38
N TYR C 286 26.44 16.31 -16.98
CA TYR C 286 27.65 15.73 -17.53
C TYR C 286 27.57 15.74 -19.05
N ALA C 287 28.53 16.42 -19.67
CA ALA C 287 28.63 16.49 -21.11
C ALA C 287 29.99 15.96 -21.53
N THR C 288 30.08 15.55 -22.78
CA THR C 288 31.32 14.99 -23.30
C THR C 288 32.34 16.10 -23.51
N GLY C 289 33.44 16.03 -22.79
CA GLY C 289 34.55 16.94 -23.01
C GLY C 289 35.31 16.57 -24.28
N ASP C 290 36.33 17.38 -24.57
CA ASP C 290 37.19 17.09 -25.72
C ASP C 290 38.05 15.88 -25.42
N ILE C 291 37.94 14.86 -26.27
CA ILE C 291 38.58 13.58 -26.06
C ILE C 291 40.08 13.69 -26.34
N ILE C 292 40.80 12.60 -26.03
CA ILE C 292 42.26 12.59 -26.14
C ILE C 292 42.70 12.77 -27.59
N GLY C 293 41.93 12.26 -28.54
CA GLY C 293 42.20 12.62 -29.91
C GLY C 293 42.58 11.50 -30.85
N ASP C 294 41.98 10.33 -30.68
CA ASP C 294 42.12 9.23 -31.62
C ASP C 294 40.71 8.77 -31.98
N ILE C 295 40.10 9.46 -32.95
CA ILE C 295 38.71 9.24 -33.30
C ILE C 295 38.68 8.08 -34.29
N ARG C 296 38.27 6.91 -33.81
CA ARG C 296 38.09 5.74 -34.65
C ARG C 296 36.64 5.30 -34.55
N GLN C 297 36.36 4.13 -35.12
CA GLN C 297 35.01 3.64 -35.23
C GLN C 297 34.73 2.57 -34.17
N ALA C 298 33.52 2.57 -33.65
CA ALA C 298 33.07 1.50 -32.77
C ALA C 298 32.75 0.26 -33.60
N HIS C 299 33.21 -0.90 -33.13
CA HIS C 299 33.11 -2.10 -33.94
C HIS C 299 33.09 -3.33 -33.04
N CYS C 300 32.63 -4.45 -33.61
CA CYS C 300 32.59 -5.72 -32.90
C CYS C 300 33.12 -6.81 -33.83
N ASN C 301 34.17 -7.50 -33.37
CA ASN C 301 34.80 -8.54 -34.19
C ASN C 301 34.12 -9.88 -33.97
N VAL C 302 33.77 -10.55 -35.06
CA VAL C 302 33.09 -11.85 -35.02
C VAL C 302 33.90 -12.81 -35.89
N SER C 303 34.18 -14.00 -35.37
CA SER C 303 34.92 -15.00 -36.13
C SER C 303 34.05 -15.60 -37.24
N LYS C 304 34.53 -15.47 -38.47
CA LYS C 304 33.74 -15.87 -39.63
C LYS C 304 33.58 -17.39 -39.73
N ALA C 305 34.54 -18.13 -39.20
CA ALA C 305 34.48 -19.59 -39.28
C ALA C 305 33.35 -20.13 -38.42
N THR C 306 33.34 -19.75 -37.14
CA THR C 306 32.33 -20.26 -36.21
C THR C 306 30.95 -19.76 -36.57
N TRP C 307 30.86 -18.54 -37.09
CA TRP C 307 29.59 -18.01 -37.56
C TRP C 307 29.08 -18.79 -38.76
N ASN C 308 29.99 -19.28 -39.60
CA ASN C 308 29.57 -20.07 -40.75
C ASN C 308 29.07 -21.44 -40.31
N GLU C 309 29.63 -21.98 -39.23
CA GLU C 309 29.23 -23.33 -38.82
C GLU C 309 27.88 -23.32 -38.13
N THR C 310 27.60 -22.24 -37.40
CA THR C 310 26.33 -22.13 -36.69
C THR C 310 25.16 -21.99 -37.66
N LEU C 311 25.37 -21.26 -38.75
CA LEU C 311 24.33 -21.12 -39.75
C LEU C 311 24.05 -22.43 -40.46
N GLY C 312 25.07 -23.27 -40.62
CA GLY C 312 24.87 -24.57 -41.22
C GLY C 312 24.02 -25.48 -40.37
N LYS C 313 24.20 -25.41 -39.05
CA LYS C 313 23.33 -26.18 -38.16
C LYS C 313 21.92 -25.63 -38.17
N VAL C 314 21.78 -24.32 -38.36
CA VAL C 314 20.48 -23.69 -38.38
C VAL C 314 19.71 -24.10 -39.63
N VAL C 315 20.38 -24.05 -40.78
CA VAL C 315 19.69 -24.32 -42.03
C VAL C 315 19.36 -25.80 -42.17
N LYS C 316 20.16 -26.66 -41.54
CA LYS C 316 19.91 -28.10 -41.66
C LYS C 316 18.69 -28.51 -40.84
N GLN C 317 18.40 -27.80 -39.77
CA GLN C 317 17.15 -28.03 -39.07
C GLN C 317 16.03 -27.12 -39.55
N LEU C 318 16.35 -26.08 -40.31
CA LEU C 318 15.33 -25.33 -41.01
C LEU C 318 14.72 -26.16 -42.12
N ARG C 319 15.51 -27.03 -42.75
CA ARG C 319 15.01 -27.93 -43.78
C ARG C 319 14.15 -29.04 -43.20
N LYS C 320 14.10 -29.19 -41.88
CA LYS C 320 13.15 -30.13 -41.29
C LYS C 320 11.73 -29.63 -41.44
N HIS C 321 11.53 -28.32 -41.39
CA HIS C 321 10.17 -27.78 -41.37
C HIS C 321 9.57 -27.73 -42.76
N PHE C 322 10.41 -27.62 -43.79
CA PHE C 322 9.93 -27.57 -45.17
C PHE C 322 11.08 -27.94 -46.08
N GLY C 323 10.76 -28.19 -47.35
CA GLY C 323 11.63 -28.77 -48.38
C GLY C 323 13.06 -28.27 -48.46
N ASN C 324 13.99 -29.20 -48.67
CA ASN C 324 15.40 -28.93 -48.49
C ASN C 324 16.00 -28.17 -49.66
N ASN C 325 15.57 -26.92 -49.87
CA ASN C 325 15.95 -26.24 -51.10
C ASN C 325 16.00 -24.73 -50.89
N THR C 326 17.09 -24.13 -51.39
CA THR C 326 17.19 -22.70 -51.76
C THR C 326 16.92 -21.76 -50.58
N ILE C 327 17.85 -21.76 -49.64
CA ILE C 327 17.79 -20.88 -48.48
C ILE C 327 18.68 -19.67 -48.75
N ILE C 328 18.09 -18.47 -48.64
CA ILE C 328 18.80 -17.21 -48.79
C ILE C 328 18.49 -16.36 -47.56
N ARG C 329 19.51 -15.66 -47.06
CA ARG C 329 19.34 -14.71 -45.97
C ARG C 329 19.65 -13.30 -46.46
N PHE C 330 19.01 -12.32 -45.83
CA PHE C 330 19.03 -10.96 -46.32
C PHE C 330 19.32 -9.97 -45.20
N ALA C 331 19.60 -8.72 -45.59
CA ALA C 331 19.87 -7.64 -44.62
C ALA C 331 18.58 -7.37 -43.83
N ASN C 332 18.72 -6.89 -42.59
CA ASN C 332 17.49 -6.60 -41.80
C ASN C 332 16.62 -5.70 -42.69
N SER C 333 15.29 -5.85 -42.60
CA SER C 333 14.37 -5.13 -43.51
C SER C 333 14.66 -3.63 -43.51
N SER C 334 14.72 -3.06 -44.71
CA SER C 334 15.00 -1.62 -44.95
C SER C 334 13.82 -0.80 -44.41
N GLY C 335 14.11 0.42 -43.92
CA GLY C 335 13.07 1.29 -43.34
C GLY C 335 12.95 1.06 -41.84
N GLY C 336 12.00 1.75 -41.20
CA GLY C 336 11.83 1.64 -39.74
C GLY C 336 12.83 2.52 -38.99
N ASP C 337 12.86 2.42 -37.67
CA ASP C 337 13.80 3.24 -36.85
C ASP C 337 14.93 2.33 -36.34
N LEU C 338 16.18 2.72 -36.61
CA LEU C 338 17.33 1.93 -36.21
C LEU C 338 16.89 0.64 -35.55
N GLU C 339 16.06 0.73 -34.51
CA GLU C 339 15.76 -0.35 -33.58
C GLU C 339 15.05 -1.54 -34.22
N VAL C 340 14.55 -1.39 -35.44
CA VAL C 340 14.06 -2.53 -36.22
C VAL C 340 15.07 -3.02 -37.24
N THR C 341 16.17 -2.29 -37.45
CA THR C 341 17.11 -2.64 -38.49
C THR C 341 18.48 -3.01 -37.95
N THR C 342 19.00 -2.28 -36.99
CA THR C 342 20.31 -2.59 -36.43
C THR C 342 20.17 -3.41 -35.16
N HIS C 343 21.15 -4.29 -34.94
CA HIS C 343 21.28 -4.98 -33.67
C HIS C 343 21.69 -3.97 -32.61
N SER C 344 20.77 -3.64 -31.72
CA SER C 344 20.95 -2.57 -30.77
C SER C 344 20.98 -3.14 -29.37
N PHE C 345 21.80 -2.53 -28.52
CA PHE C 345 22.04 -3.00 -27.17
C PHE C 345 22.82 -1.91 -26.45
N ASN C 346 23.18 -2.20 -25.21
CA ASN C 346 24.10 -1.34 -24.47
C ASN C 346 25.28 -2.18 -24.00
N CYS C 347 26.41 -1.51 -23.81
CA CYS C 347 27.63 -2.17 -23.33
C CYS C 347 28.22 -1.28 -22.25
N GLY C 348 27.98 -1.65 -20.99
CA GLY C 348 28.49 -0.87 -19.88
C GLY C 348 27.86 0.50 -19.75
N GLY C 349 26.56 0.60 -20.03
CA GLY C 349 25.92 1.90 -20.04
C GLY C 349 26.34 2.73 -21.23
N GLU C 350 26.46 2.11 -22.40
CA GLU C 350 26.78 2.83 -23.62
C GLU C 350 26.13 2.09 -24.77
N PHE C 351 25.29 2.79 -25.52
CA PHE C 351 24.24 2.16 -26.31
C PHE C 351 24.68 2.09 -27.77
N PHE C 352 24.79 0.87 -28.28
CA PHE C 352 25.39 0.64 -29.58
C PHE C 352 24.34 0.34 -30.63
N TYR C 353 24.67 0.68 -31.88
CA TYR C 353 23.79 0.45 -33.02
C TYR C 353 24.69 0.03 -34.17
N CYS C 354 24.67 -1.26 -34.50
CA CYS C 354 25.63 -1.85 -35.43
C CYS C 354 24.90 -2.27 -36.70
N ASN C 355 25.36 -1.78 -37.85
CA ASN C 355 24.78 -2.20 -39.12
C ASN C 355 25.21 -3.63 -39.35
N THR C 356 24.37 -4.57 -38.92
CA THR C 356 24.65 -5.99 -39.11
C THR C 356 24.04 -6.49 -40.43
N SER C 357 24.33 -5.74 -41.48
CA SER C 357 24.09 -6.25 -42.83
C SER C 357 24.99 -7.42 -43.13
N GLY C 358 26.28 -7.31 -42.79
CA GLY C 358 27.27 -8.29 -43.16
C GLY C 358 27.23 -9.58 -42.38
N LEU C 359 26.07 -10.21 -42.33
CA LEU C 359 25.94 -11.53 -41.73
C LEU C 359 25.04 -12.44 -42.53
N PHE C 360 24.46 -11.97 -43.64
CA PHE C 360 23.36 -12.67 -44.29
C PHE C 360 23.57 -12.71 -45.80
N ASN C 361 24.28 -13.71 -46.27
CA ASN C 361 24.29 -14.09 -47.66
C ASN C 361 23.59 -15.44 -47.81
N SER C 362 23.41 -15.88 -49.06
CA SER C 362 22.71 -17.12 -49.34
C SER C 362 23.54 -18.34 -48.96
N THR C 363 23.18 -19.00 -47.88
CA THR C 363 23.81 -20.26 -47.51
C THR C 363 22.87 -21.38 -47.95
N TRP C 364 23.13 -21.93 -49.13
CA TRP C 364 22.48 -23.15 -49.55
C TRP C 364 23.40 -23.94 -50.46
N ILE C 365 23.40 -25.26 -50.29
CA ILE C 365 24.25 -26.15 -51.06
C ILE C 365 23.44 -27.32 -51.59
N SER C 381 37.81 -13.30 -39.24
CA SER C 381 37.22 -12.30 -38.37
C SER C 381 36.38 -11.29 -39.15
N ILE C 382 35.19 -10.98 -38.64
CA ILE C 382 34.28 -10.01 -39.26
C ILE C 382 34.07 -8.86 -38.29
N THR C 383 34.37 -7.65 -38.75
CA THR C 383 34.02 -6.46 -38.00
C THR C 383 32.63 -5.99 -38.41
N LEU C 384 32.06 -5.11 -37.58
CA LEU C 384 30.72 -4.61 -37.83
C LEU C 384 30.65 -3.14 -37.47
N PRO C 385 30.10 -2.30 -38.35
CA PRO C 385 30.12 -0.84 -38.12
C PRO C 385 29.08 -0.44 -37.10
N CYS C 386 29.53 -0.03 -35.91
CA CYS C 386 28.65 0.26 -34.80
C CYS C 386 28.55 1.75 -34.58
N ARG C 387 27.33 2.28 -34.62
CA ARG C 387 27.06 3.67 -34.29
C ARG C 387 26.60 3.78 -32.86
N ILE C 388 26.61 5.01 -32.35
CA ILE C 388 26.28 5.28 -30.95
C ILE C 388 25.30 6.43 -30.91
N LYS C 389 24.13 6.18 -30.33
CA LYS C 389 23.27 7.26 -29.89
C LYS C 389 23.57 7.57 -28.43
N GLN C 390 23.29 8.80 -28.03
CA GLN C 390 23.38 9.14 -26.62
C GLN C 390 22.03 9.48 -26.03
N ILE C 391 21.27 10.35 -26.67
CA ILE C 391 19.87 10.54 -26.32
C ILE C 391 19.11 9.33 -26.84
N ILE C 392 18.43 8.64 -25.95
CA ILE C 392 17.68 7.46 -26.31
C ILE C 392 16.21 7.76 -26.12
N ASN C 393 15.40 7.21 -27.00
CA ASN C 393 13.96 7.17 -26.75
C ASN C 393 13.66 6.23 -25.59
N MET C 394 12.42 6.29 -25.11
CA MET C 394 11.89 5.21 -24.30
C MET C 394 12.01 3.93 -25.10
N TRP C 395 12.70 2.94 -24.53
CA TRP C 395 13.19 1.82 -25.30
C TRP C 395 12.10 0.91 -25.82
N GLN C 396 10.85 1.13 -25.43
CA GLN C 396 9.73 0.63 -26.20
C GLN C 396 8.82 1.72 -26.74
N ARG C 397 8.50 2.72 -25.93
CA ARG C 397 7.39 3.61 -26.21
C ARG C 397 7.84 4.90 -26.89
N ILE C 398 6.85 5.69 -27.27
CA ILE C 398 7.03 7.06 -27.72
C ILE C 398 6.66 7.97 -26.56
N GLY C 399 7.28 9.14 -26.49
CA GLY C 399 6.98 10.04 -25.40
C GLY C 399 8.22 10.46 -24.63
N GLN C 400 8.33 10.05 -23.38
CA GLN C 400 9.45 10.44 -22.55
C GLN C 400 10.73 9.76 -23.02
N ALA C 401 11.85 10.41 -22.77
CA ALA C 401 13.11 9.96 -23.33
C ALA C 401 14.23 10.29 -22.36
N MET C 402 15.18 9.39 -22.25
CA MET C 402 16.27 9.54 -21.31
C MET C 402 17.53 10.00 -22.05
N TYR C 403 18.47 10.50 -21.27
CA TYR C 403 19.75 10.95 -21.80
C TYR C 403 20.85 10.19 -21.09
N ALA C 404 21.63 9.45 -21.85
CA ALA C 404 22.71 8.71 -21.25
C ALA C 404 23.87 9.64 -20.94
N PRO C 405 24.46 9.57 -19.76
CA PRO C 405 25.68 10.28 -19.50
C PRO C 405 26.84 9.59 -20.20
N PRO C 406 27.93 10.30 -20.48
CA PRO C 406 29.09 9.64 -21.09
C PRO C 406 29.85 8.80 -20.09
N ILE C 407 30.61 7.86 -20.63
CA ILE C 407 31.45 6.98 -19.84
C ILE C 407 32.90 7.35 -20.12
N GLN C 408 33.68 7.52 -19.05
CA GLN C 408 35.09 7.82 -19.22
C GLN C 408 35.85 6.58 -19.64
N GLY C 409 37.03 6.80 -20.22
CA GLY C 409 37.89 5.69 -20.58
C GLY C 409 37.51 5.01 -21.87
N VAL C 410 38.00 3.80 -22.06
CA VAL C 410 37.78 3.03 -23.27
C VAL C 410 36.82 1.90 -22.94
N ILE C 411 35.79 1.74 -23.77
CA ILE C 411 34.73 0.77 -23.54
C ILE C 411 35.01 -0.48 -24.36
N ARG C 412 35.00 -1.63 -23.70
CA ARG C 412 35.14 -2.92 -24.36
C ARG C 412 34.42 -3.96 -23.54
N CYS C 413 33.55 -4.76 -24.17
CA CYS C 413 32.85 -5.84 -23.49
C CYS C 413 32.54 -6.94 -24.47
N VAL C 414 32.40 -8.16 -23.95
CA VAL C 414 32.25 -9.33 -24.80
C VAL C 414 31.52 -10.44 -24.03
N SER C 415 30.49 -11.01 -24.65
CA SER C 415 29.90 -12.26 -24.20
C SER C 415 29.10 -12.89 -25.33
N ASN C 416 28.43 -13.98 -24.99
CA ASN C 416 27.90 -14.94 -25.94
C ASN C 416 26.61 -14.46 -26.61
N ILE C 417 26.27 -15.06 -27.75
CA ILE C 417 24.93 -14.97 -28.31
C ILE C 417 24.27 -16.31 -28.05
N THR C 418 22.95 -16.34 -28.14
CA THR C 418 22.17 -17.54 -27.91
C THR C 418 21.10 -17.71 -28.99
N GLY C 419 20.91 -16.72 -29.84
CA GLY C 419 20.05 -16.90 -30.98
C GLY C 419 19.57 -15.59 -31.56
N LEU C 420 18.69 -15.73 -32.55
CA LEU C 420 18.25 -14.65 -33.42
C LEU C 420 16.74 -14.61 -33.42
N ILE C 421 16.20 -13.58 -34.09
CA ILE C 421 14.78 -13.49 -34.37
C ILE C 421 14.62 -13.30 -35.87
N LEU C 422 14.02 -14.27 -36.53
CA LEU C 422 13.94 -14.26 -37.98
C LEU C 422 12.49 -14.18 -38.44
N THR C 423 12.32 -13.77 -39.69
CA THR C 423 11.02 -13.67 -40.31
C THR C 423 11.06 -14.38 -41.67
N ARG C 424 10.05 -15.19 -41.93
CA ARG C 424 9.86 -15.77 -43.25
C ARG C 424 9.07 -14.77 -44.07
N ASP C 425 9.56 -14.48 -45.28
CA ASP C 425 8.90 -13.46 -46.10
C ASP C 425 7.74 -14.06 -46.87
N GLY C 426 7.94 -15.21 -47.49
CA GLY C 426 6.88 -15.87 -48.24
C GLY C 426 6.60 -15.19 -49.56
N GLY C 427 5.39 -14.64 -49.71
CA GLY C 427 5.04 -13.99 -50.96
C GLY C 427 4.77 -14.99 -52.06
N SER C 428 5.23 -14.67 -53.26
CA SER C 428 4.99 -15.50 -54.43
C SER C 428 6.00 -16.63 -54.58
N THR C 429 6.92 -16.78 -53.63
CA THR C 429 7.87 -17.89 -53.68
C THR C 429 7.16 -19.18 -53.32
N ASN C 430 6.51 -19.79 -54.31
CA ASN C 430 5.67 -20.96 -54.06
C ASN C 430 6.50 -22.21 -53.76
N SER C 431 7.69 -22.32 -54.33
CA SER C 431 8.47 -23.54 -54.14
C SER C 431 9.89 -23.28 -53.67
N THR C 432 10.53 -22.24 -54.19
CA THR C 432 11.96 -22.10 -54.01
C THR C 432 12.31 -20.72 -53.48
N THR C 433 13.62 -20.41 -53.52
CA THR C 433 14.27 -19.18 -53.06
C THR C 433 13.71 -18.65 -51.74
N GLU C 434 13.89 -19.47 -50.70
CA GLU C 434 13.35 -19.10 -49.41
C GLU C 434 14.23 -18.04 -48.74
N THR C 435 13.60 -16.94 -48.34
CA THR C 435 14.28 -15.74 -47.91
C THR C 435 13.99 -15.45 -46.45
N PHE C 436 15.03 -15.17 -45.69
CA PHE C 436 14.92 -14.82 -44.28
C PHE C 436 15.63 -13.51 -44.00
N ARG C 437 15.03 -12.70 -43.15
CA ARG C 437 15.66 -11.47 -42.70
C ARG C 437 15.51 -11.36 -41.19
N PRO C 438 16.53 -10.87 -40.51
CA PRO C 438 16.50 -10.87 -39.04
C PRO C 438 15.57 -9.82 -38.45
N GLY C 439 14.28 -10.11 -38.43
CA GLY C 439 13.30 -9.19 -37.88
C GLY C 439 13.29 -9.14 -36.37
N GLY C 440 12.23 -8.56 -35.82
CA GLY C 440 12.06 -8.53 -34.39
C GLY C 440 12.19 -7.14 -33.79
N GLY C 441 11.08 -6.58 -33.34
CA GLY C 441 11.08 -5.27 -32.73
C GLY C 441 10.54 -5.28 -31.32
N ASP C 442 9.71 -6.28 -31.00
CA ASP C 442 9.15 -6.39 -29.68
C ASP C 442 10.21 -6.84 -28.69
N MET C 443 9.95 -6.55 -27.41
CA MET C 443 10.83 -7.01 -26.35
C MET C 443 10.34 -8.27 -25.67
N ARG C 444 9.05 -8.59 -25.79
CA ARG C 444 8.50 -9.75 -25.12
C ARG C 444 9.06 -11.05 -25.67
N ASP C 445 9.51 -11.04 -26.92
CA ASP C 445 10.05 -12.25 -27.52
C ASP C 445 11.43 -12.59 -26.97
N ASN C 446 12.11 -11.63 -26.34
CA ASN C 446 13.31 -11.96 -25.60
C ASN C 446 13.00 -12.90 -24.45
N TRP C 447 12.09 -12.49 -23.58
CA TRP C 447 11.76 -13.30 -22.42
C TRP C 447 10.85 -14.46 -22.76
N ARG C 448 10.25 -14.47 -23.95
CA ARG C 448 9.57 -15.67 -24.39
C ARG C 448 10.57 -16.77 -24.67
N SER C 449 11.80 -16.43 -25.04
CA SER C 449 12.83 -17.41 -25.29
C SER C 449 13.42 -17.99 -24.02
N GLU C 450 13.01 -17.51 -22.84
CA GLU C 450 13.51 -18.09 -21.60
C GLU C 450 12.42 -18.54 -20.66
N LEU C 451 11.19 -18.04 -20.79
CA LEU C 451 10.08 -18.52 -19.98
C LEU C 451 9.26 -19.56 -20.71
N TYR C 452 9.81 -20.12 -21.78
CA TYR C 452 9.09 -21.16 -22.52
C TYR C 452 8.97 -22.44 -21.73
N LYS C 453 9.98 -22.77 -20.93
CA LYS C 453 10.02 -24.02 -20.20
C LYS C 453 9.53 -23.86 -18.76
N TYR C 454 8.61 -22.95 -18.54
CA TYR C 454 8.05 -22.73 -17.22
C TYR C 454 6.55 -22.52 -17.33
N LYS C 455 5.83 -22.91 -16.29
CA LYS C 455 4.41 -22.66 -16.24
C LYS C 455 3.98 -22.62 -14.78
N VAL C 456 2.97 -21.80 -14.51
CA VAL C 456 2.46 -21.59 -13.16
C VAL C 456 1.10 -22.27 -13.04
N VAL C 457 0.87 -22.93 -11.92
CA VAL C 457 -0.38 -23.63 -11.66
C VAL C 457 -0.82 -23.33 -10.24
N LYS C 458 -2.13 -23.16 -10.06
CA LYS C 458 -2.67 -23.09 -8.72
C LYS C 458 -2.79 -24.49 -8.15
N ILE C 459 -2.96 -24.58 -6.84
CA ILE C 459 -3.04 -25.86 -6.16
C ILE C 459 -4.41 -25.98 -5.53
N GLU C 460 -5.11 -27.08 -5.81
CA GLU C 460 -6.46 -27.29 -5.31
C GLU C 460 -6.44 -28.46 -4.34
N PRO C 461 -6.20 -28.23 -3.06
CA PRO C 461 -5.97 -29.33 -2.13
C PRO C 461 -7.24 -30.05 -1.67
N LEU C 462 -8.38 -29.83 -2.28
CA LEU C 462 -9.63 -30.41 -1.81
C LEU C 462 -10.11 -31.44 -2.82
N GLY C 463 -10.17 -32.69 -2.40
CA GLY C 463 -10.61 -33.77 -3.28
C GLY C 463 -11.51 -34.73 -2.54
N VAL C 464 -12.41 -35.35 -3.29
CA VAL C 464 -13.38 -36.27 -2.73
C VAL C 464 -13.30 -37.60 -3.47
N ALA C 465 -13.66 -38.67 -2.78
CA ALA C 465 -13.65 -40.00 -3.34
C ALA C 465 -14.59 -40.87 -2.52
N PRO C 466 -15.27 -41.84 -3.13
CA PRO C 466 -16.05 -42.79 -2.36
C PRO C 466 -15.21 -43.98 -1.89
N THR C 467 -15.42 -44.36 -0.62
CA THR C 467 -14.77 -45.51 -0.02
C THR C 467 -15.79 -46.32 0.76
N ARG C 468 -15.29 -47.27 1.55
CA ARG C 468 -16.13 -48.15 2.34
C ARG C 468 -16.29 -47.71 3.79
N CYS C 469 -15.78 -46.54 4.14
CA CYS C 469 -15.93 -46.07 5.51
C CYS C 469 -17.22 -45.27 5.66
N LYS C 470 -17.81 -45.34 6.84
CA LYS C 470 -18.98 -44.55 7.16
C LYS C 470 -18.85 -44.10 8.62
N ARG C 471 -19.40 -42.91 8.90
CA ARG C 471 -19.30 -42.36 10.24
C ARG C 471 -20.16 -43.14 11.22
N ARG C 472 -19.69 -43.21 12.46
CA ARG C 472 -20.43 -43.87 13.54
C ARG C 472 -21.31 -42.82 14.20
N VAL C 473 -22.57 -42.76 13.76
CA VAL C 473 -23.50 -41.72 14.23
C VAL C 473 -23.92 -42.02 15.66
N VAL C 474 -23.72 -41.04 16.55
CA VAL C 474 -24.13 -41.16 17.93
C VAL C 474 -25.54 -40.62 18.10
N PHE D 11 7.13 -32.76 -1.80
CA PHE D 11 6.14 -31.84 -2.35
C PHE D 11 5.78 -32.24 -3.76
N LEU D 12 4.51 -32.57 -3.96
CA LEU D 12 3.94 -32.97 -5.25
C LEU D 12 4.62 -34.21 -5.82
N GLY D 13 5.19 -35.04 -4.95
CA GLY D 13 6.11 -36.08 -5.39
C GLY D 13 5.46 -37.23 -6.12
N ALA D 14 4.16 -37.41 -5.96
CA ALA D 14 3.44 -38.47 -6.66
C ALA D 14 2.14 -37.92 -7.23
N ALA D 15 2.19 -36.71 -7.79
CA ALA D 15 1.03 -36.18 -8.47
C ALA D 15 0.79 -36.89 -9.79
N GLY D 16 1.86 -37.27 -10.48
CA GLY D 16 1.73 -38.00 -11.73
C GLY D 16 1.27 -39.43 -11.56
N SER D 17 1.28 -39.95 -10.35
CA SER D 17 0.85 -41.29 -10.06
C SER D 17 -0.66 -41.42 -10.14
N THR D 18 -1.12 -42.66 -10.30
CA THR D 18 -2.54 -42.97 -10.15
C THR D 18 -2.94 -42.87 -8.68
N MET D 19 -4.25 -42.88 -8.41
CA MET D 19 -4.72 -42.79 -7.04
C MET D 19 -4.37 -44.02 -6.23
N GLY D 20 -4.16 -45.15 -6.90
CA GLY D 20 -3.59 -46.31 -6.23
C GLY D 20 -2.16 -46.05 -5.80
N ALA D 21 -1.37 -45.46 -6.68
CA ALA D 21 -0.02 -45.01 -6.32
C ALA D 21 -0.04 -43.60 -5.75
N ALA D 22 -1.22 -43.03 -5.55
CA ALA D 22 -1.41 -41.90 -4.65
C ALA D 22 -2.23 -42.30 -3.43
N SER D 23 -2.50 -43.59 -3.28
CA SER D 23 -2.91 -44.08 -1.96
C SER D 23 -1.75 -44.06 -0.99
N MET D 24 -0.51 -44.01 -1.49
CA MET D 24 0.60 -43.71 -0.61
C MET D 24 0.68 -42.23 -0.28
N THR D 25 0.12 -41.35 -1.12
CA THR D 25 0.11 -39.94 -0.79
C THR D 25 -0.79 -39.68 0.41
N LEU D 26 -1.95 -40.33 0.47
CA LEU D 26 -2.75 -40.21 1.67
C LEU D 26 -2.18 -41.01 2.83
N THR D 27 -1.29 -41.97 2.55
CA THR D 27 -0.55 -42.63 3.63
C THR D 27 0.47 -41.68 4.26
N VAL D 28 0.91 -40.67 3.52
CA VAL D 28 1.82 -39.66 4.03
C VAL D 28 1.01 -38.36 4.13
N GLN D 29 1.66 -37.24 4.46
CA GLN D 29 0.96 -36.00 4.80
C GLN D 29 0.29 -35.35 3.58
N ALA D 30 -0.62 -36.09 2.94
CA ALA D 30 -1.17 -35.76 1.62
C ALA D 30 -0.06 -35.39 0.62
N ARG D 31 1.07 -36.12 0.71
CA ARG D 31 2.34 -35.82 0.01
C ARG D 31 2.81 -34.38 0.28
N ASN D 32 2.68 -33.98 1.55
CA ASN D 32 3.18 -32.71 2.10
C ASN D 32 2.54 -31.50 1.42
N LEU D 33 1.30 -31.66 0.97
CA LEU D 33 0.62 -30.58 0.25
C LEU D 33 0.19 -29.45 1.18
N LEU D 34 -0.41 -29.75 2.33
CA LEU D 34 -0.91 -28.68 3.19
C LEU D 34 0.20 -27.86 3.82
N SER D 35 1.25 -28.50 4.33
CA SER D 35 2.37 -27.71 4.82
C SER D 35 3.08 -27.00 3.68
N GLY D 36 3.07 -27.59 2.49
CA GLY D 36 3.55 -26.92 1.31
C GLY D 36 2.77 -25.69 0.92
N ILE D 37 1.48 -25.63 1.27
CA ILE D 37 0.70 -24.42 1.06
C ILE D 37 1.24 -23.30 1.94
N VAL D 38 1.70 -23.64 3.14
CA VAL D 38 2.06 -22.61 4.08
C VAL D 38 3.57 -22.44 4.22
N GLN D 39 4.38 -23.48 3.94
CA GLN D 39 5.82 -23.28 4.01
C GLN D 39 6.38 -22.48 2.83
N GLN D 40 5.60 -22.30 1.76
CA GLN D 40 6.02 -21.41 0.69
C GLN D 40 5.96 -19.94 1.11
N GLN D 41 5.24 -19.62 2.18
CA GLN D 41 5.21 -18.27 2.69
C GLN D 41 6.51 -17.87 3.38
N SER D 42 7.35 -18.84 3.73
CA SER D 42 8.51 -18.55 4.58
C SER D 42 9.59 -17.74 3.87
N ASN D 43 9.60 -17.73 2.53
CA ASN D 43 10.55 -16.88 1.82
C ASN D 43 10.19 -15.41 1.98
N LEU D 44 8.92 -15.07 1.75
CA LEU D 44 8.44 -13.72 2.00
C LEU D 44 8.24 -13.44 3.48
N LEU D 45 8.20 -14.47 4.32
CA LEU D 45 8.28 -14.24 5.76
C LEU D 45 9.69 -13.83 6.17
N ARG D 46 10.70 -14.25 5.42
CA ARG D 46 12.08 -14.05 5.85
C ARG D 46 12.65 -12.68 5.50
N ALA D 47 12.29 -12.10 4.36
CA ALA D 47 12.70 -10.74 4.04
C ALA D 47 11.53 -9.89 3.52
N PRO D 48 10.61 -9.46 4.41
CA PRO D 48 9.79 -8.29 4.06
C PRO D 48 10.28 -6.99 4.68
N GLU D 49 11.22 -7.08 5.62
CA GLU D 49 11.60 -5.96 6.46
C GLU D 49 13.11 -5.82 6.52
N ALA D 50 13.82 -6.93 6.28
CA ALA D 50 15.28 -6.98 6.41
C ALA D 50 15.99 -6.11 5.39
N GLN D 51 15.31 -5.70 4.32
CA GLN D 51 15.81 -4.64 3.47
C GLN D 51 15.82 -3.33 4.23
N GLN D 52 16.99 -2.70 4.30
CA GLN D 52 17.15 -1.38 4.91
C GLN D 52 17.50 -0.42 3.78
N HIS D 53 16.46 0.08 3.12
CA HIS D 53 16.60 1.04 2.04
C HIS D 53 15.48 2.07 2.17
N LEU D 54 15.78 3.30 1.80
CA LEU D 54 14.75 4.33 1.88
C LEU D 54 13.86 4.29 0.65
N LEU D 55 14.42 4.67 -0.52
CA LEU D 55 13.90 4.49 -1.88
C LEU D 55 12.60 5.23 -2.19
N LYS D 56 11.97 5.83 -1.17
CA LYS D 56 10.84 6.76 -1.24
C LYS D 56 9.56 6.19 -1.85
N LEU D 57 9.57 4.93 -2.29
CA LEU D 57 8.46 4.39 -3.09
C LEU D 57 8.64 2.88 -3.19
N THR D 58 7.51 2.18 -3.29
CA THR D 58 7.50 0.72 -3.25
C THR D 58 6.72 0.18 -4.44
N VAL D 59 7.39 -0.58 -5.30
CA VAL D 59 6.70 -1.27 -6.38
C VAL D 59 6.04 -2.56 -5.88
N TRP D 60 6.74 -3.31 -5.03
CA TRP D 60 6.21 -4.53 -4.45
C TRP D 60 5.47 -4.29 -3.16
N GLY D 61 5.26 -3.02 -2.79
CA GLY D 61 4.51 -2.71 -1.59
C GLY D 61 3.06 -3.14 -1.64
N ILE D 62 2.52 -3.29 -2.85
CA ILE D 62 1.19 -3.85 -3.01
C ILE D 62 1.24 -5.22 -3.67
N LYS D 63 2.15 -5.45 -4.62
CA LYS D 63 2.15 -6.67 -5.40
C LYS D 63 2.49 -7.88 -4.54
N GLN D 64 3.39 -7.72 -3.57
CA GLN D 64 3.57 -8.77 -2.59
C GLN D 64 2.37 -8.87 -1.67
N LEU D 65 1.86 -7.72 -1.22
CA LEU D 65 0.81 -7.72 -0.20
C LEU D 65 -0.51 -8.21 -0.78
N GLN D 66 -0.76 -7.95 -2.05
CA GLN D 66 -1.94 -8.52 -2.68
C GLN D 66 -1.80 -10.02 -2.83
N ALA D 67 -0.60 -10.47 -3.18
CA ALA D 67 -0.35 -11.90 -3.31
C ALA D 67 -0.31 -12.58 -1.94
N ARG D 68 0.08 -11.84 -0.91
CA ARG D 68 0.19 -12.43 0.41
C ARG D 68 -1.17 -12.73 1.00
N VAL D 69 -2.09 -11.78 0.93
CA VAL D 69 -3.41 -12.02 1.49
C VAL D 69 -4.28 -12.84 0.55
N LEU D 70 -3.84 -13.03 -0.69
CA LEU D 70 -4.57 -13.95 -1.57
C LEU D 70 -4.39 -15.38 -1.11
N ALA D 71 -3.19 -15.70 -0.62
CA ALA D 71 -2.94 -17.06 -0.16
C ALA D 71 -3.63 -17.32 1.17
N VAL D 72 -3.87 -16.27 1.95
CA VAL D 72 -4.51 -16.46 3.24
C VAL D 72 -5.99 -16.76 3.06
N GLU D 73 -6.68 -15.99 2.23
CA GLU D 73 -8.11 -16.17 2.04
C GLU D 73 -8.41 -17.49 1.33
N ARG D 74 -7.59 -17.84 0.34
CA ARG D 74 -7.69 -19.15 -0.25
C ARG D 74 -7.32 -20.24 0.74
N TYR D 75 -6.34 -19.96 1.60
CA TYR D 75 -5.94 -20.90 2.65
C TYR D 75 -6.87 -20.88 3.84
N LEU D 76 -7.95 -20.11 3.81
CA LEU D 76 -8.94 -20.12 4.86
C LEU D 76 -10.31 -20.56 4.40
N ARG D 77 -10.58 -20.51 3.09
CA ARG D 77 -11.87 -20.99 2.60
C ARG D 77 -11.99 -22.50 2.76
N ASP D 78 -10.87 -23.21 2.66
CA ASP D 78 -10.92 -24.65 2.85
C ASP D 78 -11.07 -24.99 4.32
N GLN D 79 -10.37 -24.27 5.20
CA GLN D 79 -10.54 -24.49 6.63
C GLN D 79 -11.94 -24.11 7.08
N GLN D 80 -12.55 -23.12 6.41
CA GLN D 80 -13.95 -22.82 6.67
C GLN D 80 -14.84 -23.91 6.08
N LEU D 81 -14.42 -24.52 4.97
CA LEU D 81 -15.25 -25.57 4.37
C LEU D 81 -15.11 -26.89 5.10
N LEU D 82 -13.93 -27.18 5.66
CA LEU D 82 -13.83 -28.39 6.46
C LEU D 82 -14.52 -28.22 7.80
N GLY D 83 -14.64 -26.98 8.29
CA GLY D 83 -15.41 -26.75 9.49
C GLY D 83 -16.89 -26.95 9.28
N ILE D 84 -17.39 -26.61 8.09
CA ILE D 84 -18.82 -26.74 7.82
C ILE D 84 -19.23 -28.17 7.55
N TRP D 85 -18.28 -29.07 7.31
CA TRP D 85 -18.57 -30.47 7.11
C TRP D 85 -18.12 -31.32 8.29
N GLY D 86 -17.86 -30.68 9.44
CA GLY D 86 -17.44 -31.40 10.63
C GLY D 86 -16.10 -32.06 10.51
N CYS D 87 -15.27 -31.62 9.56
CA CYS D 87 -14.06 -32.33 9.21
C CYS D 87 -12.83 -31.47 9.50
N SER D 88 -12.98 -30.47 10.35
CA SER D 88 -11.88 -29.57 10.68
C SER D 88 -10.85 -30.31 11.51
N GLY D 89 -9.61 -30.30 11.05
CA GLY D 89 -8.55 -31.01 11.73
C GLY D 89 -8.29 -32.36 11.11
N LYS D 90 -9.35 -33.05 10.72
CA LYS D 90 -9.22 -34.32 10.03
C LYS D 90 -8.82 -34.07 8.59
N LEU D 91 -7.64 -34.55 8.21
CA LEU D 91 -7.25 -34.47 6.81
C LEU D 91 -8.08 -35.39 5.94
N ILE D 92 -8.47 -36.55 6.48
CA ILE D 92 -9.31 -37.50 5.80
C ILE D 92 -10.49 -37.80 6.70
N CYS D 93 -11.70 -37.62 6.18
CA CYS D 93 -12.87 -38.07 6.92
C CYS D 93 -13.96 -38.44 5.93
N CYS D 94 -14.76 -39.42 6.32
CA CYS D 94 -15.92 -39.86 5.56
C CYS D 94 -17.15 -39.11 6.04
N THR D 95 -18.27 -39.32 5.37
CA THR D 95 -19.48 -38.58 5.65
C THR D 95 -20.60 -39.54 6.04
N ASN D 96 -21.79 -38.97 6.19
CA ASN D 96 -23.02 -39.76 6.25
C ASN D 96 -23.75 -39.79 4.92
N VAL D 97 -23.52 -38.80 4.07
CA VAL D 97 -23.98 -38.86 2.69
C VAL D 97 -23.25 -40.01 1.99
N PRO D 98 -23.97 -40.94 1.38
CA PRO D 98 -23.31 -42.06 0.71
C PRO D 98 -22.82 -41.64 -0.66
N TRP D 99 -22.18 -42.57 -1.36
CA TRP D 99 -21.97 -42.35 -2.78
C TRP D 99 -23.34 -42.42 -3.43
N ASN D 100 -23.87 -41.24 -3.74
CA ASN D 100 -25.27 -41.05 -4.06
C ASN D 100 -25.60 -41.50 -5.48
N SER D 101 -26.75 -41.07 -5.96
CA SER D 101 -27.14 -41.26 -7.35
C SER D 101 -26.27 -40.48 -8.33
N SER D 102 -25.20 -39.77 -7.96
CA SER D 102 -24.24 -39.23 -8.92
C SER D 102 -23.81 -40.32 -9.88
N TRP D 103 -24.16 -40.12 -11.14
CA TRP D 103 -24.19 -41.17 -12.13
C TRP D 103 -22.81 -41.48 -12.72
N SER D 104 -21.75 -41.01 -12.06
CA SER D 104 -20.39 -41.48 -12.30
C SER D 104 -20.10 -42.73 -11.48
N ASN D 105 -20.97 -43.72 -11.58
CA ASN D 105 -20.91 -44.92 -10.78
C ASN D 105 -20.08 -45.97 -11.51
N ARG D 106 -19.05 -46.47 -10.82
CA ARG D 106 -18.19 -47.46 -11.44
C ARG D 106 -17.48 -48.37 -10.45
N ASN D 107 -16.57 -49.17 -11.00
CA ASN D 107 -15.77 -50.18 -10.33
C ASN D 107 -14.79 -49.50 -9.37
N LEU D 108 -14.73 -49.99 -8.13
CA LEU D 108 -13.83 -49.42 -7.12
C LEU D 108 -12.37 -49.67 -7.45
N SER D 109 -12.02 -50.89 -7.81
CA SER D 109 -10.64 -51.18 -8.15
C SER D 109 -10.27 -50.74 -9.56
N GLU D 110 -11.19 -50.09 -10.27
CA GLU D 110 -10.84 -49.19 -11.36
C GLU D 110 -10.35 -47.86 -10.84
N ILE D 111 -10.83 -47.44 -9.67
CA ILE D 111 -10.59 -46.10 -9.15
C ILE D 111 -9.31 -46.11 -8.31
N TRP D 112 -9.29 -46.91 -7.26
CA TRP D 112 -8.15 -46.91 -6.34
C TRP D 112 -7.02 -47.80 -6.79
N ASP D 113 -6.99 -48.22 -8.06
CA ASP D 113 -5.81 -48.90 -8.61
C ASP D 113 -5.24 -48.08 -9.76
N ASN D 114 -6.03 -47.77 -10.77
CA ASN D 114 -5.51 -47.20 -12.02
C ASN D 114 -6.39 -46.03 -12.43
N MET D 115 -6.09 -44.85 -11.87
CA MET D 115 -6.65 -43.55 -12.25
C MET D 115 -5.90 -42.45 -11.52
N THR D 116 -5.40 -41.44 -12.23
CA THR D 116 -4.74 -40.35 -11.53
C THR D 116 -5.77 -39.42 -10.91
N TRP D 117 -5.30 -38.65 -9.92
CA TRP D 117 -6.15 -37.66 -9.27
C TRP D 117 -6.62 -36.60 -10.25
N LEU D 118 -5.76 -36.22 -11.18
CA LEU D 118 -6.15 -35.29 -12.24
C LEU D 118 -7.22 -35.90 -13.13
N GLN D 119 -7.04 -37.17 -13.51
CA GLN D 119 -8.07 -37.88 -14.24
C GLN D 119 -9.32 -38.07 -13.40
N TRP D 120 -9.14 -38.29 -12.10
CA TRP D 120 -10.27 -38.37 -11.18
C TRP D 120 -11.00 -37.05 -11.11
N GLU D 121 -10.27 -35.94 -11.19
CA GLU D 121 -10.90 -34.63 -11.27
C GLU D 121 -11.65 -34.48 -12.58
N LYS D 122 -11.10 -35.03 -13.66
CA LYS D 122 -11.78 -34.97 -14.95
C LYS D 122 -13.05 -35.81 -14.97
N GLU D 123 -13.14 -36.81 -14.10
CA GLU D 123 -14.37 -37.58 -14.00
C GLU D 123 -15.48 -36.76 -13.35
N ILE D 124 -15.21 -36.16 -12.20
CA ILE D 124 -16.27 -35.58 -11.40
C ILE D 124 -16.12 -34.07 -11.35
N SER D 125 -15.60 -33.49 -12.45
CA SER D 125 -15.57 -32.05 -12.58
C SER D 125 -16.97 -31.47 -12.54
N ASN D 126 -17.92 -32.15 -13.17
CA ASN D 126 -19.32 -31.84 -13.00
C ASN D 126 -19.81 -32.43 -11.68
N TYR D 127 -20.90 -31.84 -11.19
CA TYR D 127 -21.58 -32.19 -9.93
C TYR D 127 -20.70 -32.02 -8.70
N THR D 128 -19.57 -31.34 -8.84
CA THR D 128 -18.67 -31.13 -7.71
C THR D 128 -19.29 -30.17 -6.71
N GLN D 129 -19.85 -29.09 -7.22
CA GLN D 129 -20.66 -28.20 -6.40
C GLN D 129 -21.94 -28.89 -5.92
N LEU D 130 -22.43 -29.88 -6.67
CA LEU D 130 -23.60 -30.62 -6.23
C LEU D 130 -23.25 -31.52 -5.07
N ILE D 131 -22.04 -32.08 -5.08
CA ILE D 131 -21.55 -32.82 -3.92
C ILE D 131 -21.36 -31.88 -2.74
N TYR D 132 -20.85 -30.67 -3.00
CA TYR D 132 -20.51 -29.75 -1.92
C TYR D 132 -21.73 -29.22 -1.20
N GLY D 133 -22.83 -29.00 -1.92
CA GLY D 133 -24.07 -28.67 -1.24
C GLY D 133 -24.65 -29.88 -0.54
N LEU D 134 -24.36 -31.08 -1.05
CA LEU D 134 -24.95 -32.29 -0.50
C LEU D 134 -24.36 -32.62 0.86
N LEU D 135 -23.12 -32.19 1.11
CA LEU D 135 -22.42 -32.59 2.32
C LEU D 135 -23.01 -31.90 3.55
N GLU D 136 -23.26 -30.59 3.46
CA GLU D 136 -23.73 -29.84 4.60
C GLU D 136 -25.17 -30.16 4.96
N GLU D 137 -25.91 -30.82 4.06
CA GLU D 137 -27.27 -31.21 4.36
C GLU D 137 -27.31 -32.27 5.45
N SER D 138 -26.60 -33.37 5.25
CA SER D 138 -26.55 -34.40 6.28
C SER D 138 -25.71 -33.98 7.46
N GLN D 139 -24.82 -33.00 7.30
CA GLN D 139 -23.91 -32.68 8.39
C GLN D 139 -24.60 -31.80 9.43
N ASN D 140 -25.47 -30.89 9.00
CA ASN D 140 -26.13 -30.01 9.93
C ASN D 140 -27.63 -30.27 9.99
N GLN D 141 -28.29 -30.30 8.83
CA GLN D 141 -29.73 -30.15 8.76
C GLN D 141 -30.47 -31.37 9.28
N GLN D 142 -29.78 -32.49 9.44
CA GLN D 142 -30.28 -33.64 10.19
C GLN D 142 -29.47 -33.92 11.44
N GLU D 143 -28.14 -33.81 11.34
CA GLU D 143 -27.26 -34.35 12.37
C GLU D 143 -27.20 -33.47 13.61
N LYS D 144 -27.11 -32.16 13.44
CA LYS D 144 -26.98 -31.28 14.59
C LYS D 144 -28.27 -31.21 15.40
N ASN D 145 -29.41 -31.30 14.72
CA ASN D 145 -30.67 -31.37 15.45
C ASN D 145 -30.91 -32.76 16.03
N GLU D 146 -30.25 -33.78 15.46
CA GLU D 146 -30.22 -35.08 16.11
C GLU D 146 -29.40 -35.04 17.38
N GLN D 147 -28.36 -34.19 17.40
CA GLN D 147 -27.60 -34.00 18.63
C GLN D 147 -28.40 -33.23 19.66
N ASP D 148 -29.26 -32.32 19.20
CA ASP D 148 -30.17 -31.64 20.12
C ASP D 148 -31.25 -32.58 20.64
N LEU D 149 -31.53 -33.66 19.89
CA LEU D 149 -32.41 -34.72 20.38
C LEU D 149 -31.73 -35.62 21.41
N LEU D 150 -30.43 -35.43 21.66
CA LEU D 150 -29.70 -36.16 22.68
C LEU D 150 -29.56 -35.33 23.95
N ALA D 151 -30.57 -34.53 24.26
CA ALA D 151 -30.56 -33.66 25.42
C ALA D 151 -31.67 -34.05 26.40
N LEU D 152 -31.89 -35.35 26.57
CA LEU D 152 -33.01 -35.85 27.37
C LEU D 152 -32.58 -36.27 28.77
N ASP D 153 -31.68 -37.25 28.86
CA ASP D 153 -31.14 -37.80 30.11
C ASP D 153 -32.25 -38.31 31.04
N LYS D 154 -32.95 -39.34 30.58
CA LYS D 154 -33.93 -40.01 31.42
C LYS D 154 -33.24 -41.04 32.31
N TRP D 155 -34.00 -41.61 33.24
CA TRP D 155 -33.48 -42.58 34.19
C TRP D 155 -34.26 -43.88 34.23
N ALA D 156 -35.48 -43.93 33.69
CA ALA D 156 -36.31 -45.12 33.75
C ALA D 156 -36.91 -45.54 32.41
N SER D 157 -37.03 -44.63 31.45
CA SER D 157 -37.64 -44.93 30.15
C SER D 157 -36.82 -44.35 29.02
N LEU D 158 -35.51 -44.64 29.02
CA LEU D 158 -34.61 -44.07 28.01
C LEU D 158 -34.93 -44.60 26.61
N TRP D 159 -34.77 -45.90 26.40
CA TRP D 159 -34.95 -46.50 25.08
C TRP D 159 -36.31 -47.19 25.03
N ASN D 160 -37.35 -46.39 24.89
CA ASN D 160 -38.70 -46.92 24.78
C ASN D 160 -38.93 -47.47 23.38
N ALA E 1 11.39 -45.05 36.15
CA ALA E 1 10.02 -44.65 35.86
C ALA E 1 9.56 -45.20 34.52
N GLU E 2 8.29 -45.02 34.22
CA GLU E 2 7.77 -45.43 32.92
C GLU E 2 8.24 -44.48 31.83
N ASN E 3 8.03 -44.89 30.58
CA ASN E 3 8.29 -44.00 29.47
C ASN E 3 7.26 -42.88 29.49
N LEU E 4 7.75 -41.65 29.49
CA LEU E 4 6.84 -40.52 29.49
C LEU E 4 6.35 -40.27 28.07
N TRP E 5 5.48 -39.30 27.89
CA TRP E 5 4.95 -38.97 26.58
C TRP E 5 4.95 -37.47 26.40
N VAL E 6 5.41 -37.02 25.24
CA VAL E 6 5.50 -35.60 24.95
C VAL E 6 4.11 -34.98 24.89
N THR E 7 3.99 -33.79 25.45
CA THR E 7 2.71 -33.10 25.52
C THR E 7 2.93 -31.67 25.10
N VAL E 8 2.23 -31.25 24.08
CA VAL E 8 2.34 -29.88 23.60
C VAL E 8 1.66 -28.95 24.58
N TYR E 9 2.11 -27.70 24.61
CA TYR E 9 1.49 -26.69 25.45
C TYR E 9 1.44 -25.41 24.63
N TYR E 10 0.24 -24.96 24.35
CA TYR E 10 0.06 -23.84 23.45
C TYR E 10 -0.18 -22.58 24.24
N GLY E 11 0.78 -21.66 24.18
CA GLY E 11 0.72 -20.43 24.95
C GLY E 11 1.73 -20.39 26.05
N VAL E 12 2.89 -21.00 25.82
CA VAL E 12 3.93 -20.99 26.84
C VAL E 12 4.55 -19.60 26.93
N PRO E 13 4.78 -19.07 28.10
CA PRO E 13 5.31 -17.71 28.20
C PRO E 13 6.83 -17.65 28.03
N VAL E 14 7.29 -17.91 26.81
CA VAL E 14 8.69 -17.78 26.46
C VAL E 14 8.83 -16.68 25.41
N TRP E 15 10.06 -16.23 25.22
CA TRP E 15 10.29 -15.19 24.22
C TRP E 15 11.69 -15.34 23.63
N LYS E 16 11.83 -14.85 22.41
CA LYS E 16 13.12 -14.62 21.80
C LYS E 16 13.23 -13.16 21.41
N ASP E 17 14.46 -12.66 21.41
CA ASP E 17 14.69 -11.31 20.92
C ASP E 17 14.56 -11.29 19.41
N ALA E 18 13.79 -10.34 18.89
CA ALA E 18 13.54 -10.25 17.46
C ALA E 18 13.50 -8.79 17.05
N GLU E 19 13.23 -8.56 15.77
CA GLU E 19 13.17 -7.22 15.21
C GLU E 19 11.95 -7.13 14.31
N THR E 20 11.14 -6.10 14.53
CA THR E 20 9.96 -5.87 13.71
C THR E 20 9.61 -4.39 13.78
N THR E 21 8.63 -4.00 12.98
CA THR E 21 8.21 -2.62 12.96
C THR E 21 7.25 -2.33 14.10
N LEU E 22 7.28 -1.10 14.59
CA LEU E 22 6.34 -0.63 15.59
C LEU E 22 5.54 0.52 14.98
N PHE E 23 4.72 1.17 15.80
CA PHE E 23 3.92 2.27 15.28
C PHE E 23 3.65 3.28 16.37
N CYS E 24 3.50 4.53 15.96
CA CYS E 24 3.28 5.63 16.89
C CYS E 24 1.88 5.55 17.48
N ALA E 25 1.72 6.24 18.60
CA ALA E 25 0.42 6.37 19.24
C ALA E 25 0.44 7.65 20.06
N SER E 26 -0.60 8.45 19.93
CA SER E 26 -0.66 9.72 20.62
C SER E 26 -2.12 10.02 20.96
N ASP E 27 -2.40 11.26 21.31
CA ASP E 27 -3.72 11.65 21.75
C ASP E 27 -4.21 12.84 20.94
N ALA E 28 -5.50 13.11 21.04
CA ALA E 28 -6.13 14.21 20.34
C ALA E 28 -6.27 15.41 21.27
N ARG E 29 -6.25 16.60 20.67
CA ARG E 29 -6.35 17.85 21.42
C ARG E 29 -6.75 18.99 20.48
N THR E 33 -8.37 20.40 17.01
CA THR E 33 -7.82 20.66 15.69
C THR E 33 -6.35 21.08 15.76
N GLU E 34 -5.84 21.57 14.62
CA GLU E 34 -4.44 21.88 14.40
C GLU E 34 -3.57 20.67 14.72
N LYS E 35 -3.93 19.54 14.14
CA LYS E 35 -3.12 18.34 14.16
C LYS E 35 -2.16 18.30 12.98
N HIS E 36 -1.83 19.45 12.41
CA HIS E 36 -0.83 19.59 11.36
C HIS E 36 0.56 19.71 11.96
N ASN E 37 0.91 18.78 12.83
CA ASN E 37 2.24 18.73 13.42
C ASN E 37 3.07 17.75 12.60
N VAL E 38 4.34 18.08 12.40
CA VAL E 38 5.18 17.36 11.46
C VAL E 38 5.53 15.96 11.94
N TRP E 39 5.38 15.67 13.23
CA TRP E 39 5.53 14.31 13.73
C TRP E 39 4.23 13.63 14.07
N ALA E 40 3.15 14.39 14.25
CA ALA E 40 1.86 13.77 14.57
C ALA E 40 1.27 13.03 13.39
N THR E 41 1.69 13.38 12.17
CA THR E 41 1.11 12.99 10.86
C THR E 41 -0.41 12.90 10.89
N HIS E 42 -1.00 13.95 11.47
CA HIS E 42 -2.42 14.06 11.74
C HIS E 42 -2.93 12.86 12.53
N ALA E 43 -2.27 12.63 13.67
CA ALA E 43 -2.70 11.69 14.71
C ALA E 43 -2.77 10.26 14.16
N CYS E 44 -1.58 9.69 13.93
CA CYS E 44 -1.41 8.38 13.30
C CYS E 44 -2.25 7.29 13.96
N VAL E 45 -2.00 7.00 15.23
CA VAL E 45 -2.92 6.23 16.04
C VAL E 45 -3.35 7.08 17.21
N PRO E 46 -4.49 7.77 17.11
CA PRO E 46 -4.88 8.75 18.12
C PRO E 46 -5.52 8.18 19.36
N THR E 47 -5.43 6.86 19.59
CA THR E 47 -6.11 6.28 20.73
C THR E 47 -5.35 6.55 22.03
N ASP E 48 -4.14 5.97 22.14
CA ASP E 48 -3.32 5.92 23.34
C ASP E 48 -4.13 5.55 24.58
N PRO E 49 -4.56 4.29 24.72
CA PRO E 49 -5.40 3.92 25.87
C PRO E 49 -4.64 3.83 27.18
N ASN E 50 -5.31 3.30 28.21
CA ASN E 50 -4.74 3.25 29.55
C ASN E 50 -3.54 2.31 29.61
N PRO E 51 -2.45 2.71 30.24
CA PRO E 51 -1.21 1.91 30.19
C PRO E 51 -1.17 0.73 31.13
N GLN E 52 -1.69 -0.42 30.70
CA GLN E 52 -1.58 -1.64 31.48
C GLN E 52 -0.14 -2.10 31.53
N GLU E 53 0.43 -2.15 32.74
CA GLU E 53 1.81 -2.55 32.95
C GLU E 53 1.83 -3.74 33.90
N ILE E 54 2.62 -4.76 33.56
CA ILE E 54 2.64 -6.02 34.31
C ILE E 54 4.08 -6.32 34.69
N HIS E 55 4.32 -6.52 35.98
CA HIS E 55 5.63 -6.92 36.45
C HIS E 55 5.78 -8.44 36.39
N LEU E 56 7.02 -8.90 36.41
CA LEU E 56 7.30 -10.32 36.34
C LEU E 56 8.09 -10.84 37.53
N GLU E 57 9.07 -10.07 38.02
CA GLU E 57 9.69 -10.17 39.33
C GLU E 57 10.57 -11.40 39.53
N ASN E 58 10.57 -12.34 38.62
CA ASN E 58 11.30 -13.59 38.86
C ASN E 58 12.23 -13.88 37.70
N VAL E 59 12.51 -12.87 36.89
CA VAL E 59 13.33 -13.05 35.71
C VAL E 59 14.38 -11.95 35.65
N THR E 60 15.64 -12.35 35.42
CA THR E 60 16.73 -11.41 35.22
C THR E 60 17.07 -11.46 33.74
N GLU E 61 16.38 -10.63 32.97
CA GLU E 61 16.55 -10.61 31.53
C GLU E 61 17.64 -9.61 31.15
N GLU E 62 18.50 -10.02 30.22
CA GLU E 62 19.55 -9.14 29.76
C GLU E 62 18.99 -8.06 28.85
N PHE E 63 19.73 -6.95 28.75
CA PHE E 63 19.36 -5.82 27.93
C PHE E 63 20.57 -5.37 27.14
N ASN E 64 20.34 -4.43 26.24
CA ASN E 64 21.42 -3.75 25.53
C ASN E 64 20.87 -2.42 25.04
N MET E 65 21.72 -1.41 25.02
CA MET E 65 21.35 -0.13 24.44
C MET E 65 22.20 0.23 23.23
N TRP E 66 23.34 -0.43 23.05
CA TRP E 66 24.19 -0.14 21.91
C TRP E 66 23.95 -1.09 20.75
N LYS E 67 23.14 -2.13 20.95
CA LYS E 67 22.68 -2.98 19.86
C LYS E 67 21.17 -2.89 19.68
N ASN E 68 20.56 -1.85 20.23
CA ASN E 68 19.12 -1.71 20.20
C ASN E 68 18.65 -1.39 18.79
N ASN E 69 17.55 -2.00 18.39
CA ASN E 69 17.01 -1.82 17.05
C ASN E 69 16.00 -0.69 16.96
N MET E 70 15.35 -0.36 18.07
CA MET E 70 14.27 0.62 18.04
C MET E 70 14.76 2.02 17.74
N VAL E 71 16.03 2.32 18.02
CA VAL E 71 16.54 3.66 17.76
C VAL E 71 16.66 3.92 16.27
N GLU E 72 16.95 2.89 15.47
CA GLU E 72 17.01 3.09 14.03
C GLU E 72 15.61 3.25 13.47
N GLN E 73 14.65 2.50 14.00
CA GLN E 73 13.26 2.69 13.60
C GLN E 73 12.74 4.04 14.05
N MET E 74 13.24 4.55 15.17
CA MET E 74 12.89 5.90 15.56
C MET E 74 13.57 6.91 14.64
N HIS E 75 14.82 6.66 14.28
CA HIS E 75 15.57 7.63 13.49
C HIS E 75 15.04 7.70 12.06
N THR E 76 14.75 6.54 11.46
CA THR E 76 14.31 6.56 10.08
C THR E 76 12.86 6.99 9.94
N ASP E 77 12.08 6.92 11.01
CA ASP E 77 10.73 7.47 10.91
C ASP E 77 10.73 8.97 11.04
N ILE E 78 11.71 9.54 11.74
CA ILE E 78 11.73 10.99 11.93
C ILE E 78 12.09 11.68 10.63
N ILE E 79 13.09 11.17 9.91
CA ILE E 79 13.45 11.75 8.63
C ILE E 79 12.35 11.52 7.60
N SER E 80 11.61 10.43 7.72
CA SER E 80 10.52 10.20 6.78
C SER E 80 9.32 11.07 7.11
N LEU E 81 9.10 11.32 8.40
CA LEU E 81 8.06 12.27 8.76
C LEU E 81 8.49 13.69 8.46
N TRP E 82 9.80 13.93 8.36
CA TRP E 82 10.29 15.25 8.02
C TRP E 82 9.98 15.59 6.58
N ASP E 83 10.41 14.74 5.65
CA ASP E 83 10.29 15.06 4.24
C ASP E 83 8.86 14.97 3.75
N GLN E 84 8.06 14.10 4.37
CA GLN E 84 6.65 14.04 4.04
C GLN E 84 5.94 15.33 4.43
N SER E 85 6.39 15.96 5.52
CA SER E 85 5.86 17.27 5.87
C SER E 85 6.38 18.35 4.93
N LEU E 86 7.64 18.22 4.50
CA LEU E 86 8.27 19.26 3.71
C LEU E 86 7.93 19.16 2.23
N LYS E 87 7.29 18.09 1.79
CA LYS E 87 7.00 17.90 0.37
C LYS E 87 6.04 18.93 -0.22
N PRO E 88 4.81 19.12 0.27
CA PRO E 88 3.85 19.93 -0.49
C PRO E 88 4.03 21.42 -0.32
N CYS E 89 5.09 21.91 0.32
CA CYS E 89 5.25 23.33 0.54
C CYS E 89 5.88 23.98 -0.69
N VAL E 90 6.25 25.25 -0.56
CA VAL E 90 6.66 26.06 -1.70
C VAL E 90 8.15 25.88 -1.96
N LYS E 91 8.52 25.64 -3.21
CA LYS E 91 9.92 25.67 -3.58
C LYS E 91 10.39 27.11 -3.67
N LEU E 92 11.67 27.32 -3.37
CA LEU E 92 12.26 28.65 -3.44
C LEU E 92 13.42 28.67 -4.42
N THR E 93 13.36 27.83 -5.44
CA THR E 93 14.34 27.90 -6.52
C THR E 93 14.36 29.21 -7.31
N PRO E 94 13.32 30.10 -7.35
CA PRO E 94 13.59 31.41 -7.95
C PRO E 94 14.34 32.36 -7.04
N LEU E 95 14.62 31.97 -5.81
CA LEU E 95 15.27 32.90 -4.89
C LEU E 95 16.79 32.95 -5.04
N CYS E 96 17.41 31.91 -5.58
CA CYS E 96 18.87 31.88 -5.72
C CYS E 96 19.26 32.84 -6.83
N VAL E 97 19.42 34.12 -6.48
CA VAL E 97 19.83 35.18 -7.39
C VAL E 97 20.92 35.99 -6.73
N THR E 98 21.41 37.00 -7.45
CA THR E 98 22.38 37.92 -6.88
C THR E 98 21.68 38.88 -5.94
N LEU E 99 22.35 39.20 -4.85
CA LEU E 99 21.79 40.03 -3.79
C LEU E 99 22.65 41.25 -3.57
N GLN E 100 22.06 42.43 -3.69
CA GLN E 100 22.76 43.69 -3.43
C GLN E 100 22.44 44.06 -1.98
N CYS E 101 23.41 43.84 -1.11
CA CYS E 101 23.20 43.92 0.33
C CYS E 101 23.95 45.10 0.93
N THR E 102 23.54 45.45 2.15
CA THR E 102 24.20 46.45 2.96
C THR E 102 23.86 46.19 4.42
N ASN E 103 24.55 46.87 5.33
CA ASN E 103 24.36 46.61 6.74
C ASN E 103 23.11 47.30 7.27
N VAL E 104 22.84 47.09 8.55
CA VAL E 104 21.75 47.73 9.26
C VAL E 104 22.35 48.69 10.27
N THR E 105 21.65 49.80 10.51
CA THR E 105 22.11 50.84 11.45
C THR E 105 20.93 51.33 12.27
N ASN E 106 20.66 50.68 13.40
CA ASN E 106 19.81 51.31 14.41
C ASN E 106 20.28 51.13 15.85
N ASN E 107 21.02 50.08 16.17
CA ASN E 107 21.25 49.73 17.57
C ASN E 107 22.69 49.26 17.73
N ILE E 108 22.94 48.56 18.85
CA ILE E 108 24.27 48.16 19.27
C ILE E 108 24.93 47.24 18.24
N THR E 109 26.26 47.26 18.21
CA THR E 109 27.03 46.31 17.44
C THR E 109 27.07 44.97 18.17
N ASP E 110 27.74 44.00 17.54
CA ASP E 110 27.95 42.64 18.06
C ASP E 110 26.61 41.94 18.33
N ASP E 111 25.86 41.75 17.26
CA ASP E 111 24.57 41.11 17.35
C ASP E 111 24.63 39.69 16.79
N GLU E 115 25.52 39.69 12.68
CA GLU E 115 24.42 40.63 12.61
C GLU E 115 23.65 40.45 11.31
N LEU E 116 23.01 41.51 10.84
CA LEU E 116 22.05 41.40 9.76
C LEU E 116 22.54 42.14 8.52
N LYS E 117 21.90 41.82 7.39
CA LYS E 117 22.26 42.44 6.08
C LYS E 117 21.00 42.88 5.34
N ASN E 118 20.98 44.14 4.90
CA ASN E 118 19.84 44.75 4.15
C ASN E 118 20.02 44.42 2.67
N CYS E 119 19.38 43.35 2.17
CA CYS E 119 19.54 42.90 0.76
C CYS E 119 18.29 43.18 -0.07
N SER E 120 18.46 43.33 -1.40
CA SER E 120 17.37 43.56 -2.32
C SER E 120 17.70 42.89 -3.65
N PHE E 121 16.65 42.51 -4.38
CA PHE E 121 16.83 41.69 -5.56
C PHE E 121 15.63 41.86 -6.48
N ASN E 122 15.83 41.47 -7.74
CA ASN E 122 14.77 41.53 -8.74
C ASN E 122 13.93 40.26 -8.61
N MET E 123 12.65 40.44 -8.30
CA MET E 123 11.82 39.34 -7.84
C MET E 123 10.34 39.65 -8.06
N THR E 124 9.48 38.86 -7.41
CA THR E 124 8.01 38.84 -7.31
C THR E 124 7.32 38.28 -8.53
N THR E 125 8.02 38.17 -9.67
CA THR E 125 7.81 37.24 -10.78
C THR E 125 6.36 36.92 -11.15
N GLU E 126 5.46 37.89 -11.05
CA GLU E 126 4.05 37.58 -10.80
C GLU E 126 3.32 37.13 -12.05
N LEU E 127 3.43 37.90 -13.13
CA LEU E 127 2.75 37.57 -14.38
C LEU E 127 3.75 37.07 -15.42
N ARG E 128 4.83 36.43 -14.96
CA ARG E 128 5.95 35.91 -15.76
C ARG E 128 6.71 37.02 -16.50
N ASP E 129 6.33 38.27 -16.31
CA ASP E 129 6.78 39.36 -17.15
C ASP E 129 7.21 40.60 -16.37
N LYS E 130 6.78 40.77 -15.13
CA LYS E 130 7.08 41.95 -14.35
C LYS E 130 7.87 41.53 -13.13
N LYS E 131 9.03 42.14 -12.94
CA LYS E 131 9.87 41.86 -11.79
C LYS E 131 10.00 43.12 -10.95
N GLN E 132 10.30 42.94 -9.66
CA GLN E 132 10.33 44.06 -8.73
C GLN E 132 11.57 44.00 -7.85
N LYS E 133 12.03 45.18 -7.45
CA LYS E 133 13.09 45.31 -6.46
C LYS E 133 12.47 45.20 -5.08
N VAL E 134 12.87 44.18 -4.32
CA VAL E 134 12.14 43.74 -3.14
C VAL E 134 12.98 43.97 -1.90
N TYR E 135 12.36 44.56 -0.87
CA TYR E 135 12.99 44.62 0.44
C TYR E 135 13.18 43.22 1.01
N SER E 136 14.32 43.02 1.67
CA SER E 136 14.55 41.80 2.43
C SER E 136 15.58 42.10 3.49
N LEU E 137 15.61 41.28 4.52
CA LEU E 137 16.51 41.47 5.66
C LEU E 137 16.98 40.09 6.11
N PHE E 138 18.20 39.75 5.73
CA PHE E 138 18.75 38.45 6.06
C PHE E 138 19.77 38.56 7.17
N TYR E 139 20.12 37.41 7.72
CA TYR E 139 21.12 37.34 8.77
C TYR E 139 22.50 37.27 8.14
N ARG E 140 23.52 37.07 8.96
CA ARG E 140 24.76 36.51 8.47
C ARG E 140 24.65 35.00 8.55
N LEU E 141 25.73 34.30 8.20
CA LEU E 141 25.85 32.84 8.22
C LEU E 141 24.89 32.16 7.26
N ASP E 142 24.34 32.90 6.31
CA ASP E 142 23.54 32.32 5.24
C ASP E 142 23.75 33.01 3.91
N VAL E 143 24.67 33.96 3.82
CA VAL E 143 24.97 34.66 2.58
C VAL E 143 26.48 34.70 2.40
N VAL E 144 26.91 34.69 1.14
CA VAL E 144 28.33 34.77 0.80
C VAL E 144 28.50 35.78 -0.32
N GLN E 145 29.71 36.31 -0.42
CA GLN E 145 30.04 37.30 -1.43
C GLN E 145 30.30 36.62 -2.77
N ILE E 146 30.81 37.37 -3.73
CA ILE E 146 31.09 36.82 -5.04
C ILE E 146 32.59 36.83 -5.32
N GLU E 160 25.92 41.88 -4.72
CA GLU E 160 27.20 41.52 -4.15
C GLU E 160 27.17 40.16 -3.49
N TYR E 161 25.97 39.62 -3.28
CA TYR E 161 25.81 38.46 -2.44
C TYR E 161 24.93 37.42 -3.10
N ARG E 162 25.02 36.20 -2.56
CA ARG E 162 24.13 35.11 -2.89
C ARG E 162 23.92 34.28 -1.64
N LEU E 163 22.90 33.43 -1.68
CA LEU E 163 22.66 32.53 -0.58
C LEU E 163 23.71 31.44 -0.55
N ILE E 164 23.92 30.86 0.64
CA ILE E 164 24.98 29.88 0.80
C ILE E 164 24.67 28.56 0.12
N ASN E 165 23.39 28.25 -0.08
CA ASN E 165 23.01 26.92 -0.52
C ASN E 165 22.84 26.82 -2.02
N CYS E 166 23.20 27.85 -2.78
CA CYS E 166 22.95 27.76 -4.21
C CYS E 166 24.04 26.99 -4.94
N ASN E 167 25.14 26.65 -4.29
CA ASN E 167 26.06 25.71 -4.90
C ASN E 167 25.70 24.27 -4.58
N THR E 168 24.97 24.04 -3.50
CA THR E 168 24.26 22.78 -3.31
C THR E 168 22.82 22.96 -3.79
N SER E 169 21.93 22.06 -3.37
CA SER E 169 20.61 21.95 -4.00
C SER E 169 19.56 22.90 -3.45
N ALA E 170 18.30 22.59 -3.75
CA ALA E 170 17.17 23.51 -3.67
C ALA E 170 16.82 23.84 -2.21
N ILE E 171 15.98 24.86 -2.07
CA ILE E 171 15.81 25.58 -0.81
C ILE E 171 14.33 25.78 -0.48
N THR E 172 13.51 24.77 -0.77
CA THR E 172 12.07 24.83 -0.47
C THR E 172 11.77 25.16 0.98
N GLN E 173 10.78 26.03 1.20
CA GLN E 173 10.57 26.59 2.51
C GLN E 173 9.55 25.78 3.29
N ALA E 174 9.42 26.10 4.56
CA ALA E 174 8.45 25.43 5.42
C ALA E 174 7.08 26.04 5.23
N CYS E 175 6.07 25.20 5.33
CA CYS E 175 4.71 25.71 5.40
C CYS E 175 4.51 26.38 6.76
N PRO E 176 3.98 27.59 6.80
CA PRO E 176 3.90 28.30 8.09
C PRO E 176 2.82 27.77 9.01
N LYS E 177 1.83 27.05 8.49
CA LYS E 177 0.74 26.57 9.32
C LYS E 177 1.16 25.41 10.20
N VAL E 178 2.22 24.68 9.86
CA VAL E 178 2.62 23.55 10.69
C VAL E 178 3.44 24.08 11.84
N SER E 179 3.68 23.25 12.84
CA SER E 179 4.40 23.65 14.03
C SER E 179 5.68 22.82 14.15
N PHE E 180 6.37 23.04 15.26
CA PHE E 180 7.57 22.25 15.54
C PHE E 180 7.65 21.85 17.01
N GLU E 181 6.55 21.83 17.72
CA GLU E 181 6.59 21.40 19.11
C GLU E 181 6.59 19.87 19.15
N PRO E 182 7.62 19.26 19.69
CA PRO E 182 7.71 17.79 19.72
C PRO E 182 6.76 17.18 20.75
N ILE E 183 5.52 16.99 20.33
CA ILE E 183 4.53 16.35 21.19
C ILE E 183 4.93 14.90 21.41
N PRO E 184 4.75 14.35 22.60
CA PRO E 184 5.28 13.01 22.88
C PRO E 184 4.45 11.94 22.20
N ILE E 185 5.13 10.87 21.77
CA ILE E 185 4.51 9.76 21.08
C ILE E 185 4.75 8.49 21.89
N HIS E 186 4.06 7.43 21.50
CA HIS E 186 4.17 6.14 22.16
C HIS E 186 4.36 5.07 21.09
N TYR E 187 5.44 4.31 21.20
CA TYR E 187 5.65 3.15 20.34
C TYR E 187 4.92 1.97 20.95
N CYS E 188 3.93 1.46 20.23
CA CYS E 188 3.19 0.30 20.68
C CYS E 188 3.61 -0.91 19.85
N ALA E 189 3.78 -2.02 20.52
CA ALA E 189 4.17 -3.26 19.87
C ALA E 189 3.01 -3.80 19.06
N PRO E 190 3.30 -4.49 17.96
CA PRO E 190 2.23 -5.20 17.25
C PRO E 190 1.90 -6.50 17.96
N ALA E 191 0.96 -7.26 17.39
CA ALA E 191 0.55 -8.50 17.99
C ALA E 191 1.66 -9.54 17.90
N GLY E 192 1.70 -10.45 18.86
CA GLY E 192 2.75 -11.43 18.87
C GLY E 192 4.09 -10.91 19.31
N PHE E 193 4.14 -9.69 19.84
CA PHE E 193 5.38 -9.12 20.32
C PHE E 193 5.12 -8.49 21.68
N ALA E 194 6.19 -8.18 22.39
CA ALA E 194 6.04 -7.58 23.70
C ALA E 194 7.20 -6.63 23.94
N ILE E 195 6.94 -5.62 24.76
CA ILE E 195 7.93 -4.61 25.09
C ILE E 195 8.35 -4.81 26.53
N LEU E 196 9.60 -5.24 26.72
CA LEU E 196 10.13 -5.32 28.06
C LEU E 196 10.55 -3.94 28.53
N LYS E 197 10.74 -3.81 29.84
CA LYS E 197 11.12 -2.53 30.41
C LYS E 197 11.85 -2.77 31.72
N CYS E 198 13.12 -2.41 31.76
CA CYS E 198 13.91 -2.61 32.96
C CYS E 198 13.59 -1.56 34.00
N LYS E 199 13.24 -2.00 35.21
CA LYS E 199 12.90 -1.09 36.29
C LYS E 199 14.06 -0.87 37.25
N ASP E 200 15.21 -1.49 37.01
CA ASP E 200 16.36 -1.33 37.89
C ASP E 200 16.92 0.08 37.77
N LYS E 201 16.88 0.83 38.87
CA LYS E 201 17.23 2.24 38.85
C LYS E 201 18.72 2.50 38.78
N LYS E 202 19.55 1.47 38.67
CA LYS E 202 20.99 1.66 38.53
C LYS E 202 21.52 0.82 37.38
N PHE E 203 20.64 0.44 36.46
CA PHE E 203 21.07 -0.24 35.24
C PHE E 203 21.82 0.75 34.37
N ASN E 204 23.10 0.49 34.12
CA ASN E 204 23.88 1.55 33.52
C ASN E 204 23.66 1.64 32.01
N GLY E 205 24.16 0.68 31.23
CA GLY E 205 23.86 0.65 29.83
C GLY E 205 23.47 -0.67 29.23
N THR E 206 24.00 -1.76 29.79
CA THR E 206 24.02 -3.05 29.12
C THR E 206 24.32 -4.14 30.14
N GLY E 207 23.45 -5.14 30.19
CA GLY E 207 23.66 -6.27 31.06
C GLY E 207 22.37 -6.88 31.53
N PRO E 208 22.45 -7.76 32.52
CA PRO E 208 21.23 -8.42 33.02
C PRO E 208 20.46 -7.53 34.00
N CYS E 209 19.27 -7.13 33.62
CA CYS E 209 18.46 -6.32 34.51
C CYS E 209 17.66 -7.23 35.43
N PRO E 210 17.73 -7.03 36.74
CA PRO E 210 17.07 -7.95 37.66
C PRO E 210 15.56 -7.75 37.76
N SER E 211 15.09 -6.51 37.64
CA SER E 211 13.69 -6.18 37.82
C SER E 211 13.16 -5.61 36.52
N VAL E 212 12.44 -6.42 35.75
CA VAL E 212 11.90 -6.01 34.47
C VAL E 212 10.39 -6.02 34.54
N SER E 213 9.76 -5.41 33.54
CA SER E 213 8.32 -5.40 33.44
C SER E 213 7.92 -5.25 31.98
N THR E 214 6.67 -5.56 31.70
CA THR E 214 6.15 -5.61 30.34
C THR E 214 5.10 -4.53 30.15
N VAL E 215 5.21 -3.79 29.05
CA VAL E 215 4.19 -2.83 28.66
C VAL E 215 3.80 -3.13 27.22
N GLN E 216 2.63 -2.64 26.85
CA GLN E 216 2.19 -2.72 25.45
C GLN E 216 2.64 -1.52 24.64
N CYS E 217 2.75 -0.37 25.28
CA CYS E 217 3.20 0.84 24.62
C CYS E 217 4.24 1.52 25.51
N THR E 218 5.12 2.29 24.89
CA THR E 218 6.09 3.05 25.66
C THR E 218 5.41 4.26 26.29
N HIS E 219 6.17 5.01 27.09
CA HIS E 219 5.66 6.22 27.69
C HIS E 219 5.74 7.35 26.65
N GLY E 220 5.40 8.56 27.08
CA GLY E 220 5.45 9.69 26.18
C GLY E 220 6.88 10.09 25.88
N ILE E 221 7.27 10.03 24.61
CA ILE E 221 8.64 10.33 24.21
C ILE E 221 8.59 11.55 23.31
N LYS E 222 9.08 12.68 23.82
CA LYS E 222 9.15 13.88 23.02
C LYS E 222 10.29 13.77 22.02
N PRO E 223 10.03 13.83 20.73
CA PRO E 223 11.12 13.73 19.75
C PRO E 223 11.80 15.08 19.51
N VAL E 224 12.48 15.57 20.53
CA VAL E 224 13.24 16.80 20.38
C VAL E 224 14.52 16.53 19.60
N VAL E 225 15.15 17.59 19.13
CA VAL E 225 16.41 17.51 18.42
C VAL E 225 17.33 18.59 18.97
N SER E 226 18.45 18.15 19.55
CA SER E 226 19.41 19.10 20.10
C SER E 226 20.78 18.46 20.11
N THR E 227 21.76 19.19 19.62
CA THR E 227 23.14 18.78 19.81
C THR E 227 23.62 19.19 21.18
N GLN E 228 24.50 18.36 21.75
CA GLN E 228 25.41 18.70 22.85
C GLN E 228 24.70 18.87 24.20
N LEU E 229 23.38 18.94 24.21
CA LEU E 229 22.62 19.16 25.44
C LEU E 229 21.19 18.68 25.17
N LEU E 230 20.83 17.52 25.69
CA LEU E 230 19.52 16.96 25.39
C LEU E 230 18.50 17.49 26.39
N LEU E 231 17.36 17.94 25.86
CA LEU E 231 16.40 18.72 26.61
C LEU E 231 15.08 17.97 26.73
N ASN E 232 14.47 18.15 27.91
CA ASN E 232 13.14 17.70 28.37
C ASN E 232 13.08 16.20 28.65
N GLY E 233 14.03 15.43 28.12
CA GLY E 233 14.51 14.14 28.61
C GLY E 233 13.63 13.05 29.17
N SER E 234 14.27 12.23 29.99
CA SER E 234 13.63 11.34 30.93
C SER E 234 14.58 11.21 32.11
N LEU E 235 14.34 12.00 33.15
CA LEU E 235 15.37 12.20 34.18
C LEU E 235 15.49 10.96 35.06
N ALA E 236 16.74 10.64 35.39
CA ALA E 236 17.03 9.43 36.14
C ALA E 236 16.83 9.67 37.62
N GLU E 237 17.29 8.73 38.44
CA GLU E 237 17.29 8.95 39.87
C GLU E 237 18.58 9.67 40.28
N GLU E 238 18.76 9.84 41.59
CA GLU E 238 19.66 10.85 42.11
C GLU E 238 21.12 10.51 41.86
N GLU E 239 21.43 9.25 41.62
CA GLU E 239 22.70 8.86 41.03
C GLU E 239 22.64 9.23 39.55
N VAL E 240 23.33 10.31 39.17
CA VAL E 240 23.29 10.74 37.79
C VAL E 240 24.17 9.80 36.97
N MET E 241 23.55 9.09 36.04
CA MET E 241 24.17 7.92 35.44
C MET E 241 25.14 8.31 34.33
N ILE E 242 26.11 7.42 34.11
CA ILE E 242 27.09 7.59 33.04
C ILE E 242 26.90 6.44 32.07
N ARG E 243 26.76 6.76 30.79
CA ARG E 243 26.45 5.75 29.80
C ARG E 243 27.47 5.82 28.68
N SER E 244 28.07 4.68 28.37
CA SER E 244 28.99 4.59 27.27
C SER E 244 28.98 3.16 26.76
N GLU E 245 29.54 2.97 25.57
CA GLU E 245 29.68 1.64 25.04
C GLU E 245 30.80 0.93 25.77
N ASN E 246 31.96 1.59 25.86
CA ASN E 246 33.04 1.17 26.75
C ASN E 246 33.87 2.40 27.07
N ILE E 247 34.33 2.48 28.31
CA ILE E 247 35.06 3.65 28.79
C ILE E 247 36.46 3.62 28.19
N THR E 248 36.94 2.41 27.88
CA THR E 248 38.29 2.16 27.42
C THR E 248 38.62 2.87 26.11
N ASN E 249 37.74 2.79 25.12
CA ASN E 249 37.98 3.46 23.85
C ASN E 249 37.66 4.94 23.98
N ASN E 250 38.59 5.79 23.58
CA ASN E 250 38.37 7.23 23.64
C ASN E 250 37.45 7.71 22.53
N ALA E 251 37.29 6.93 21.47
CA ALA E 251 36.44 7.32 20.35
C ALA E 251 35.01 6.81 20.51
N LYS E 252 34.43 7.06 21.68
CA LYS E 252 33.05 6.70 21.96
C LYS E 252 32.42 7.84 22.73
N ASN E 253 31.24 8.28 22.30
CA ASN E 253 30.55 9.33 23.01
C ASN E 253 30.03 8.81 24.34
N ILE E 254 29.94 9.70 25.31
CA ILE E 254 29.52 9.35 26.66
C ILE E 254 28.23 10.09 26.96
N LEU E 255 27.17 9.34 27.21
CA LEU E 255 25.92 9.93 27.62
C LEU E 255 25.90 10.08 29.13
N VAL E 256 25.22 11.11 29.59
CA VAL E 256 25.02 11.34 31.01
C VAL E 256 23.57 11.78 31.21
N GLN E 257 22.93 11.26 32.24
CA GLN E 257 21.53 11.52 32.52
C GLN E 257 21.44 12.25 33.85
N PHE E 258 20.52 13.21 33.93
CA PHE E 258 20.41 14.01 35.14
C PHE E 258 19.37 13.43 36.10
N ASN E 259 19.22 14.13 37.22
CA ASN E 259 18.10 13.93 38.12
C ASN E 259 17.49 15.24 38.54
N THR E 260 17.99 16.38 38.03
CA THR E 260 17.57 17.68 38.49
C THR E 260 17.19 18.53 37.28
N PRO E 261 15.97 19.03 37.22
CA PRO E 261 15.56 19.83 36.07
C PRO E 261 16.13 21.24 36.09
N VAL E 262 17.37 21.38 35.62
CA VAL E 262 17.99 22.69 35.55
C VAL E 262 17.32 23.47 34.42
N GLN E 263 17.09 24.77 34.65
CA GLN E 263 16.32 25.56 33.70
C GLN E 263 17.22 26.31 32.74
N ILE E 264 16.73 26.51 31.51
CA ILE E 264 17.36 27.40 30.54
C ILE E 264 16.37 28.43 30.07
N ASN E 265 16.41 29.62 30.65
CA ASN E 265 15.56 30.70 30.19
C ASN E 265 16.10 31.27 28.88
N CYS E 266 15.71 30.71 27.74
CA CYS E 266 16.11 31.25 26.45
C CYS E 266 15.12 32.28 25.95
N THR E 267 15.63 33.25 25.20
CA THR E 267 14.78 34.21 24.52
C THR E 267 15.51 34.80 23.32
N ARG E 268 14.73 35.42 22.46
CA ARG E 268 15.22 36.25 21.37
C ARG E 268 14.61 37.62 21.51
N PRO E 269 15.40 38.70 21.48
CA PRO E 269 14.89 40.00 21.94
C PRO E 269 13.92 40.68 21.00
N ASN E 270 14.14 40.61 19.68
CA ASN E 270 13.52 41.58 18.78
C ASN E 270 12.09 41.18 18.45
N ASN E 271 11.43 42.05 17.68
CA ASN E 271 9.99 41.91 17.44
C ASN E 271 9.68 41.28 16.09
N ASN E 272 10.58 41.42 15.12
CA ASN E 272 10.65 40.57 13.93
C ASN E 272 9.42 40.57 13.04
N THR E 273 9.13 41.69 12.38
CA THR E 273 7.97 41.84 11.51
C THR E 273 8.11 40.97 10.27
N ARG E 274 7.01 40.32 9.89
CA ARG E 274 6.95 39.51 8.69
C ARG E 274 6.58 40.40 7.49
N LYS E 275 6.93 39.93 6.29
CA LYS E 275 6.58 40.64 5.07
C LYS E 275 6.27 39.60 4.01
N SER E 276 5.04 39.60 3.51
CA SER E 276 4.59 38.58 2.58
C SER E 276 4.85 39.01 1.14
N ILE E 277 5.37 38.09 0.33
CA ILE E 277 5.75 38.36 -1.05
C ILE E 277 5.00 37.39 -1.95
N ARG E 278 4.43 37.93 -3.03
CA ARG E 278 3.79 37.11 -4.05
C ARG E 278 4.82 36.65 -5.07
N ILE E 279 4.85 35.35 -5.35
CA ILE E 279 5.82 34.79 -6.28
C ILE E 279 5.05 33.98 -7.31
N GLY E 280 4.91 34.52 -8.52
CA GLY E 280 4.32 33.82 -9.63
C GLY E 280 2.83 33.58 -9.46
N PRO E 281 2.42 32.31 -9.49
CA PRO E 281 1.07 31.95 -9.09
C PRO E 281 0.91 31.98 -7.59
N GLY E 282 -0.18 31.42 -7.06
CA GLY E 282 -0.51 31.60 -5.65
C GLY E 282 0.44 30.90 -4.71
N GLN E 283 1.67 31.42 -4.65
CA GLN E 283 2.76 30.93 -3.80
C GLN E 283 3.28 32.13 -3.04
N ALA E 284 2.75 32.36 -1.84
CA ALA E 284 3.24 33.45 -1.04
C ALA E 284 4.61 33.12 -0.49
N PHE E 285 5.39 34.15 -0.21
CA PHE E 285 6.71 34.00 0.38
C PHE E 285 6.85 34.99 1.50
N TYR E 286 7.38 34.54 2.63
CA TYR E 286 7.49 35.35 3.83
C TYR E 286 8.93 35.72 4.07
N ALA E 287 9.20 37.02 4.09
CA ALA E 287 10.53 37.54 4.36
C ALA E 287 10.44 38.46 5.57
N THR E 288 11.60 38.66 6.21
CA THR E 288 11.65 39.49 7.41
C THR E 288 11.53 40.96 7.01
N GLY E 289 10.46 41.60 7.47
CA GLY E 289 10.32 43.03 7.30
C GLY E 289 11.25 43.80 8.23
N ASP E 290 11.19 45.12 8.11
CA ASP E 290 11.96 45.97 9.00
C ASP E 290 11.37 45.94 10.41
N ILE E 291 12.19 45.54 11.37
CA ILE E 291 11.76 45.32 12.74
C ILE E 291 11.52 46.64 13.45
N ILE E 292 10.95 46.56 14.67
CA ILE E 292 10.56 47.74 15.42
C ILE E 292 11.78 48.59 15.77
N GLY E 293 12.93 47.96 16.00
CA GLY E 293 14.13 48.77 16.10
C GLY E 293 14.87 48.72 17.41
N ASP E 294 14.88 47.57 18.07
CA ASP E 294 15.71 47.36 19.26
C ASP E 294 16.52 46.10 19.02
N ILE E 295 17.64 46.24 18.33
CA ILE E 295 18.43 45.11 17.89
C ILE E 295 19.35 44.73 19.05
N ARG E 296 19.02 43.66 19.74
CA ARG E 296 19.84 43.13 20.81
C ARG E 296 20.24 41.70 20.45
N GLN E 297 20.86 41.02 21.40
CA GLN E 297 21.40 39.70 21.16
C GLN E 297 20.48 38.62 21.72
N ALA E 298 20.41 37.50 21.03
CA ALA E 298 19.70 36.33 21.54
C ALA E 298 20.57 35.64 22.59
N HIS E 299 19.96 35.25 23.70
CA HIS E 299 20.72 34.77 24.83
C HIS E 299 19.86 33.85 25.69
N CYS E 300 20.52 33.04 26.51
CA CYS E 300 19.85 32.13 27.44
C CYS E 300 20.52 32.24 28.80
N ASN E 301 19.73 32.58 29.82
CA ASN E 301 20.26 32.76 31.17
C ASN E 301 20.26 31.44 31.91
N VAL E 302 21.39 31.09 32.53
CA VAL E 302 21.56 29.86 33.29
C VAL E 302 22.09 30.23 34.67
N SER E 303 21.47 29.67 35.71
CA SER E 303 21.92 29.94 37.08
C SER E 303 23.24 29.25 37.36
N LYS E 304 24.25 30.03 37.73
CA LYS E 304 25.60 29.51 37.92
C LYS E 304 25.71 28.60 39.13
N ALA E 305 24.87 28.81 40.14
CA ALA E 305 24.95 28.01 41.35
C ALA E 305 24.51 26.58 41.07
N THR E 306 23.32 26.42 40.51
CA THR E 306 22.77 25.09 40.25
C THR E 306 23.58 24.35 39.21
N TRP E 307 24.13 25.08 38.23
CA TRP E 307 25.02 24.47 37.25
C TRP E 307 26.30 23.98 37.90
N ASN E 308 26.77 24.69 38.93
CA ASN E 308 27.98 24.24 39.62
C ASN E 308 27.72 22.99 40.43
N GLU E 309 26.50 22.85 40.96
CA GLU E 309 26.22 21.70 41.82
C GLU E 309 26.02 20.45 41.00
N THR E 310 25.45 20.58 39.81
CA THR E 310 25.22 19.43 38.95
C THR E 310 26.54 18.85 38.44
N LEU E 311 27.50 19.70 38.14
CA LEU E 311 28.80 19.22 37.69
C LEU E 311 29.54 18.49 38.81
N GLY E 312 29.32 18.91 40.06
CA GLY E 312 29.93 18.22 41.17
C GLY E 312 29.40 16.82 41.36
N LYS E 313 28.11 16.63 41.13
CA LYS E 313 27.54 15.28 41.18
C LYS E 313 28.04 14.45 40.02
N VAL E 314 28.29 15.10 38.88
CA VAL E 314 28.77 14.39 37.69
C VAL E 314 30.20 13.91 37.91
N VAL E 315 31.05 14.79 38.43
CA VAL E 315 32.45 14.44 38.55
C VAL E 315 32.67 13.43 39.67
N LYS E 316 31.78 13.43 40.68
CA LYS E 316 31.95 12.49 41.79
C LYS E 316 31.60 11.08 41.37
N GLN E 317 30.70 10.92 40.41
CA GLN E 317 30.46 9.61 39.85
C GLN E 317 31.32 9.33 38.63
N LEU E 318 31.94 10.36 38.06
CA LEU E 318 32.95 10.13 37.05
C LEU E 318 34.19 9.51 37.67
N ARG E 319 34.49 9.85 38.92
CA ARG E 319 35.61 9.26 39.63
C ARG E 319 35.35 7.82 40.03
N LYS E 320 34.11 7.33 39.87
CA LYS E 320 33.87 5.91 40.09
C LYS E 320 34.50 5.08 38.99
N HIS E 321 34.54 5.61 37.77
CA HIS E 321 35.00 4.81 36.64
C HIS E 321 36.51 4.74 36.57
N PHE E 322 37.19 5.75 37.09
CA PHE E 322 38.65 5.77 37.09
C PHE E 322 39.12 6.76 38.15
N GLY E 323 40.42 6.71 38.45
CA GLY E 323 41.07 7.38 39.56
C GLY E 323 40.69 8.81 39.87
N ASN E 324 40.54 9.11 41.16
CA ASN E 324 39.90 10.34 41.59
C ASN E 324 40.81 11.55 41.47
N ASN E 325 41.18 11.94 40.25
CA ASN E 325 42.23 12.94 40.10
C ASN E 325 42.04 13.73 38.81
N THR E 326 42.15 15.05 38.93
CA THR E 326 42.48 16.00 37.85
C THR E 326 41.49 15.96 36.69
N ILE E 327 40.29 16.44 36.97
CA ILE E 327 39.23 16.54 35.97
C ILE E 327 39.20 17.97 35.44
N ILE E 328 39.32 18.11 34.11
CA ILE E 328 39.25 19.39 33.42
C ILE E 328 38.21 19.26 32.31
N ARG E 329 37.42 20.31 32.13
CA ARG E 329 36.47 20.37 31.02
C ARG E 329 36.85 21.51 30.08
N PHE E 330 36.50 21.34 28.81
CA PHE E 330 36.97 22.22 27.76
C PHE E 330 35.84 22.66 26.85
N ALA E 331 36.13 23.67 26.04
CA ALA E 331 35.29 24.00 24.92
C ALA E 331 35.49 22.97 23.81
N ASN E 332 34.61 23.03 22.80
CA ASN E 332 34.68 22.09 21.65
C ASN E 332 36.02 22.31 20.94
N SER E 333 36.60 21.23 20.40
CA SER E 333 37.91 21.27 19.73
C SER E 333 37.82 20.67 18.32
N SER E 334 38.86 20.93 17.51
CA SER E 334 39.01 20.46 16.10
C SER E 334 38.04 21.17 15.15
N GLY E 335 37.57 22.36 15.54
CA GLY E 335 36.68 23.16 14.67
C GLY E 335 35.41 22.41 14.28
N GLY E 336 35.14 22.35 12.96
CA GLY E 336 33.94 21.68 12.41
C GLY E 336 32.80 22.68 12.25
N ASP E 337 31.67 22.23 11.70
CA ASP E 337 30.50 23.13 11.49
C ASP E 337 29.79 23.41 12.82
N LEU E 338 29.07 24.54 12.88
CA LEU E 338 28.28 24.92 14.04
C LEU E 338 27.79 23.70 14.79
N GLU E 339 27.09 22.81 14.09
CA GLU E 339 26.30 21.73 14.67
C GLU E 339 27.12 20.71 15.45
N VAL E 340 28.44 20.72 15.32
CA VAL E 340 29.31 19.94 16.19
C VAL E 340 29.92 20.76 17.30
N THR E 341 29.76 22.09 17.28
CA THR E 341 30.41 22.95 18.24
C THR E 341 29.44 23.70 19.14
N THR E 342 28.36 24.24 18.59
CA THR E 342 27.39 24.96 19.39
C THR E 342 26.23 24.06 19.77
N HIS E 343 25.68 24.31 20.95
CA HIS E 343 24.42 23.70 21.34
C HIS E 343 23.31 24.27 20.49
N SER E 344 22.79 23.46 19.57
CA SER E 344 21.85 23.92 18.58
C SER E 344 20.52 23.25 18.81
N PHE E 345 19.45 23.98 18.52
CA PHE E 345 18.08 23.56 18.78
C PHE E 345 17.17 24.56 18.10
N ASN E 346 15.87 24.36 18.27
CA ASN E 346 14.88 25.34 17.87
C ASN E 346 14.02 25.71 19.06
N CYS E 347 13.47 26.91 19.03
CA CYS E 347 12.60 27.40 20.09
C CYS E 347 11.39 28.05 19.42
N GLY E 348 10.29 27.31 19.36
CA GLY E 348 9.08 27.83 18.74
C GLY E 348 9.21 28.02 17.25
N GLY E 349 9.90 27.11 16.57
CA GLY E 349 10.16 27.30 15.16
C GLY E 349 11.15 28.40 14.89
N GLU E 350 12.20 28.50 15.71
CA GLU E 350 13.26 29.47 15.49
C GLU E 350 14.55 28.88 16.03
N PHE E 351 15.54 28.79 15.17
CA PHE E 351 16.64 27.84 15.34
C PHE E 351 17.85 28.55 15.89
N PHE E 352 18.28 28.13 17.07
CA PHE E 352 19.29 28.85 17.83
C PHE E 352 20.63 28.13 17.76
N TYR E 353 21.70 28.93 17.89
CA TYR E 353 23.06 28.42 17.88
C TYR E 353 23.83 29.23 18.91
N CYS E 354 24.12 28.62 20.05
CA CYS E 354 24.66 29.33 21.19
C CYS E 354 26.09 28.88 21.45
N ASN E 355 27.03 29.83 21.48
CA ASN E 355 28.40 29.48 21.80
C ASN E 355 28.45 29.13 23.27
N THR E 356 28.33 27.84 23.57
CA THR E 356 28.39 27.36 24.95
C THR E 356 29.82 26.96 25.32
N SER E 357 30.72 27.89 25.05
CA SER E 357 32.05 27.81 25.61
C SER E 357 32.01 27.98 27.11
N GLY E 358 31.27 28.97 27.59
CA GLY E 358 31.26 29.36 28.98
C GLY E 358 30.51 28.42 29.90
N LEU E 359 30.84 27.14 29.85
CA LEU E 359 30.29 26.17 30.78
C LEU E 359 31.34 25.18 31.27
N PHE E 360 32.58 25.28 30.79
CA PHE E 360 33.56 24.20 30.96
C PHE E 360 34.91 24.77 31.39
N ASN E 361 35.08 24.93 32.69
CA ASN E 361 36.39 25.12 33.29
C ASN E 361 36.74 23.89 34.12
N SER E 362 37.97 23.86 34.63
CA SER E 362 38.44 22.72 35.40
C SER E 362 37.78 22.62 36.77
N THR E 363 36.88 21.68 36.94
CA THR E 363 36.29 21.40 38.24
C THR E 363 37.01 20.19 38.81
N TRP E 364 38.01 20.44 39.64
CA TRP E 364 38.61 19.38 40.43
C TRP E 364 39.14 19.95 41.73
N ILE E 365 38.94 19.20 42.81
CA ILE E 365 39.36 19.62 44.14
C ILE E 365 40.12 18.49 44.84
N SER E 381 23.90 34.02 37.68
CA SER E 381 23.30 33.84 36.36
C SER E 381 24.33 33.92 35.25
N ILE E 382 24.26 32.99 34.29
CA ILE E 382 25.17 32.97 33.16
C ILE E 382 24.36 33.14 31.88
N THR E 383 24.71 34.14 31.09
CA THR E 383 24.15 34.29 29.77
C THR E 383 25.01 33.54 28.77
N LEU E 384 24.44 33.32 27.57
CA LEU E 384 25.13 32.59 26.53
C LEU E 384 24.86 33.22 25.19
N PRO E 385 25.89 33.48 24.37
CA PRO E 385 25.69 34.20 23.11
C PRO E 385 25.09 33.29 22.05
N CYS E 386 23.83 33.56 21.69
CA CYS E 386 23.09 32.68 20.79
C CYS E 386 22.94 33.35 19.43
N ARG E 387 23.40 32.67 18.39
CA ARG E 387 23.21 33.11 17.02
C ARG E 387 22.02 32.39 16.41
N ILE E 388 21.56 32.93 15.28
CA ILE E 388 20.37 32.41 14.62
C ILE E 388 20.68 32.23 13.14
N LYS E 389 20.53 31.01 12.66
CA LYS E 389 20.43 30.76 11.23
C LYS E 389 18.96 30.76 10.84
N GLN E 390 18.70 31.08 9.58
CA GLN E 390 17.34 30.95 9.07
C GLN E 390 17.25 29.89 7.99
N ILE E 391 18.14 29.92 7.00
CA ILE E 391 18.29 28.81 6.09
C ILE E 391 19.01 27.70 6.83
N ILE E 392 18.38 26.54 6.90
CA ILE E 392 18.95 25.41 7.60
C ILE E 392 19.29 24.35 6.58
N ASN E 393 20.38 23.63 6.81
CA ASN E 393 20.63 22.40 6.09
C ASN E 393 19.62 21.34 6.51
N MET E 394 19.59 20.25 5.74
CA MET E 394 18.99 19.03 6.24
C MET E 394 19.68 18.66 7.53
N TRP E 395 18.88 18.53 8.59
CA TRP E 395 19.42 18.54 9.94
C TRP E 395 20.27 17.32 10.27
N GLN E 396 20.33 16.33 9.39
CA GLN E 396 21.42 15.37 9.42
C GLN E 396 22.26 15.38 8.14
N ARG E 397 21.62 15.44 6.98
CA ARG E 397 22.28 15.11 5.73
C ARG E 397 22.79 16.34 5.00
N ILE E 398 23.50 16.07 3.91
CA ILE E 398 23.89 17.07 2.93
C ILE E 398 22.94 16.94 1.74
N GLY E 399 22.68 18.04 1.05
CA GLY E 399 21.77 17.98 -0.06
C GLY E 399 20.65 18.99 0.04
N GLN E 400 19.42 18.50 0.20
CA GLN E 400 18.27 19.38 0.26
C GLN E 400 18.27 20.16 1.56
N ALA E 401 17.66 21.34 1.51
CA ALA E 401 17.75 22.26 2.63
C ALA E 401 16.46 23.06 2.71
N MET E 402 16.02 23.31 3.93
CA MET E 402 14.78 24.02 4.17
C MET E 402 15.05 25.46 4.53
N TYR E 403 14.01 26.27 4.42
CA TYR E 403 14.08 27.68 4.79
C TYR E 403 13.03 27.96 5.83
N ALA E 404 13.46 28.39 7.00
CA ALA E 404 12.52 28.69 8.05
C ALA E 404 11.86 30.03 7.77
N PRO E 405 10.53 30.13 7.89
CA PRO E 405 9.89 31.42 7.85
C PRO E 405 10.15 32.17 9.14
N PRO E 406 10.05 33.50 9.14
CA PRO E 406 10.22 34.25 10.38
C PRO E 406 9.01 34.12 11.28
N ILE E 407 9.24 34.39 12.56
CA ILE E 407 8.20 34.38 13.57
C ILE E 407 7.97 35.80 14.03
N GLN E 408 6.71 36.22 14.05
CA GLN E 408 6.39 37.55 14.54
C GLN E 408 6.51 37.62 16.05
N GLY E 409 6.66 38.82 16.56
CA GLY E 409 6.67 39.03 17.99
C GLY E 409 8.01 38.73 18.63
N VAL E 410 7.99 38.52 19.94
CA VAL E 410 9.20 38.26 20.72
C VAL E 410 9.20 36.81 21.13
N ILE E 411 10.32 36.14 20.92
CA ILE E 411 10.44 34.71 21.17
C ILE E 411 11.10 34.50 22.52
N ARG E 412 10.45 33.69 23.36
CA ARG E 412 11.02 33.29 24.65
C ARG E 412 10.45 31.93 25.03
N CYS E 413 11.33 31.00 25.38
CA CYS E 413 10.90 29.67 25.81
C CYS E 413 11.92 29.10 26.78
N VAL E 414 11.46 28.20 27.65
CA VAL E 414 12.28 27.68 28.72
C VAL E 414 11.78 26.30 29.16
N SER E 415 12.70 25.34 29.24
CA SER E 415 12.46 24.09 29.93
C SER E 415 13.78 23.42 30.28
N ASN E 416 13.65 22.21 30.81
CA ASN E 416 14.72 21.54 31.54
C ASN E 416 15.80 20.96 30.63
N ILE E 417 16.97 20.68 31.20
CA ILE E 417 17.96 19.80 30.56
C ILE E 417 17.90 18.49 31.31
N THR E 418 18.44 17.45 30.71
CA THR E 418 18.46 16.12 31.28
C THR E 418 19.83 15.47 31.11
N GLY E 419 20.72 16.08 30.34
CA GLY E 419 22.09 15.62 30.30
C GLY E 419 22.83 16.10 29.06
N LEU E 420 24.04 15.59 28.93
CA LEU E 420 25.02 16.05 27.97
C LEU E 420 25.55 14.87 27.19
N ILE E 421 26.38 15.17 26.19
CA ILE E 421 27.13 14.16 25.45
C ILE E 421 28.59 14.55 25.52
N LEU E 422 29.40 13.74 26.16
CA LEU E 422 30.79 14.08 26.39
C LEU E 422 31.71 13.09 25.70
N THR E 423 32.95 13.52 25.52
CA THR E 423 33.98 12.70 24.92
C THR E 423 35.22 12.74 25.80
N ARG E 424 35.81 11.57 26.04
CA ARG E 424 37.10 11.47 26.68
C ARG E 424 38.16 11.60 25.61
N ASP E 425 39.13 12.48 25.85
CA ASP E 425 40.15 12.73 24.82
C ASP E 425 41.26 11.69 24.90
N GLY E 426 41.75 11.42 26.09
CA GLY E 426 42.80 10.43 26.27
C GLY E 426 44.16 10.92 25.82
N GLY E 427 44.71 10.30 24.79
CA GLY E 427 46.01 10.71 24.30
C GLY E 427 47.12 10.27 25.23
N SER E 428 48.10 11.14 25.42
CA SER E 428 49.27 10.82 26.23
C SER E 428 49.05 11.07 27.72
N THR E 429 47.84 11.46 28.13
CA THR E 429 47.54 11.65 29.54
C THR E 429 47.43 10.28 30.21
N ASN E 430 48.57 9.72 30.59
CA ASN E 430 48.59 8.36 31.13
C ASN E 430 48.00 8.27 32.52
N SER E 431 48.12 9.32 33.33
CA SER E 431 47.67 9.24 34.70
C SER E 431 46.74 10.38 35.10
N THR E 432 47.04 11.59 34.63
CA THR E 432 46.39 12.77 35.19
C THR E 432 45.79 13.64 34.10
N THR E 433 45.39 14.85 34.49
CA THR E 433 44.77 15.91 33.67
C THR E 433 43.72 15.38 32.70
N GLU E 434 42.68 14.80 33.27
CA GLU E 434 41.64 14.20 32.45
C GLU E 434 40.74 15.28 31.86
N THR E 435 40.60 15.25 30.53
CA THR E 435 39.98 16.32 29.76
C THR E 435 38.72 15.83 29.10
N PHE E 436 37.65 16.61 29.22
CA PHE E 436 36.37 16.31 28.60
C PHE E 436 35.90 17.50 27.79
N ARG E 437 35.31 17.22 26.63
CA ARG E 437 34.70 18.25 25.82
C ARG E 437 33.34 17.77 25.34
N PRO E 438 32.35 18.65 25.31
CA PRO E 438 30.98 18.23 25.00
C PRO E 438 30.75 17.88 23.55
N GLY E 439 31.17 16.68 23.14
CA GLY E 439 31.02 16.25 21.77
C GLY E 439 29.59 15.84 21.44
N GLY E 440 29.45 15.16 20.32
CA GLY E 440 28.16 14.64 19.92
C GLY E 440 27.58 15.32 18.69
N GLY E 441 27.54 14.60 17.58
CA GLY E 441 26.99 15.13 16.34
C GLY E 441 25.85 14.29 15.81
N ASP E 442 25.81 13.03 16.20
CA ASP E 442 24.75 12.14 15.74
C ASP E 442 23.45 12.47 16.46
N MET E 443 22.34 12.07 15.84
CA MET E 443 21.04 12.23 16.45
C MET E 443 20.54 10.98 17.13
N ARG E 444 21.10 9.81 16.79
CA ARG E 444 20.62 8.56 17.37
C ARG E 444 20.93 8.48 18.85
N ASP E 445 21.96 9.19 19.31
CA ASP E 445 22.30 9.14 20.72
C ASP E 445 21.31 9.91 21.58
N ASN E 446 20.51 10.78 20.98
CA ASN E 446 19.40 11.37 21.72
C ASN E 446 18.41 10.30 22.13
N TRP E 447 17.90 9.55 21.17
CA TRP E 447 16.90 8.53 21.45
C TRP E 447 17.51 7.28 22.05
N ARG E 448 18.84 7.13 22.00
CA ARG E 448 19.46 6.07 22.77
C ARG E 448 19.36 6.35 24.25
N SER E 449 19.30 7.63 24.63
CA SER E 449 19.17 7.99 26.03
C SER E 449 17.76 7.81 26.56
N GLU E 450 16.81 7.41 25.73
CA GLU E 450 15.46 7.16 26.21
C GLU E 450 14.93 5.78 25.86
N LEU E 451 15.48 5.11 24.87
CA LEU E 451 15.08 3.74 24.57
C LEU E 451 16.03 2.73 25.18
N TYR E 452 16.85 3.15 26.13
CA TYR E 452 17.77 2.24 26.80
C TYR E 452 17.03 1.24 27.68
N LYS E 453 15.93 1.65 28.29
CA LYS E 453 15.20 0.81 29.22
C LYS E 453 14.03 0.11 28.57
N TYR E 454 14.15 -0.21 27.29
CA TYR E 454 13.09 -0.90 26.57
C TYR E 454 13.72 -1.95 25.68
N LYS E 455 12.98 -3.02 25.45
CA LYS E 455 13.41 -4.05 24.52
C LYS E 455 12.18 -4.77 23.98
N VAL E 456 12.29 -5.22 22.74
CA VAL E 456 11.20 -5.89 22.04
C VAL E 456 11.54 -7.37 21.92
N VAL E 457 10.54 -8.22 22.15
CA VAL E 457 10.71 -9.66 22.06
C VAL E 457 9.53 -10.26 21.31
N LYS E 458 9.81 -11.26 20.49
CA LYS E 458 8.73 -12.02 19.89
C LYS E 458 8.21 -13.02 20.91
N ILE E 459 7.03 -13.56 20.64
CA ILE E 459 6.39 -14.50 21.56
C ILE E 459 6.27 -15.84 20.85
N GLU E 460 6.75 -16.90 21.49
CA GLU E 460 6.73 -18.23 20.90
C GLU E 460 5.79 -19.11 21.71
N PRO E 461 4.50 -19.14 21.39
CA PRO E 461 3.53 -19.82 22.26
C PRO E 461 3.50 -21.33 22.14
N LEU E 462 4.48 -21.96 21.49
CA LEU E 462 4.45 -23.40 21.29
C LEU E 462 5.54 -24.05 22.11
N GLY E 463 5.14 -24.88 23.06
CA GLY E 463 6.09 -25.56 23.93
C GLY E 463 5.69 -27.00 24.16
N VAL E 464 6.69 -27.84 24.37
CA VAL E 464 6.48 -29.27 24.55
C VAL E 464 7.12 -29.70 25.87
N ALA E 465 6.57 -30.75 26.46
CA ALA E 465 7.07 -31.30 27.70
C ALA E 465 6.60 -32.74 27.81
N PRO E 466 7.39 -33.62 28.42
CA PRO E 466 6.90 -34.98 28.68
C PRO E 466 6.15 -35.08 30.00
N THR E 467 5.03 -35.79 29.98
CA THR E 467 4.22 -36.06 31.16
C THR E 467 3.82 -37.52 31.17
N ARG E 468 2.89 -37.84 32.07
CA ARG E 468 2.42 -39.21 32.25
C ARG E 468 1.12 -39.50 31.51
N CYS E 469 0.63 -38.56 30.71
CA CYS E 469 -0.60 -38.81 29.97
C CYS E 469 -0.28 -39.45 28.62
N LYS E 470 -1.19 -40.30 28.16
CA LYS E 470 -1.09 -40.89 26.84
C LYS E 470 -2.49 -40.96 26.24
N ARG E 471 -2.55 -40.84 24.92
CA ARG E 471 -3.84 -40.84 24.24
C ARG E 471 -4.48 -42.21 24.28
N ARG E 472 -5.80 -42.23 24.32
CA ARG E 472 -6.58 -43.47 24.30
C ARG E 472 -6.88 -43.80 22.85
N VAL E 473 -6.04 -44.64 22.25
CA VAL E 473 -6.14 -44.97 20.83
C VAL E 473 -7.36 -45.85 20.60
N VAL E 474 -8.24 -45.41 19.70
CA VAL E 474 -9.41 -46.20 19.32
C VAL E 474 -9.08 -47.08 18.12
N PHE F 11 -1.35 -11.30 31.68
CA PHE F 11 -0.49 -11.45 30.51
C PHE F 11 0.95 -11.55 30.94
N LEU F 12 1.56 -12.70 30.64
CA LEU F 12 2.96 -13.02 30.94
C LEU F 12 3.24 -12.96 32.44
N GLY F 13 2.22 -13.19 33.26
CA GLY F 13 2.31 -12.89 34.68
C GLY F 13 3.19 -13.83 35.47
N ALA F 14 3.48 -15.00 34.94
CA ALA F 14 4.36 -15.95 35.61
C ALA F 14 5.34 -16.54 34.63
N ALA F 15 5.86 -15.70 33.73
CA ALA F 15 6.91 -16.16 32.83
C ALA F 15 8.22 -16.37 33.57
N GLY F 16 8.51 -15.52 34.56
CA GLY F 16 9.71 -15.68 35.35
C GLY F 16 9.68 -16.85 36.31
N SER F 17 8.52 -17.45 36.51
CA SER F 17 8.36 -18.60 37.39
C SER F 17 8.96 -19.85 36.76
N THR F 18 9.23 -20.84 37.60
CA THR F 18 9.56 -22.17 37.13
C THR F 18 8.31 -22.84 36.56
N MET F 19 8.51 -23.97 35.87
CA MET F 19 7.38 -24.68 35.28
C MET F 19 6.47 -25.28 36.34
N GLY F 20 7.01 -25.54 37.54
CA GLY F 20 6.16 -25.87 38.66
C GLY F 20 5.28 -24.71 39.08
N ALA F 21 5.86 -23.51 39.15
CA ALA F 21 5.07 -22.31 39.36
C ALA F 21 4.58 -21.72 38.05
N ALA F 22 4.79 -22.42 36.94
CA ALA F 22 4.02 -22.22 35.72
C ALA F 22 3.15 -23.42 35.41
N SER F 23 3.06 -24.37 36.34
CA SER F 23 1.97 -25.32 36.28
C SER F 23 0.66 -24.65 36.67
N MET F 24 0.71 -23.49 37.33
CA MET F 24 -0.48 -22.69 37.46
C MET F 24 -0.80 -21.92 36.19
N THR F 25 0.20 -21.67 35.33
CA THR F 25 -0.09 -21.02 34.06
C THR F 25 -0.90 -21.92 33.16
N LEU F 26 -0.58 -23.21 33.12
CA LEU F 26 -1.43 -24.13 32.39
C LEU F 26 -2.73 -24.43 33.12
N THR F 27 -2.79 -24.14 34.43
CA THR F 27 -4.07 -24.20 35.14
C THR F 27 -4.98 -23.06 34.72
N VAL F 28 -4.42 -21.96 34.24
CA VAL F 28 -5.18 -20.82 33.72
C VAL F 28 -4.99 -20.80 32.21
N GLN F 29 -5.49 -19.77 31.52
CA GLN F 29 -5.54 -19.79 30.06
C GLN F 29 -4.17 -19.63 29.41
N ALA F 30 -3.26 -20.57 29.72
CA ALA F 30 -1.84 -20.47 29.41
C ALA F 30 -1.26 -19.12 29.84
N ARG F 31 -1.73 -18.63 31.02
CA ARG F 31 -1.50 -17.26 31.53
C ARG F 31 -1.88 -16.19 30.49
N ASN F 32 -3.04 -16.43 29.84
CA ASN F 32 -3.69 -15.51 28.91
C ASN F 32 -2.82 -15.18 27.70
N LEU F 33 -1.98 -16.13 27.30
CA LEU F 33 -1.05 -15.91 26.20
C LEU F 33 -1.76 -15.89 24.85
N LEU F 34 -2.64 -16.86 24.58
CA LEU F 34 -3.27 -16.93 23.26
C LEU F 34 -4.23 -15.78 22.99
N SER F 35 -5.06 -15.42 23.94
CA SER F 35 -5.88 -14.23 23.74
C SER F 35 -5.04 -12.97 23.71
N GLY F 36 -3.93 -12.98 24.45
CA GLY F 36 -2.96 -11.90 24.35
C GLY F 36 -2.31 -11.76 22.99
N ILE F 37 -2.20 -12.86 22.24
CA ILE F 37 -1.72 -12.78 20.86
C ILE F 37 -2.71 -11.99 20.01
N VAL F 38 -4.00 -12.14 20.31
CA VAL F 38 -5.00 -11.56 19.42
C VAL F 38 -5.62 -10.30 20.01
N GLN F 39 -5.66 -10.13 21.34
CA GLN F 39 -6.21 -8.89 21.88
C GLN F 39 -5.27 -7.70 21.69
N GLN F 40 -3.99 -7.93 21.38
CA GLN F 40 -3.11 -6.82 21.03
C GLN F 40 -3.45 -6.19 19.69
N GLN F 41 -4.20 -6.90 18.85
CA GLN F 41 -4.65 -6.34 17.58
C GLN F 41 -5.73 -5.29 17.76
N SER F 42 -6.37 -5.21 18.93
CA SER F 42 -7.54 -4.38 19.10
C SER F 42 -7.23 -2.88 19.10
N ASN F 43 -5.97 -2.50 19.35
CA ASN F 43 -5.61 -1.09 19.25
C ASN F 43 -5.61 -0.64 17.79
N LEU F 44 -4.96 -1.41 16.91
CA LEU F 44 -5.01 -1.13 15.48
C LEU F 44 -6.33 -1.55 14.85
N LEU F 45 -7.13 -2.37 15.55
CA LEU F 45 -8.50 -2.58 15.11
C LEU F 45 -9.36 -1.35 15.39
N ARG F 46 -9.00 -0.56 16.39
CA ARG F 46 -9.87 0.54 16.82
C ARG F 46 -9.70 1.81 16.01
N ALA F 47 -8.50 2.15 15.56
CA ALA F 47 -8.30 3.30 14.67
C ALA F 47 -7.41 2.96 13.48
N PRO F 48 -7.93 2.20 12.48
CA PRO F 48 -7.29 2.27 11.16
C PRO F 48 -8.02 3.18 10.18
N GLU F 49 -9.22 3.63 10.54
CA GLU F 49 -10.12 4.29 9.62
C GLU F 49 -10.68 5.57 10.24
N ALA F 50 -10.71 5.61 11.58
CA ALA F 50 -11.33 6.71 12.31
C ALA F 50 -10.60 8.03 12.12
N GLN F 51 -9.35 7.99 11.66
CA GLN F 51 -8.70 9.19 11.17
C GLN F 51 -9.40 9.69 9.92
N GLN F 52 -9.84 10.95 9.96
CA GLN F 52 -10.45 11.60 8.80
C GLN F 52 -9.49 12.71 8.39
N HIS F 53 -8.50 12.33 7.58
CA HIS F 53 -7.51 13.25 7.04
C HIS F 53 -7.24 12.86 5.60
N LEU F 54 -6.97 13.87 4.76
CA LEU F 54 -6.67 13.57 3.37
C LEU F 54 -5.21 13.17 3.21
N LEU F 55 -4.31 14.15 3.39
CA LEU F 55 -2.85 14.01 3.55
C LEU F 55 -2.11 13.45 2.34
N LYS F 56 -2.84 12.99 1.32
CA LYS F 56 -2.37 12.60 -0.01
C LYS F 56 -1.37 11.44 -0.05
N LEU F 57 -0.98 10.89 1.10
CA LEU F 57 0.12 9.95 1.17
C LEU F 57 0.13 9.31 2.55
N THR F 58 0.59 8.06 2.61
CA THR F 58 0.54 7.26 3.83
C THR F 58 1.90 6.67 4.12
N VAL F 59 2.47 7.04 5.27
CA VAL F 59 3.71 6.41 5.73
C VAL F 59 3.43 5.06 6.39
N TRP F 60 2.38 5.00 7.21
CA TRP F 60 1.99 3.76 7.86
C TRP F 60 1.03 2.93 7.03
N GLY F 61 0.77 3.35 5.79
CA GLY F 61 -0.09 2.58 4.91
C GLY F 61 0.44 1.21 4.57
N ILE F 62 1.76 1.03 4.66
CA ILE F 62 2.34 -0.29 4.51
C ILE F 62 2.92 -0.81 5.83
N LYS F 63 3.50 0.06 6.65
CA LYS F 63 4.21 -0.37 7.84
C LYS F 63 3.27 -0.98 8.86
N GLN F 64 2.05 -0.45 8.98
CA GLN F 64 1.05 -1.13 9.77
C GLN F 64 0.58 -2.39 9.07
N LEU F 65 0.36 -2.31 7.77
CA LEU F 65 -0.24 -3.43 7.04
C LEU F 65 0.73 -4.59 6.92
N GLN F 66 2.02 -4.31 6.82
CA GLN F 66 3.00 -5.39 6.84
C GLN F 66 3.06 -6.03 8.21
N ALA F 67 2.98 -5.21 9.26
CA ALA F 67 2.99 -5.74 10.62
C ALA F 67 1.68 -6.44 10.94
N ARG F 68 0.59 -6.02 10.30
CA ARG F 68 -0.71 -6.61 10.61
C ARG F 68 -0.82 -8.02 10.06
N VAL F 69 -0.42 -8.23 8.81
CA VAL F 69 -0.49 -9.57 8.25
C VAL F 69 0.66 -10.44 8.70
N LEU F 70 1.68 -9.86 9.33
CA LEU F 70 2.74 -10.68 9.90
C LEU F 70 2.22 -11.43 11.12
N ALA F 71 1.34 -10.79 11.89
CA ALA F 71 0.79 -11.43 13.07
C ALA F 71 -0.23 -12.48 12.69
N VAL F 72 -0.86 -12.33 11.53
CA VAL F 72 -1.87 -13.30 11.12
C VAL F 72 -1.20 -14.60 10.68
N GLU F 73 -0.17 -14.50 9.85
CA GLU F 73 0.49 -15.70 9.33
C GLU F 73 1.22 -16.44 10.43
N ARG F 74 1.87 -15.70 11.33
CA ARG F 74 2.45 -16.32 12.50
C ARG F 74 1.36 -16.87 13.41
N TYR F 75 0.23 -16.18 13.49
CA TYR F 75 -0.90 -16.65 14.28
C TYR F 75 -1.73 -17.72 13.57
N LEU F 76 -1.31 -18.15 12.39
CA LEU F 76 -1.97 -19.24 11.69
C LEU F 76 -1.07 -20.45 11.49
N ARG F 77 0.25 -20.27 11.56
CA ARG F 77 1.14 -21.42 11.42
C ARG F 77 1.00 -22.37 12.60
N ASP F 78 0.69 -21.83 13.78
CA ASP F 78 0.50 -22.67 14.94
C ASP F 78 -0.83 -23.40 14.87
N GLN F 79 -1.87 -22.70 14.44
CA GLN F 79 -3.18 -23.34 14.25
C GLN F 79 -3.12 -24.39 13.15
N GLN F 80 -2.27 -24.15 12.15
CA GLN F 80 -2.02 -25.18 11.15
C GLN F 80 -1.20 -26.31 11.74
N LEU F 81 -0.31 -26.01 12.67
CA LEU F 81 0.51 -27.05 13.26
C LEU F 81 -0.23 -27.84 14.32
N LEU F 82 -1.17 -27.21 15.03
CA LEU F 82 -1.98 -28.00 15.94
C LEU F 82 -3.00 -28.84 15.20
N GLY F 83 -3.40 -28.40 14.01
CA GLY F 83 -4.27 -29.23 13.20
C GLY F 83 -3.58 -30.46 12.66
N ILE F 84 -2.28 -30.35 12.36
CA ILE F 84 -1.56 -31.48 11.82
C ILE F 84 -1.18 -32.50 12.87
N TRP F 85 -1.30 -32.15 14.15
CA TRP F 85 -1.04 -33.09 15.23
C TRP F 85 -2.31 -33.50 15.94
N GLY F 86 -3.46 -33.27 15.31
CA GLY F 86 -4.74 -33.65 15.88
C GLY F 86 -5.10 -32.88 17.14
N CYS F 87 -4.47 -31.74 17.36
CA CYS F 87 -4.57 -31.05 18.64
C CYS F 87 -5.24 -29.68 18.47
N SER F 88 -5.96 -29.50 17.38
CA SER F 88 -6.63 -28.24 17.09
C SER F 88 -7.77 -28.03 18.07
N GLY F 89 -7.77 -26.90 18.76
CA GLY F 89 -8.78 -26.63 19.76
C GLY F 89 -8.29 -26.97 21.16
N LYS F 90 -7.59 -28.08 21.28
CA LYS F 90 -7.01 -28.47 22.55
C LYS F 90 -5.78 -27.62 22.83
N LEU F 91 -5.83 -26.83 23.90
CA LEU F 91 -4.65 -26.08 24.29
C LEU F 91 -3.56 -27.00 24.84
N ILE F 92 -3.97 -28.08 25.50
CA ILE F 92 -3.05 -29.07 26.03
C ILE F 92 -3.51 -30.42 25.52
N CYS F 93 -2.61 -31.14 24.87
CA CYS F 93 -2.92 -32.52 24.52
C CYS F 93 -1.63 -33.33 24.49
N CYS F 94 -1.75 -34.59 24.86
CA CYS F 94 -0.65 -35.55 24.79
C CYS F 94 -0.67 -36.26 23.45
N THR F 95 0.33 -37.08 23.20
CA THR F 95 0.49 -37.73 21.92
C THR F 95 0.49 -39.25 22.10
N ASN F 96 0.76 -39.95 21.00
CA ASN F 96 1.10 -41.36 21.05
C ASN F 96 2.60 -41.59 20.97
N VAL F 97 3.34 -40.64 20.41
CA VAL F 97 4.80 -40.66 20.51
C VAL F 97 5.18 -40.51 21.97
N PRO F 98 5.97 -41.40 22.52
CA PRO F 98 6.37 -41.29 23.93
C PRO F 98 7.50 -40.29 24.08
N TRP F 99 7.93 -40.09 25.32
CA TRP F 99 9.20 -39.41 25.52
C TRP F 99 10.27 -40.36 25.03
N ASN F 100 10.76 -40.08 23.83
CA ASN F 100 11.55 -41.01 23.04
C ASN F 100 12.98 -41.11 23.52
N SER F 101 13.83 -41.68 22.69
CA SER F 101 15.25 -41.70 22.93
C SER F 101 15.90 -40.33 22.89
N SER F 102 15.20 -39.19 22.74
CA SER F 102 15.79 -37.88 22.95
C SER F 102 16.53 -37.84 24.27
N TRP F 103 17.84 -37.67 24.17
CA TRP F 103 18.77 -37.98 25.24
C TRP F 103 18.85 -36.88 26.30
N SER F 104 17.88 -35.96 26.31
CA SER F 104 17.64 -35.06 27.43
C SER F 104 16.74 -35.71 28.47
N ASN F 105 17.12 -36.92 28.89
CA ASN F 105 16.32 -37.72 29.79
C ASN F 105 16.70 -37.42 31.23
N ARG F 106 15.69 -37.06 32.02
CA ARG F 106 15.98 -36.73 33.42
C ARG F 106 14.78 -36.91 34.35
N ASN F 107 14.98 -36.47 35.58
CA ASN F 107 14.05 -36.55 36.69
C ASN F 107 12.84 -35.67 36.42
N LEU F 108 11.64 -36.22 36.62
CA LEU F 108 10.41 -35.49 36.39
C LEU F 108 10.21 -34.36 37.38
N SER F 109 10.41 -34.62 38.67
CA SER F 109 10.25 -33.58 39.67
C SER F 109 11.46 -32.67 39.75
N GLU F 110 12.46 -32.86 38.89
CA GLU F 110 13.39 -31.80 38.51
C GLU F 110 12.76 -30.84 37.52
N ILE F 111 11.82 -31.32 36.70
CA ILE F 111 11.27 -30.56 35.59
C ILE F 111 10.06 -29.77 36.07
N TRP F 112 9.04 -30.46 36.55
CA TRP F 112 7.80 -29.81 36.93
C TRP F 112 7.82 -29.26 38.34
N ASP F 113 8.99 -29.12 38.96
CA ASP F 113 9.11 -28.39 40.22
C ASP F 113 10.01 -27.17 40.04
N ASN F 114 11.24 -27.36 39.57
CA ASN F 114 12.26 -26.30 39.60
C ASN F 114 12.95 -26.25 38.25
N MET F 115 12.35 -25.54 37.29
CA MET F 115 12.91 -25.19 36.00
C MET F 115 11.99 -24.21 35.29
N THR F 116 12.52 -23.08 34.83
CA THR F 116 11.66 -22.16 34.09
C THR F 116 11.43 -22.65 32.68
N TRP F 117 10.37 -22.14 32.06
CA TRP F 117 10.06 -22.47 30.68
C TRP F 117 11.16 -22.01 29.73
N LEU F 118 11.75 -20.86 30.03
CA LEU F 118 12.90 -20.39 29.25
C LEU F 118 14.09 -21.32 29.41
N GLN F 119 14.35 -21.75 30.65
CA GLN F 119 15.38 -22.76 30.88
C GLN F 119 15.00 -24.08 30.25
N TRP F 120 13.71 -24.42 30.28
CA TRP F 120 13.23 -25.61 29.60
C TRP F 120 13.43 -25.52 28.11
N GLU F 121 13.28 -24.32 27.55
CA GLU F 121 13.60 -24.10 26.14
C GLU F 121 15.09 -24.26 25.89
N LYS F 122 15.91 -23.82 26.86
CA LYS F 122 17.35 -23.97 26.73
C LYS F 122 17.78 -25.43 26.79
N GLU F 123 16.97 -26.27 27.42
CA GLU F 123 17.28 -27.70 27.44
C GLU F 123 17.06 -28.33 26.08
N ILE F 124 15.91 -28.11 25.48
CA ILE F 124 15.51 -28.87 24.30
C ILE F 124 15.45 -27.96 23.09
N SER F 125 16.32 -26.94 23.08
CA SER F 125 16.46 -26.10 21.89
C SER F 125 16.90 -26.93 20.70
N ASN F 126 17.80 -27.87 20.94
CA ASN F 126 18.13 -28.87 19.94
C ASN F 126 17.04 -29.94 19.93
N TYR F 127 16.95 -30.64 18.81
CA TYR F 127 16.00 -31.71 18.52
C TYR F 127 14.54 -31.26 18.57
N THR F 128 14.30 -29.95 18.59
CA THR F 128 12.93 -29.43 18.63
C THR F 128 12.22 -29.69 17.32
N GLN F 129 12.92 -29.43 16.22
CA GLN F 129 12.43 -29.83 14.91
C GLN F 129 12.40 -31.34 14.77
N LEU F 130 13.25 -32.05 15.50
CA LEU F 130 13.22 -33.51 15.46
C LEU F 130 11.99 -34.03 16.17
N ILE F 131 11.57 -33.35 17.24
CA ILE F 131 10.31 -33.67 17.88
C ILE F 131 9.15 -33.36 16.95
N TYR F 132 9.25 -32.23 16.23
CA TYR F 132 8.14 -31.76 15.42
C TYR F 132 7.88 -32.65 14.23
N GLY F 133 8.93 -33.22 13.64
CA GLY F 133 8.72 -34.22 12.61
C GLY F 133 8.22 -35.53 13.20
N LEU F 134 8.59 -35.79 14.46
CA LEU F 134 8.25 -37.06 15.09
C LEU F 134 6.76 -37.14 15.40
N LEU F 135 6.11 -36.00 15.59
CA LEU F 135 4.73 -35.98 16.03
C LEU F 135 3.78 -36.41 14.93
N GLU F 136 3.99 -35.89 13.72
CA GLU F 136 3.08 -36.18 12.63
C GLU F 136 3.22 -37.61 12.11
N GLU F 137 4.30 -38.30 12.47
CA GLU F 137 4.47 -39.68 12.07
C GLU F 137 3.43 -40.57 12.73
N SER F 138 3.37 -40.53 14.07
CA SER F 138 2.37 -41.33 14.75
C SER F 138 0.97 -40.76 14.59
N GLN F 139 0.85 -39.49 14.24
CA GLN F 139 -0.48 -38.88 14.19
C GLN F 139 -1.20 -39.25 12.91
N ASN F 140 -0.49 -39.35 11.80
CA ASN F 140 -1.13 -39.66 10.53
C ASN F 140 -0.69 -41.02 10.00
N GLN F 141 0.63 -41.24 9.93
CA GLN F 141 1.18 -42.29 9.09
C GLN F 141 0.92 -43.68 9.66
N GLN F 142 0.51 -43.77 10.92
CA GLN F 142 -0.05 -44.98 11.49
C GLN F 142 -1.50 -44.83 11.89
N GLU F 143 -1.86 -43.69 12.48
CA GLU F 143 -3.13 -43.56 13.17
C GLU F 143 -4.30 -43.38 12.22
N LYS F 144 -4.15 -42.56 11.18
CA LYS F 144 -5.26 -42.30 10.28
C LYS F 144 -5.57 -43.51 9.42
N ASN F 145 -4.56 -44.30 9.06
CA ASN F 145 -4.82 -45.54 8.36
C ASN F 145 -5.31 -46.62 9.30
N GLU F 146 -5.02 -46.49 10.60
CA GLU F 146 -5.66 -47.35 11.59
C GLU F 146 -7.14 -47.00 11.72
N GLN F 147 -7.49 -45.74 11.51
CA GLN F 147 -8.90 -45.36 11.49
C GLN F 147 -9.58 -45.87 10.23
N ASP F 148 -8.85 -45.96 9.12
CA ASP F 148 -9.39 -46.58 7.92
C ASP F 148 -9.53 -48.08 8.08
N LEU F 149 -8.76 -48.67 8.99
CA LEU F 149 -8.94 -50.08 9.36
C LEU F 149 -10.15 -50.29 10.26
N LEU F 150 -10.82 -49.22 10.70
CA LEU F 150 -12.04 -49.31 11.47
C LEU F 150 -13.28 -49.10 10.60
N ALA F 151 -13.21 -49.57 9.35
CA ALA F 151 -14.29 -49.42 8.39
C ALA F 151 -14.84 -50.79 7.98
N LEU F 152 -14.96 -51.71 8.94
CA LEU F 152 -15.33 -53.08 8.66
C LEU F 152 -16.81 -53.35 8.95
N ASP F 153 -17.22 -53.18 10.21
CA ASP F 153 -18.58 -53.38 10.70
C ASP F 153 -19.09 -54.80 10.40
N LYS F 154 -18.44 -55.78 11.00
CA LYS F 154 -18.92 -57.16 10.92
C LYS F 154 -20.01 -57.39 11.97
N TRP F 155 -20.64 -58.56 11.88
CA TRP F 155 -21.73 -58.93 12.78
C TRP F 155 -21.53 -60.27 13.49
N ALA F 156 -20.62 -61.11 13.02
CA ALA F 156 -20.41 -62.43 13.61
C ALA F 156 -18.96 -62.75 13.92
N SER F 157 -17.99 -62.11 13.30
CA SER F 157 -16.57 -62.40 13.48
C SER F 157 -15.77 -61.12 13.61
N LEU F 158 -16.21 -60.22 14.51
CA LEU F 158 -15.56 -58.93 14.69
C LEU F 158 -14.14 -59.07 15.25
N TRP F 159 -14.03 -59.58 16.47
CA TRP F 159 -12.73 -59.69 17.14
C TRP F 159 -12.24 -61.13 17.06
N ASN F 160 -11.75 -61.50 15.89
CA ASN F 160 -11.19 -62.83 15.69
C ASN F 160 -9.80 -62.92 16.32
C1 NAG G . -28.58 13.52 -19.74
C2 NAG G . -27.14 13.60 -19.23
C3 NAG G . -26.18 13.07 -20.30
C4 NAG G . -26.60 11.70 -20.79
C5 NAG G . -28.06 11.70 -21.21
C6 NAG G . -28.58 10.32 -21.56
C7 NAG G . -26.54 15.33 -17.63
C8 NAG G . -26.19 16.77 -17.43
N2 NAG G . -26.80 14.96 -18.88
O3 NAG G . -24.91 12.96 -19.66
O4 NAG G . -25.76 11.26 -21.86
O5 NAG G . -28.87 12.17 -20.13
O6 NAG G . -27.53 9.51 -22.10
O7 NAG G . -26.59 14.54 -16.70
C1 NAG G . -25.66 12.08 -23.03
C2 NAG G . -24.19 12.10 -23.46
C3 NAG G . -24.00 12.77 -24.83
C4 NAG G . -24.98 12.23 -25.87
C5 NAG G . -26.40 12.29 -25.31
C6 NAG G . -27.43 11.69 -26.22
C7 NAG G . -23.30 13.99 -22.07
C8 NAG G . -22.25 14.33 -21.05
N2 NAG G . -23.31 12.70 -22.47
O3 NAG G . -22.66 12.53 -25.25
O4 NAG G . -24.89 13.07 -27.01
O5 NAG G . -26.46 11.57 -24.08
O6 NAG G . -28.60 12.48 -26.27
O7 NAG G . -24.12 14.82 -22.45
C1 BMA G . -24.30 12.45 -28.20
C2 BMA G . -22.87 13.09 -28.49
C3 BMA G . -22.17 12.38 -29.65
C4 BMA G . -22.27 10.84 -29.54
C5 BMA G . -23.74 10.44 -29.34
C6 BMA G . -23.96 8.94 -29.32
O2 BMA G . -22.00 12.94 -27.41
O3 BMA G . -20.80 12.74 -29.72
O4 BMA G . -21.78 10.25 -30.73
O5 BMA G . -24.17 11.02 -28.09
O6 BMA G . -23.97 8.49 -30.67
C1 NAG H . -41.41 11.56 8.35
C2 NAG H . -42.29 12.50 9.15
C3 NAG H . -41.90 12.47 10.62
C4 NAG H . -41.67 11.05 11.16
C5 NAG H . -41.03 10.11 10.13
C6 NAG H . -41.21 8.65 10.49
C7 NAG H . -41.20 14.68 8.50
C8 NAG H . -41.49 16.03 7.91
N2 NAG H . -42.27 13.87 8.61
O3 NAG H . -42.93 13.10 11.39
O4 NAG H . -40.71 11.14 12.20
O5 NAG H . -41.59 10.27 8.82
O6 NAG H . -40.84 8.41 11.85
O7 NAG H . -40.07 14.37 8.87
C1 NAG H . -41.20 11.30 13.56
C2 NAG H . -40.73 12.66 14.07
C3 NAG H . -41.18 12.87 15.51
C4 NAG H . -42.69 12.69 15.62
C5 NAG H . -43.11 11.35 15.03
C6 NAG H . -44.62 11.16 14.99
C7 NAG H . -38.70 13.46 12.94
C8 NAG H . -37.20 13.50 12.97
N2 NAG H . -39.29 12.81 13.96
O3 NAG H . -40.81 14.18 15.94
O4 NAG H . -43.09 12.76 16.98
O5 NAG H . -42.64 11.22 13.68
O6 NAG H . -45.22 12.03 14.04
O7 NAG H . -39.34 13.97 12.04
C1 NAG I . -54.87 21.92 3.90
C2 NAG I . -55.45 22.05 5.30
C3 NAG I . -55.49 20.69 5.98
C4 NAG I . -56.22 19.67 5.12
C5 NAG I . -55.64 19.65 3.69
C6 NAG I . -56.46 18.81 2.73
C7 NAG I . -55.21 23.86 6.95
C8 NAG I . -54.25 24.75 7.68
N2 NAG I . -54.66 22.99 6.10
O3 NAG I . -56.13 20.81 7.24
O4 NAG I . -56.08 18.40 5.75
O5 NAG I . -55.64 20.99 3.15
O6 NAG I . -56.18 17.43 2.87
O7 NAG I . -56.43 23.90 7.14
C1 NAG I . -57.23 17.55 6.04
C2 NAG I . -58.66 18.10 5.80
C3 NAG I . -59.70 16.98 5.87
C4 NAG I . -59.31 15.79 5.00
C5 NAG I . -57.93 15.32 5.38
C6 NAG I . -57.42 14.17 4.54
C7 NAG I . -59.53 20.34 6.44
C8 NAG I . -59.81 20.60 4.97
N2 NAG I . -58.99 19.15 6.75
O3 NAG I . -60.98 17.48 5.49
O4 NAG I . -60.25 14.74 5.18
O5 NAG I . -57.00 16.40 5.21
O6 NAG I . -56.16 13.71 5.00
O7 NAG I . -59.79 21.19 7.29
C1 BMA I . -61.01 14.49 3.98
C2 BMA I . -61.30 12.96 3.90
C3 BMA I . -62.20 12.66 2.70
C4 BMA I . -63.46 13.57 2.67
C5 BMA I . -63.02 15.05 2.72
C6 BMA I . -64.19 16.01 2.74
O2 BMA I . -62.01 12.54 5.06
O3 BMA I . -62.59 11.30 2.68
O4 BMA I . -64.20 13.34 1.49
O5 BMA I . -62.23 15.25 3.93
O6 BMA I . -63.76 17.25 2.20
C1 NAG J . 28.46 -10.27 -21.71
C2 NAG J . 27.51 -9.23 -21.18
C3 NAG J . 28.16 -8.45 -20.04
C4 NAG J . 28.75 -9.37 -18.99
C5 NAG J . 29.64 -10.43 -19.63
C6 NAG J . 30.11 -11.48 -18.65
C7 NAG J . 25.82 -8.26 -22.65
C8 NAG J . 25.54 -7.27 -23.74
N2 NAG J . 27.08 -8.32 -22.22
O3 NAG J . 27.14 -7.65 -19.44
O4 NAG J . 29.47 -8.64 -18.00
O5 NAG J . 28.90 -11.12 -20.65
O6 NAG J . 30.25 -10.93 -17.35
O7 NAG J . 24.94 -8.98 -22.18
C1 NAG J . 30.55 -7.80 -18.41
C2 NAG J . 30.46 -6.50 -17.60
C3 NAG J . 31.70 -5.62 -17.82
C4 NAG J . 32.99 -6.39 -17.65
C5 NAG J . 32.94 -7.65 -18.51
C6 NAG J . 34.15 -8.55 -18.34
C7 NAG J . 28.88 -5.17 -19.04
C8 NAG J . 27.58 -4.42 -19.01
N2 NAG J . 29.24 -5.74 -17.88
O3 NAG J . 31.64 -4.55 -16.87
O4 NAG J . 34.07 -5.58 -18.08
O5 NAG J . 31.79 -8.43 -18.17
O6 NAG J . 34.58 -9.06 -19.59
O7 NAG J . 29.54 -5.27 -20.08
C1 BMA J . 34.96 -5.10 -17.04
C2 BMA J . 34.77 -3.53 -16.82
C3 BMA J . 35.62 -3.04 -15.64
C4 BMA J . 35.52 -3.96 -14.42
C5 BMA J . 35.82 -5.41 -14.84
C6 BMA J . 35.85 -6.38 -13.70
O2 BMA J . 33.45 -3.21 -16.47
O3 BMA J . 35.24 -1.72 -15.26
O4 BMA J . 36.46 -3.56 -13.44
O5 BMA J . 34.80 -5.79 -15.79
O6 BMA J . 37.11 -6.26 -13.05
C1 NAG K . 6.29 -29.32 -31.88
C2 NAG K . 5.84 -29.74 -33.26
C3 NAG K . 4.32 -29.85 -33.34
C4 NAG K . 3.72 -30.57 -32.13
C5 NAG K . 4.46 -30.28 -30.80
C6 NAG K . 4.14 -31.30 -29.73
C7 NAG K . 6.14 -27.53 -34.45
C8 NAG K . 6.82 -26.88 -35.61
N2 NAG K . 6.38 -28.85 -34.30
O3 NAG K . 3.97 -30.54 -34.52
O4 NAG K . 2.41 -30.03 -31.93
O5 NAG K . 5.88 -30.28 -30.97
O6 NAG K . 2.74 -31.50 -29.60
O7 NAG K . 5.40 -26.89 -33.69
C1 NAG K . 1.30 -30.72 -32.57
C2 NAG K . 0.68 -29.75 -33.58
C3 NAG K . -0.51 -30.40 -34.26
C4 NAG K . -0.11 -31.74 -34.88
C5 NAG K . 0.56 -32.63 -33.84
C6 NAG K . 1.10 -33.93 -34.42
C7 NAG K . 1.08 -27.40 -33.03
C8 NAG K . 0.55 -26.19 -32.33
N2 NAG K . 0.31 -28.50 -32.97
O3 NAG K . -1.01 -29.53 -35.27
O4 NAG K . -1.26 -32.40 -35.40
O5 NAG K . 1.68 -31.96 -33.23
O6 NAG K . 2.21 -33.67 -35.27
O7 NAG K . 2.16 -27.40 -33.61
C1 NAG L . 15.19 -33.35 -46.46
C2 NAG L . 14.07 -34.13 -47.13
C3 NAG L . 13.42 -35.08 -46.12
C4 NAG L . 14.45 -35.97 -45.45
C5 NAG L . 15.61 -35.13 -44.88
C6 NAG L . 16.77 -35.95 -44.39
C7 NAG L . 12.47 -33.44 -48.85
C8 NAG L . 11.48 -32.39 -49.28
N2 NAG L . 13.08 -33.23 -47.69
O3 NAG L . 12.45 -35.88 -46.79
O4 NAG L . 13.79 -36.71 -44.43
O5 NAG L . 16.14 -34.27 -45.90
O6 NAG L . 16.52 -36.50 -43.10
O7 NAG L . 12.70 -34.43 -49.54
C1 NAG L . 13.88 -38.15 -44.34
C2 NAG L . 14.61 -38.94 -45.48
C3 NAG L . 14.86 -40.39 -45.06
C4 NAG L . 15.54 -40.47 -43.69
C5 NAG L . 14.70 -39.72 -42.68
C6 NAG L . 15.30 -39.70 -41.28
C7 NAG L . 14.34 -38.62 -47.93
C8 NAG L . 15.82 -38.32 -48.00
N2 NAG L . 13.84 -38.91 -46.71
O3 NAG L . 15.66 -41.04 -46.04
O4 NAG L . 15.66 -41.84 -43.30
O5 NAG L . 14.57 -38.35 -43.09
O6 NAG L . 14.43 -39.06 -40.36
O7 NAG L . 13.64 -38.61 -48.93
C1 BMA L . 17.05 -42.25 -43.23
C2 BMA L . 17.18 -43.28 -42.07
C3 BMA L . 18.61 -43.83 -42.02
C4 BMA L . 19.08 -44.34 -43.41
C5 BMA L . 18.91 -43.22 -44.45
C6 BMA L . 19.31 -43.65 -45.86
O2 BMA L . 16.32 -44.39 -42.28
O3 BMA L . 18.73 -44.86 -41.06
O4 BMA L . 20.43 -44.72 -43.35
O5 BMA L . 17.51 -42.82 -44.47
O6 BMA L . 19.68 -42.49 -46.58
C1 NAG M . 10.64 23.30 27.05
C2 NAG M . 10.47 22.94 25.57
C3 NAG M . 9.20 23.57 25.02
C4 NAG M . 7.99 23.26 25.90
C5 NAG M . 8.28 23.58 27.36
C6 NAG M . 7.18 23.12 28.28
C7 NAG M . 12.45 22.52 24.21
C8 NAG M . 13.59 23.13 23.45
N2 NAG M . 11.63 23.38 24.81
O3 NAG M . 9.00 23.01 23.74
O4 NAG M . 6.83 23.94 25.43
O5 NAG M . 9.47 22.91 27.77
O6 NAG M . 5.91 23.16 27.63
O7 NAG M . 12.31 21.30 24.30
C1 NAG M . 6.87 25.38 25.35
C2 NAG M . 6.18 25.78 24.04
C3 NAG M . 5.96 27.29 23.95
C4 NAG M . 5.35 27.86 25.22
C5 NAG M . 6.16 27.40 26.42
C6 NAG M . 5.57 27.83 27.74
C7 NAG M . 8.08 25.62 22.40
C8 NAG M . 8.51 24.96 21.13
N2 NAG M . 6.85 25.28 22.85
O3 NAG M . 5.12 27.55 22.84
O4 NAG M . 5.42 29.28 25.14
O5 NAG M . 6.21 25.97 26.44
O6 NAG M . 6.58 28.26 28.64
O7 NAG M . 8.84 26.37 23.03
C1 BMA M . 4.14 29.96 24.98
C2 BMA M . 4.03 30.58 23.51
C3 BMA M . 2.65 31.20 23.28
C4 BMA M . 1.51 30.29 23.78
C5 BMA M . 1.78 29.86 25.23
C6 BMA M . 0.67 29.05 25.84
O2 BMA M . 4.15 29.60 22.52
O3 BMA M . 2.44 31.48 21.91
O4 BMA M . 0.27 30.98 23.71
O5 BMA M . 3.01 29.11 25.23
O6 BMA M . -0.36 29.95 26.25
C1 NAG N . 27.36 -1.76 34.15
C2 NAG N . 28.80 -1.94 34.56
C3 NAG N . 29.38 -3.21 33.92
C4 NAG N . 28.44 -4.40 33.97
C5 NAG N . 26.95 -4.04 33.84
C6 NAG N . 26.03 -5.12 34.33
C7 NAG N . 29.86 -0.22 33.07
C8 NAG N . 30.73 1.00 33.09
N2 NAG N . 29.62 -0.77 34.27
O3 NAG N . 30.61 -3.53 34.56
O4 NAG N . 28.71 -5.23 32.84
O5 NAG N . 26.62 -2.84 34.58
O6 NAG N . 26.38 -6.38 33.79
O7 NAG N . 29.41 -0.66 32.01
C1 NAG N . 29.67 -6.29 32.99
C2 NAG N . 30.86 -5.99 32.07
C3 NAG N . 31.89 -7.11 32.16
C4 NAG N . 32.30 -7.32 33.61
C5 NAG N . 31.07 -7.56 34.49
C6 NAG N . 31.41 -7.65 35.97
C7 NAG N . 30.24 -4.57 30.16
C8 NAG N . 29.78 -4.54 28.74
N2 NAG N . 30.42 -5.79 30.70
O3 NAG N . 33.02 -6.76 31.37
O4 NAG N . 33.17 -8.45 33.70
O5 NAG N . 30.14 -6.47 34.35
O6 NAG N . 31.85 -6.40 36.48
O7 NAG N . 30.43 -3.55 30.82
C1 NAG O . 37.97 7.25 44.83
C2 NAG O . 38.97 6.13 45.06
C3 NAG O . 38.23 4.83 45.35
C4 NAG O . 37.23 4.99 46.48
C5 NAG O . 36.31 6.20 46.24
C6 NAG O . 35.44 6.56 47.41
C7 NAG O . 41.16 5.70 44.03
C8 NAG O . 41.90 5.58 42.74
N2 NAG O . 39.85 5.98 43.92
O3 NAG O . 39.16 3.81 45.68
O4 NAG O . 36.48 3.79 46.58
O5 NAG O . 37.11 7.38 45.96
O6 NAG O . 34.31 5.70 47.51
O7 NAG O . 41.69 5.55 45.12
C1 NAG O . 36.33 3.06 47.83
C2 NAG O . 37.14 3.53 49.08
C3 NAG O . 36.63 2.85 50.36
C4 NAG O . 35.12 2.97 50.49
C5 NAG O . 34.46 2.42 49.23
C6 NAG O . 32.95 2.53 49.24
C7 NAG O . 39.55 4.17 49.16
C8 NAG O . 39.11 5.53 49.63
N2 NAG O . 38.57 3.29 48.91
O3 NAG O . 37.27 3.42 51.49
O4 NAG O . 34.68 2.23 51.62
O5 NAG O . 34.92 3.16 48.10
O6 NAG O . 32.38 1.91 48.09
O7 NAG O . 40.72 3.89 48.99
C1 BMA O . 34.14 3.10 52.65
C2 BMA O . 32.99 2.34 53.36
C3 BMA O . 32.44 3.18 54.52
C4 BMA O . 33.58 3.66 55.45
C5 BMA O . 34.64 4.41 54.62
C6 BMA O . 35.81 4.88 55.46
O2 BMA O . 33.45 1.13 53.91
O3 BMA O . 31.48 2.46 55.26
O4 BMA O . 33.06 4.52 56.45
O5 BMA O . 35.14 3.52 53.59
O6 BMA O . 36.40 6.01 54.82
C1 NAG P . 5.71 40.93 -26.55
C2 NAG P . 4.64 41.91 -26.09
C3 NAG P . 4.50 43.04 -27.11
C4 NAG P . 5.86 43.70 -27.35
C5 NAG P . 6.91 42.66 -27.73
C6 NAG P . 8.30 43.25 -27.83
C7 NAG P . 2.27 41.69 -25.30
C8 NAG P . 1.15 40.73 -25.15
N2 NAG P . 3.38 41.21 -25.87
O3 NAG P . 3.60 44.05 -26.66
O4 NAG P . 5.76 44.67 -28.39
O5 NAG P . 6.96 41.63 -26.72
O6 NAG P . 8.25 44.65 -28.04
O7 NAG P . 2.16 42.87 -24.94
C1 NAG Q . -15.61 46.32 -26.22
C2 NAG Q . -15.84 47.75 -26.71
C3 NAG Q . -16.04 48.69 -25.52
C4 NAG Q . -17.13 48.17 -24.60
C5 NAG Q . -16.84 46.73 -24.18
C6 NAG Q . -17.94 46.11 -23.35
C7 NAG Q . -14.72 48.07 -28.87
C8 NAG Q . -13.51 48.60 -29.56
N2 NAG Q . -14.74 48.21 -27.54
O3 NAG Q . -16.38 49.98 -25.99
O4 NAG Q . -17.23 48.98 -23.44
O5 NAG Q . -16.69 45.92 -25.35
O6 NAG Q . -18.54 47.08 -22.50
O7 NAG Q . -15.64 47.54 -29.48
C1 NAG R . -18.29 23.12 -38.17
C2 NAG R . -19.48 23.04 -39.17
C3 NAG R . -19.30 21.92 -40.20
C4 NAG R . -17.92 22.00 -40.86
C5 NAG R . -16.84 22.03 -39.78
C6 NAG R . -15.45 22.18 -40.34
C7 NAG R . -21.53 22.23 -37.76
C8 NAG R . -20.89 20.94 -37.26
N2 NAG R . -20.84 23.06 -38.58
O3 NAG R . -20.30 22.02 -41.20
O4 NAG R . -17.71 20.89 -41.71
O5 NAG R . -17.05 23.14 -38.90
O6 NAG R . -15.41 23.19 -41.33
O7 NAG R . -22.68 22.51 -37.43
C1 NAG S . -35.21 26.58 -28.45
C2 NAG S . -34.64 25.86 -29.67
C3 NAG S . -34.23 26.86 -30.73
C4 NAG S . -35.39 27.78 -31.08
C5 NAG S . -35.95 28.43 -29.82
C6 NAG S . -37.20 29.23 -30.08
C7 NAG S . -33.65 23.72 -28.94
C8 NAG S . -32.39 23.00 -28.59
N2 NAG S . -33.51 25.01 -29.30
O3 NAG S . -33.79 26.17 -31.89
O4 NAG S . -34.96 28.79 -31.98
O5 NAG S . -36.29 27.43 -28.86
O6 NAG S . -37.83 28.82 -31.30
O7 NAG S . -34.75 23.18 -28.88
C1 NAG T . -35.37 10.08 -18.61
C2 NAG T . -34.36 8.90 -18.56
C3 NAG T . -34.73 7.78 -19.56
C4 NAG T . -36.19 7.38 -19.40
C5 NAG T . -37.07 8.62 -19.53
C6 NAG T . -38.54 8.31 -19.33
C7 NAG T . -32.10 9.83 -19.47
C8 NAG T . -32.66 10.30 -20.81
N2 NAG T . -32.93 9.24 -18.57
O3 NAG T . -33.90 6.64 -19.33
O4 NAG T . -36.55 6.44 -20.42
O5 NAG T . -36.71 9.58 -18.52
O6 NAG T . -38.72 7.30 -18.34
O7 NAG T . -30.92 10.00 -19.21
C1 NAG U . -43.36 36.71 -13.36
C2 NAG U . -42.11 36.53 -14.24
C3 NAG U . -41.70 37.87 -14.86
C4 NAG U . -42.87 38.49 -15.60
C5 NAG U . -44.08 38.62 -14.67
C6 NAG U . -45.30 39.15 -15.38
C7 NAG U . -40.76 34.66 -13.44
C8 NAG U . -39.60 34.24 -12.60
N2 NAG U . -41.02 35.96 -13.48
O3 NAG U . -40.62 37.66 -15.75
O4 NAG U . -42.51 39.79 -16.08
O5 NAG U . -44.41 37.34 -14.13
O6 NAG U . -44.99 40.27 -16.20
O7 NAG U . -41.45 33.84 -14.03
C1 NAG V . -31.38 37.13 -14.52
C2 NAG V . -30.87 37.77 -13.21
C3 NAG V . -31.87 38.82 -12.70
C4 NAG V . -32.22 39.82 -13.81
C5 NAG V . -32.70 39.08 -15.04
C6 NAG V . -33.00 39.99 -16.20
C7 NAG V . -29.81 36.92 -11.15
C8 NAG V . -29.72 35.75 -10.21
N2 NAG V . -30.65 36.76 -12.19
O3 NAG V . -31.34 39.52 -11.59
O4 NAG V . -33.24 40.70 -13.35
O5 NAG V . -31.68 38.17 -15.48
O6 NAG V . -33.88 41.05 -15.80
O7 NAG V . -29.17 37.95 -10.98
C1 NAG W . -43.15 -13.07 9.78
C2 NAG W . -42.70 -14.35 9.10
C3 NAG W . -43.91 -15.14 8.60
C4 NAG W . -44.90 -15.36 9.73
C5 NAG W . -45.25 -14.04 10.42
C6 NAG W . -46.13 -14.21 11.63
C7 NAG W . -40.46 -14.13 8.11
C8 NAG W . -39.68 -13.80 6.88
N2 NAG W . -41.79 -14.06 7.99
O3 NAG W . -43.48 -16.39 8.08
O4 NAG W . -46.10 -15.95 9.22
O5 NAG W . -44.05 -13.38 10.84
O6 NAG W . -47.16 -13.24 11.67
O7 NAG W . -39.92 -14.46 9.15
C1 NAG X . -8.71 38.79 -33.71
C2 NAG X . -9.77 38.54 -34.78
C3 NAG X . -9.12 38.09 -36.07
C4 NAG X . -8.11 39.16 -36.50
C5 NAG X . -7.11 39.39 -35.38
C6 NAG X . -6.11 40.47 -35.77
C7 NAG X . -11.85 37.31 -35.02
C8 NAG X . -13.11 37.16 -34.22
N2 NAG X . -10.74 37.58 -34.32
O3 NAG X . -10.11 37.93 -37.09
O4 NAG X . -7.43 38.73 -37.68
O5 NAG X . -7.79 39.77 -34.18
O6 NAG X . -5.50 40.13 -37.01
O7 NAG X . -11.83 37.20 -36.23
C1 NAG Y . -46.11 -12.90 19.34
C2 NAG Y . -46.49 -11.74 20.25
C3 NAG Y . -47.46 -10.81 19.53
C4 NAG Y . -46.89 -10.35 18.20
C5 NAG Y . -46.46 -11.56 17.35
C6 NAG Y . -45.75 -11.18 16.08
C7 NAG Y . -46.37 -12.34 22.62
C8 NAG Y . -47.11 -12.87 23.81
N2 NAG Y . -47.07 -12.22 21.49
O3 NAG Y . -47.74 -9.69 20.36
O4 NAG Y . -47.85 -9.60 17.49
O5 NAG Y . -45.56 -12.39 18.10
O6 NAG Y . -44.70 -12.09 15.79
O7 NAG Y . -45.18 -12.06 22.68
C1 NAG Z . -44.43 -18.60 28.34
C2 NAG Z . -45.56 -19.21 29.15
C3 NAG Z . -46.72 -19.60 28.25
C4 NAG Z . -47.17 -18.40 27.41
C5 NAG Z . -45.99 -17.83 26.64
C6 NAG Z . -46.33 -16.56 25.89
C7 NAG Z . -44.86 -20.32 31.22
C8 NAG Z . -44.38 -21.60 31.85
N2 NAG Z . -45.10 -20.36 29.91
O3 NAG Z . -47.82 -20.07 29.04
O4 NAG Z . -48.18 -18.81 26.49
O5 NAG Z . -44.93 -17.49 27.55
O6 NAG Z . -46.01 -16.65 24.51
O7 NAG Z . -45.01 -19.29 31.88
C1 NAG AA . -27.39 -2.49 29.06
C2 NAG AA . -28.31 -1.78 30.08
C3 NAG AA . -28.65 -0.34 29.64
C4 NAG AA . -27.38 0.42 29.29
C5 NAG AA . -26.52 -0.38 28.30
C6 NAG AA . -25.19 0.28 28.02
C7 NAG AA . -30.59 -3.06 30.00
C8 NAG AA . -30.81 -2.85 28.50
N2 NAG AA . -29.46 -2.54 30.58
O3 NAG AA . -29.34 0.32 30.69
O4 NAG AA . -27.71 1.67 28.71
O5 NAG AA . -26.23 -1.68 28.82
O6 NAG AA . -25.24 1.11 26.86
O7 NAG AA . -31.40 -3.67 30.67
C1 NAG BA . 23.88 33.65 -26.58
C2 NAG BA . 23.82 33.18 -28.03
C3 NAG BA . 24.85 33.95 -28.85
C4 NAG BA . 24.64 35.45 -28.69
C5 NAG BA . 24.61 35.84 -27.22
C6 NAG BA . 24.25 37.29 -27.01
C7 NAG BA . 23.87 30.95 -29.18
C8 NAG BA . 24.09 29.49 -28.94
N2 NAG BA . 24.03 31.74 -28.10
O3 NAG BA . 24.74 33.63 -30.24
O4 NAG BA . 25.66 36.17 -29.36
O5 NAG BA . 23.63 35.06 -26.52
O6 NAG BA . 24.50 38.06 -28.19
O7 NAG BA . 23.59 31.39 -30.29
C1 NAG CA . 30.84 19.35 -41.78
C2 NAG CA . 31.40 20.06 -43.01
C3 NAG CA . 30.37 20.07 -44.14
C4 NAG CA . 29.85 18.66 -44.42
C5 NAG CA . 29.33 18.03 -43.14
C6 NAG CA . 28.92 16.58 -43.32
C7 NAG CA . 33.06 21.72 -42.31
C8 NAG CA . 33.32 23.16 -42.02
N2 NAG CA . 31.82 21.41 -42.69
O3 NAG CA . 30.95 20.61 -45.31
O4 NAG CA . 28.81 18.70 -45.38
O5 NAG CA . 30.37 18.03 -42.14
O6 NAG CA . 28.33 16.38 -44.61
O7 NAG CA . 33.93 20.86 -42.20
C1 NAG DA . 42.54 8.13 -21.16
C2 NAG DA . 43.88 7.41 -21.48
C3 NAG DA . 44.78 7.25 -20.24
C4 NAG DA . 44.92 8.57 -19.50
C5 NAG DA . 43.55 9.15 -19.21
C6 NAG DA . 43.61 10.50 -18.53
C7 NAG DA . 43.23 4.95 -22.08
C8 NAG DA . 42.51 4.65 -20.78
N2 NAG DA . 43.78 6.18 -22.29
O3 NAG DA . 46.06 6.77 -20.64
O4 NAG DA . 45.63 8.38 -18.30
O5 NAG DA . 42.82 9.33 -20.42
O6 NAG DA . 44.56 11.34 -19.18
O7 NAG DA . 43.31 4.09 -22.96
C1 NAG EA . 39.14 -6.24 -34.36
C2 NAG EA . 40.08 -5.83 -33.23
C3 NAG EA . 40.96 -4.67 -33.67
C4 NAG EA . 41.70 -5.02 -34.95
C5 NAG EA . 40.71 -5.47 -36.03
C6 NAG EA . 41.40 -5.98 -37.28
C7 NAG EA . 39.02 -6.38 -31.08
C8 NAG EA . 38.26 -5.85 -29.91
N2 NAG EA . 39.34 -5.49 -32.02
O3 NAG EA . 41.90 -4.38 -32.64
O4 NAG EA . 42.42 -3.89 -35.42
O5 NAG EA . 39.91 -6.55 -35.54
O6 NAG EA . 42.74 -6.36 -37.01
O7 NAG EA . 39.33 -7.56 -31.18
C1 NAG FA . 29.61 -17.85 -22.39
C2 NAG FA . 29.20 -17.70 -20.91
C3 NAG FA . 30.24 -18.32 -19.95
C4 NAG FA . 30.58 -19.74 -20.36
C5 NAG FA . 31.02 -19.76 -21.82
C6 NAG FA . 31.32 -21.14 -22.33
C7 NAG FA . 29.32 -15.13 -20.40
C8 NAG FA . 30.77 -14.97 -20.80
N2 NAG FA . 28.73 -16.37 -20.49
O3 NAG FA . 29.73 -18.32 -18.61
O4 NAG FA . 31.63 -20.25 -19.55
O5 NAG FA . 29.96 -19.23 -22.65
O6 NAG FA . 30.43 -22.09 -21.75
O7 NAG FA . 28.67 -14.18 -20.01
C1 NAG GA . 27.86 -11.51 -49.91
C2 NAG GA . 28.27 -10.37 -48.97
C3 NAG GA . 28.75 -9.17 -49.78
C4 NAG GA . 29.84 -9.56 -50.75
C5 NAG GA . 29.38 -10.71 -51.63
C6 NAG GA . 30.47 -11.22 -52.55
C7 NAG GA . 27.03 -10.52 -46.87
C8 NAG GA . 25.84 -10.04 -46.11
N2 NAG GA . 27.18 -10.00 -48.10
O3 NAG GA . 29.21 -8.16 -48.89
O4 NAG GA . 30.20 -8.46 -51.58
O5 NAG GA . 28.95 -11.81 -50.82
O6 NAG GA . 31.16 -10.17 -53.18
O7 NAG GA . 27.81 -11.34 -46.41
C1 NAG HA . 24.93 -1.39 -44.10
C2 NAG HA . 23.54 -1.00 -44.65
C3 NAG HA . 23.43 -1.39 -46.12
C4 NAG HA . 24.60 -0.83 -46.92
C5 NAG HA . 25.91 -1.28 -46.30
C6 NAG HA . 27.12 -0.70 -47.00
C7 NAG HA . 21.24 -1.18 -43.80
C8 NAG HA . 20.29 -1.98 -42.96
N2 NAG HA . 22.49 -1.65 -43.88
O3 NAG HA . 22.21 -0.89 -46.67
O4 NAG HA . 24.53 -1.29 -48.27
O5 NAG HA . 25.96 -0.82 -44.94
O6 NAG HA . 27.06 -0.96 -48.40
O7 NAG HA . 20.89 -0.16 -44.39
C1 NAG IA . 5.05 -44.21 -12.18
C2 NAG IA . 5.52 -44.35 -10.73
C3 NAG IA . 6.37 -45.60 -10.56
C4 NAG IA . 5.63 -46.82 -11.09
C5 NAG IA . 5.14 -46.60 -12.52
C6 NAG IA . 4.28 -47.71 -13.04
C7 NAG IA . 5.69 -42.17 -9.61
C8 NAG IA . 6.60 -41.02 -9.27
N2 NAG IA . 6.25 -43.16 -10.32
O3 NAG IA . 6.69 -45.78 -9.19
O4 NAG IA . 6.50 -47.95 -11.09
O5 NAG IA . 4.34 -45.40 -12.56
O6 NAG IA . 4.61 -48.04 -14.38
O7 NAG IA . 4.53 -42.20 -9.28
C1 NAG JA . 35.36 23.03 -30.54
C2 NAG JA . 36.73 22.38 -30.61
C3 NAG JA . 37.70 23.06 -29.66
C4 NAG JA . 37.75 24.54 -30.01
C5 NAG JA . 36.35 25.13 -29.95
C6 NAG JA . 36.36 26.60 -30.33
C7 NAG JA . 37.70 20.16 -30.50
C8 NAG JA . 37.41 18.85 -31.19
N2 NAG JA . 36.65 20.96 -30.33
O3 NAG JA . 39.00 22.49 -29.79
O4 NAG JA . 38.60 25.22 -29.08
O5 NAG JA . 35.48 24.42 -30.84
O6 NAG JA . 37.31 27.30 -29.52
O7 NAG JA . 38.81 20.47 -30.12
C1 NAG KA . -2.94 -49.07 -15.77
C2 NAG KA . -3.64 -49.02 -17.12
C3 NAG KA . -2.63 -49.10 -18.26
C4 NAG KA . -1.55 -48.03 -18.09
C5 NAG KA . -0.94 -48.10 -16.70
C6 NAG KA . 0.04 -46.97 -16.43
C7 NAG KA . -5.93 -49.89 -17.00
C8 NAG KA . -6.80 -51.10 -17.16
N2 NAG KA . -4.63 -50.08 -17.24
O3 NAG KA . -3.29 -48.95 -19.50
O4 NAG KA . -0.55 -48.20 -19.07
O5 NAG KA . -1.95 -48.01 -15.69
O6 NAG KA . -0.06 -46.53 -15.07
O7 NAG KA . -6.38 -48.80 -16.68
C1 NAG LA . -12.08 -53.24 -11.85
C2 NAG LA . -12.48 -54.70 -12.06
C3 NAG LA . -11.25 -55.58 -12.13
C4 NAG LA . -10.27 -55.07 -13.19
C5 NAG LA . -9.94 -53.60 -12.95
C6 NAG LA . -9.11 -53.00 -14.05
C7 NAG LA . -14.69 -55.29 -11.17
C8 NAG LA . -15.45 -55.76 -9.98
N2 NAG LA . -13.37 -55.14 -11.00
O3 NAG LA . -11.63 -56.92 -12.42
O4 NAG LA . -9.08 -55.85 -13.17
O5 NAG LA . -11.15 -52.84 -12.89
O6 NAG LA . -7.91 -52.42 -13.55
O7 NAG LA . -15.23 -55.05 -12.24
C1 NAG MA . -18.21 -31.24 -17.25
C2 NAG MA . -18.85 -31.88 -18.50
C3 NAG MA . -18.29 -31.28 -19.80
C4 NAG MA . -18.38 -29.75 -19.76
C5 NAG MA . -17.75 -29.21 -18.46
C6 NAG MA . -17.91 -27.71 -18.31
C7 NAG MA . -18.02 -34.36 -18.53
C8 NAG MA . -16.54 -34.02 -18.52
N2 NAG MA . -18.94 -33.35 -18.52
O3 NAG MA . -19.04 -31.77 -20.91
O4 NAG MA . -17.70 -29.19 -20.87
O5 NAG MA . -18.37 -29.81 -17.31
O6 NAG MA . -16.80 -27.01 -18.82
O7 NAG MA . -18.39 -35.52 -18.54
C1 NAG NA . 17.61 44.41 -11.42
C2 NAG NA . 18.99 44.51 -10.77
C3 NAG NA . 19.43 45.97 -10.76
C4 NAG NA . 19.39 46.55 -12.16
C5 NAG NA . 18.01 46.33 -12.80
C6 NAG NA . 17.96 46.76 -14.25
C7 NAG NA . 20.01 43.67 -8.64
C8 NAG NA . 19.69 43.01 -7.34
N2 NAG NA . 18.95 43.92 -9.44
O3 NAG NA . 20.76 46.09 -10.27
O4 NAG NA . 19.68 47.94 -12.14
O5 NAG NA . 17.66 44.94 -12.76
O6 NAG NA . 18.99 47.70 -14.54
O7 NAG NA . 21.16 44.01 -8.93
C1 NAG OA . 29.27 46.55 7.10
C2 NAG OA . 30.26 47.72 7.02
C3 NAG OA . 31.67 47.21 6.71
C4 NAG OA . 32.08 46.13 7.71
C5 NAG OA . 31.03 45.02 7.74
C6 NAG OA . 31.33 43.98 8.79
C7 NAG OA . 29.06 49.74 6.31
C8 NAG OA . 28.73 50.63 5.15
N2 NAG OA . 29.84 48.69 6.02
O3 NAG OA . 32.58 48.30 6.78
O4 NAG OA . 33.34 45.59 7.34
O5 NAG OA . 29.74 45.57 8.05
O6 NAG OA . 32.72 43.76 8.92
O7 NAG OA . 28.64 49.96 7.44
C1 NAG PA . 5.70 44.22 18.35
C2 NAG PA . 5.54 44.99 19.69
C3 NAG PA . 4.05 45.28 20.03
C4 NAG PA . 3.35 45.90 18.83
C5 NAG PA . 3.54 45.01 17.60
C6 NAG PA . 2.90 45.60 16.36
C7 NAG PA . 6.28 43.32 21.57
C8 NAG PA . 5.28 42.23 21.20
N2 NAG PA . 6.31 44.48 20.85
O3 NAG PA . 3.99 46.14 21.15
O4 NAG PA . 1.95 46.02 19.11
O5 NAG PA . 4.93 44.87 17.32
O6 NAG PA . 3.21 46.98 16.24
O7 NAG PA . 7.05 43.17 22.50
C1 NAG QA . 18.99 37.49 31.41
C2 NAG QA . 17.62 38.15 31.31
C3 NAG QA . 17.76 39.60 30.86
C4 NAG QA . 18.71 40.36 31.77
C5 NAG QA . 20.04 39.62 31.86
C6 NAG QA . 20.98 40.25 32.88
C7 NAG QA . 15.95 36.42 30.82
C8 NAG QA . 15.11 35.76 29.77
N2 NAG QA . 16.75 37.41 30.41
O3 NAG QA . 16.47 40.21 30.86
O4 NAG QA . 18.92 41.67 31.26
O5 NAG QA . 19.83 38.27 32.28
O6 NAG QA . 20.27 41.04 33.81
O7 NAG QA . 15.91 36.06 32.00
C1 NAG RA . 10.74 20.37 34.17
C2 NAG RA . 9.49 19.72 33.53
C3 NAG RA . 8.22 19.94 34.38
C4 NAG RA . 8.47 19.58 35.84
C5 NAG RA . 9.69 20.32 36.35
C6 NAG RA . 10.04 19.97 37.77
C7 NAG RA . 9.02 21.03 31.32
C8 NAG RA . 8.91 22.39 31.98
N2 NAG RA . 9.27 19.93 32.09
O3 NAG RA . 7.14 19.17 33.87
O4 NAG RA . 7.34 19.93 36.63
O5 NAG RA . 10.84 20.00 35.55
O6 NAG RA . 9.79 18.59 38.03
O7 NAG RA . 8.89 20.92 30.12
C1 NAG SA . 37.34 29.98 33.32
C2 NAG SA . 36.34 30.65 32.38
C3 NAG SA . 36.97 31.90 31.75
C4 NAG SA . 37.49 32.84 32.82
C5 NAG SA . 38.47 32.09 33.73
C6 NAG SA . 38.94 32.94 34.89
C7 NAG SA . 34.79 29.00 31.47
C8 NAG SA . 34.48 28.09 30.32
N2 NAG SA . 35.89 29.73 31.36
O3 NAG SA . 35.99 32.57 30.96
O4 NAG SA . 38.17 33.93 32.22
O5 NAG SA . 37.82 30.94 34.30
O6 NAG SA . 39.32 34.24 34.45
O7 NAG SA . 34.07 29.06 32.47
C1 NAG TA . 33.06 31.43 22.17
C2 NAG TA . 34.06 30.67 21.25
C3 NAG TA . 35.47 30.79 21.81
C4 NAG TA . 35.84 32.24 22.07
C5 NAG TA . 34.81 32.88 22.98
C6 NAG TA . 35.06 34.34 23.24
C7 NAG TA . 34.03 28.50 20.10
C8 NAG TA . 33.55 27.09 20.14
N2 NAG TA . 33.68 29.27 21.13
O3 NAG TA . 36.42 30.23 20.90
O4 NAG TA . 37.13 32.31 22.70
O5 NAG TA . 33.51 32.78 22.36
O6 NAG TA . 36.40 34.55 23.70
O7 NAG TA . 34.73 28.92 19.17
C1 NAG UA . 8.96 -16.14 42.27
C2 NAG UA . 7.44 -16.24 42.33
C3 NAG UA . 6.98 -16.28 43.79
C4 NAG UA . 7.69 -17.37 44.56
C5 NAG UA . 9.21 -17.25 44.39
C6 NAG UA . 9.96 -18.39 45.02
C7 NAG UA . 6.37 -15.25 40.36
C8 NAG UA . 5.76 -14.02 39.77
N2 NAG UA . 6.82 -15.14 41.62
O3 NAG UA . 5.57 -16.49 43.82
O4 NAG UA . 7.37 -17.27 45.95
O5 NAG UA . 9.54 -17.24 42.99
O6 NAG UA . 11.11 -17.93 45.71
O7 NAG UA . 6.45 -16.30 39.73
C1 NAG VA . 17.22 49.01 4.10
C2 NAG VA . 16.84 49.76 5.37
C3 NAG VA . 15.62 50.64 5.11
C4 NAG VA . 15.94 51.58 3.96
C5 NAG VA . 16.35 50.77 2.74
C6 NAG VA . 16.69 51.69 1.57
C7 NAG VA . 16.41 49.28 7.70
C8 NAG VA . 17.18 48.58 8.77
N2 NAG VA . 16.60 48.85 6.46
O3 NAG VA . 15.31 51.39 6.28
O4 NAG VA . 14.79 52.37 3.66
O5 NAG VA . 17.47 49.95 3.05
O6 NAG VA . 15.60 52.57 1.34
O7 NAG VA . 15.64 50.21 7.95
C1 NAG WA . 14.87 -24.20 43.19
C2 NAG WA . 16.39 -24.36 43.06
C3 NAG WA . 17.10 -23.28 43.86
C4 NAG WA . 16.61 -21.90 43.45
C5 NAG WA . 15.09 -21.82 43.55
C6 NAG WA . 14.53 -20.52 43.03
C7 NAG WA . 17.03 -26.70 42.64
C8 NAG WA . 17.45 -27.99 43.25
N2 NAG WA . 16.81 -25.69 43.49
O3 NAG WA . 18.51 -23.38 43.64
O4 NAG WA . 17.20 -20.91 44.29
O5 NAG WA . 14.49 -22.87 42.78
O6 NAG WA . 13.29 -20.73 42.34
O7 NAG WA . 16.90 -26.56 41.43
C1 NAG XA . 14.19 -34.81 41.41
C2 NAG XA . 14.49 -35.85 42.48
C3 NAG XA . 14.13 -35.32 43.86
C4 NAG XA . 14.81 -33.99 44.12
C5 NAG XA . 14.49 -32.99 43.00
C6 NAG XA . 15.26 -31.70 43.12
C7 NAG XA . 14.39 -38.18 41.71
C8 NAG XA . 13.51 -39.37 41.50
N2 NAG XA . 13.79 -37.09 42.21
O3 NAG XA . 14.50 -36.27 44.85
O4 NAG XA . 14.37 -33.44 45.36
O5 NAG XA . 14.86 -33.57 41.73
O6 NAG XA . 14.39 -30.57 43.12
O7 NAG XA . 15.58 -38.20 41.45
C1 NAG YA . 21.76 -26.50 20.82
C2 NAG YA . 23.14 -27.00 21.28
C3 NAG YA . 24.18 -25.87 21.30
C4 NAG YA . 24.20 -25.15 19.96
C5 NAG YA . 22.79 -24.71 19.57
C6 NAG YA . 22.72 -24.09 18.19
C7 NAG YA . 22.84 -27.65 23.80
C8 NAG YA . 22.34 -26.29 24.25
N2 NAG YA . 23.17 -27.85 22.49
O3 NAG YA . 25.48 -26.43 21.56
O4 NAG YA . 25.03 -24.00 20.05
O5 NAG YA . 21.89 -25.85 19.55
O6 NAG YA . 22.84 -22.67 18.25
O7 NAG YA . 22.95 -28.57 24.61
#